data_1O5W
#
_entry.id   1O5W
#
_cell.length_a   157.560
_cell.length_b   157.560
_cell.length_c   257.840
_cell.angle_alpha   90.00
_cell.angle_beta   90.00
_cell.angle_gamma   90.00
#
_symmetry.space_group_name_H-M   'P 43 21 2'
#
loop_
_entity.id
_entity.type
_entity.pdbx_description
1 polymer 'Amine oxidase [flavin-containing] A'
2 non-polymer 'FLAVIN-ADENINE DINUCLEOTIDE'
3 non-polymer N-[3-(2,4-DICHLOROPHENOXY)PROPYL]-N-METHYL-N-PROP-2-YNYLAMINE
#
_entity_poly.entity_id   1
_entity_poly.type   'polypeptide(L)'
_entity_poly.pdbx_seq_one_letter_code
;MGHHHHHHMTDLEKPNLAGHMFDVVVIGGGISGLAAAKLLSEYKINVLVLEARDRVGGRTYTVRNEHVKWVDVGGAYVGP
TQNRILRLSKELGIETYKVNVNERLVQYVKGKTYPFRGAFPPVWNPLAYLDYNNLWRTMDEMGKEIPVDAPWQARHAQEW
DKMTMKDLIDKICWTKTAREFAYLFVNINVTSEPHEVSALWFLWYVRQCGGTARIFSVTNGGQERKFVGGSGQVSEQIMG
LLGDKVKLSSPVTYIDQTDDNIIVETLNHEHYECKYVISAIPPILTAKIHFKPELPPERNQLIQRLPMGAVIKCMVYYKE
AFWKKKDYCGCMIIEDEEAPIAITLDDTKPDGSLPAIMGFILARKADRLAKLHKDIRKRKICELYAKVLGSQEALYPVHY
EEKNWCEEQYSGGCYTAYFPPGIMTQYGRVIRQPVGRIYFAGTETATQWSGYMEGAVEAGERAAREVLNALGKVAKKDIW
VEEPESKDVPAIEITHTFLERNLPSVPGLLKITGVSTSVALLCFVLYKIKKLPC
;
_entity_poly.pdbx_strand_id   A,B,C,D
#
# COMPACT_ATOMS: atom_id res chain seq x y z
N ALA A 18 9.86 38.14 16.48
CA ALA A 18 8.68 37.94 15.58
C ALA A 18 9.05 38.18 14.12
N GLY A 19 8.13 37.90 13.21
CA GLY A 19 8.39 38.11 11.80
C GLY A 19 8.53 39.59 11.51
N HIS A 20 9.75 40.03 11.25
CA HIS A 20 10.03 41.44 10.99
C HIS A 20 10.54 41.79 9.59
N MET A 21 11.13 42.99 9.47
CA MET A 21 11.65 43.48 8.19
C MET A 21 13.19 43.41 8.20
N PHE A 22 13.76 42.90 7.11
CA PHE A 22 15.22 42.78 6.98
C PHE A 22 15.68 43.33 5.64
N ASP A 23 17.00 43.50 5.50
CA ASP A 23 17.56 44.01 4.26
C ASP A 23 17.52 42.89 3.21
N VAL A 24 18.14 41.78 3.53
CA VAL A 24 18.20 40.63 2.63
C VAL A 24 17.65 39.40 3.32
N VAL A 25 16.82 38.65 2.59
CA VAL A 25 16.27 37.40 3.11
C VAL A 25 16.84 36.27 2.25
N VAL A 26 17.45 35.30 2.92
CA VAL A 26 18.06 34.18 2.23
C VAL A 26 17.28 32.90 2.45
N ILE A 27 16.79 32.34 1.35
CA ILE A 27 16.04 31.10 1.40
C ILE A 27 17.04 29.97 1.27
N GLY A 28 17.24 29.23 2.34
CA GLY A 28 18.16 28.13 2.26
C GLY A 28 19.19 28.08 3.37
N GLY A 29 19.04 27.12 4.28
CA GLY A 29 19.98 26.95 5.36
C GLY A 29 21.06 25.95 4.99
N GLY A 30 21.50 25.97 3.74
CA GLY A 30 22.52 25.05 3.31
C GLY A 30 23.86 25.75 3.42
N ILE A 31 24.93 25.10 2.98
CA ILE A 31 26.21 25.76 3.04
C ILE A 31 26.14 27.04 2.22
N SER A 32 25.80 26.91 0.95
CA SER A 32 25.69 28.08 0.08
C SER A 32 24.78 29.14 0.71
N GLY A 33 23.74 28.69 1.40
CA GLY A 33 22.85 29.64 2.04
C GLY A 33 23.59 30.43 3.10
N LEU A 34 24.06 29.73 4.14
CA LEU A 34 24.78 30.36 5.22
C LEU A 34 25.96 31.19 4.72
N ALA A 35 26.80 30.61 3.88
CA ALA A 35 27.95 31.32 3.33
C ALA A 35 27.54 32.74 2.96
N ALA A 36 26.45 32.85 2.23
CA ALA A 36 25.94 34.15 1.81
C ALA A 36 25.56 34.91 3.05
N ALA A 37 24.70 34.29 3.85
CA ALA A 37 24.25 34.90 5.10
C ALA A 37 25.43 35.45 5.87
N LYS A 38 26.47 34.63 6.02
CA LYS A 38 27.66 35.05 6.75
C LYS A 38 28.21 36.32 6.14
N LEU A 39 28.76 36.19 4.94
CA LEU A 39 29.33 37.33 4.23
C LEU A 39 28.47 38.57 4.35
N LEU A 40 27.15 38.42 4.25
CA LEU A 40 26.27 39.57 4.36
C LEU A 40 26.28 40.23 5.73
N SER A 41 26.34 39.42 6.78
CA SER A 41 26.35 39.95 8.14
C SER A 41 27.67 40.67 8.39
N GLU A 42 28.76 40.12 7.88
CA GLU A 42 30.08 40.71 8.05
C GLU A 42 30.13 42.10 7.42
N TYR A 43 29.19 42.38 6.53
CA TYR A 43 29.11 43.70 5.89
C TYR A 43 28.04 44.52 6.63
N LYS A 44 27.77 44.09 7.87
CA LYS A 44 26.79 44.74 8.74
C LYS A 44 25.40 44.86 8.12
N ILE A 45 25.03 43.88 7.29
CA ILE A 45 23.72 43.88 6.66
C ILE A 45 22.73 43.00 7.42
N ASN A 46 21.55 43.56 7.66
CA ASN A 46 20.50 42.86 8.38
C ASN A 46 19.89 41.80 7.48
N VAL A 47 20.43 40.60 7.56
CA VAL A 47 19.96 39.50 6.74
C VAL A 47 19.27 38.41 7.56
N LEU A 48 18.23 37.82 6.97
CA LEU A 48 17.49 36.76 7.62
C LEU A 48 17.67 35.50 6.79
N VAL A 49 17.67 34.34 7.46
CA VAL A 49 17.83 33.09 6.76
C VAL A 49 16.76 32.09 7.15
N LEU A 50 15.89 31.78 6.19
CA LEU A 50 14.82 30.82 6.43
C LEU A 50 15.22 29.43 5.93
N GLU A 51 15.08 28.44 6.81
CA GLU A 51 15.40 27.05 6.51
C GLU A 51 14.15 26.20 6.72
N ALA A 52 13.88 25.28 5.79
CA ALA A 52 12.70 24.45 5.90
C ALA A 52 12.80 23.26 6.83
N ARG A 53 14.00 22.69 6.93
CA ARG A 53 14.21 21.52 7.79
C ARG A 53 14.31 21.96 9.26
N ASP A 54 14.22 21.01 10.18
CA ASP A 54 14.34 21.31 11.59
C ASP A 54 15.81 21.41 11.92
N ARG A 55 16.65 21.32 10.90
CA ARG A 55 18.10 21.41 11.07
C ARG A 55 18.70 22.31 10.01
N VAL A 56 20.03 22.26 9.89
CA VAL A 56 20.74 23.08 8.93
C VAL A 56 21.85 22.22 8.32
N GLY A 57 22.31 22.64 7.14
CA GLY A 57 23.33 21.88 6.44
C GLY A 57 22.77 21.24 5.18
N GLY A 58 21.44 21.05 5.17
CA GLY A 58 20.79 20.45 4.02
C GLY A 58 21.47 19.19 3.51
N ARG A 59 21.78 19.17 2.22
CA ARG A 59 22.44 18.02 1.59
C ARG A 59 23.69 17.55 2.32
N THR A 60 24.19 18.36 3.24
CA THR A 60 25.33 17.98 4.04
C THR A 60 24.63 17.68 5.36
N TYR A 61 24.88 16.53 5.97
CA TYR A 61 24.19 16.18 7.21
C TYR A 61 24.98 15.17 8.05
N THR A 62 25.40 15.60 9.23
CA THR A 62 26.17 14.71 10.08
C THR A 62 25.33 14.07 11.17
N VAL A 63 25.14 12.77 11.05
CA VAL A 63 24.35 11.98 12.00
C VAL A 63 25.19 11.63 13.20
N ARG A 64 24.63 11.83 14.38
CA ARG A 64 25.34 11.54 15.61
C ARG A 64 24.54 10.63 16.54
N ASN A 65 25.20 9.56 16.96
CA ASN A 65 24.66 8.57 17.89
C ASN A 65 25.88 7.88 18.51
N GLU A 66 25.67 7.14 19.58
CA GLU A 66 26.79 6.47 20.23
C GLU A 66 27.40 5.39 19.38
N HIS A 67 26.60 4.78 18.53
CA HIS A 67 27.06 3.69 17.65
C HIS A 67 28.10 4.12 16.62
N VAL A 68 28.14 5.41 16.29
CA VAL A 68 29.10 5.90 15.29
C VAL A 68 29.74 7.24 15.66
N LYS A 69 29.34 7.82 16.77
CA LYS A 69 29.86 9.12 17.21
C LYS A 69 29.41 10.18 16.23
N TRP A 70 30.06 10.22 15.06
CA TRP A 70 29.71 11.18 14.02
C TRP A 70 29.95 10.56 12.64
N VAL A 71 29.02 10.81 11.71
CA VAL A 71 29.12 10.32 10.33
C VAL A 71 28.46 11.25 9.34
N ASP A 72 29.16 11.55 8.25
CA ASP A 72 28.61 12.40 7.22
C ASP A 72 27.77 11.46 6.38
N VAL A 73 26.46 11.61 6.51
CA VAL A 73 25.53 10.78 5.78
C VAL A 73 25.17 11.48 4.46
N GLY A 74 25.73 12.68 4.25
CA GLY A 74 25.49 13.45 3.05
C GLY A 74 26.82 13.87 2.45
N GLY A 75 27.00 15.15 2.16
CA GLY A 75 28.24 15.63 1.58
C GLY A 75 29.34 15.31 2.56
N ALA A 76 30.54 14.98 2.09
CA ALA A 76 31.63 14.63 3.02
C ALA A 76 33.07 14.90 2.59
N TYR A 77 33.41 14.56 1.35
CA TYR A 77 34.78 14.74 0.84
C TYR A 77 35.15 16.09 0.24
N VAL A 78 36.39 16.49 0.47
CA VAL A 78 36.92 17.74 -0.03
C VAL A 78 38.28 17.39 -0.60
N GLY A 79 38.83 18.27 -1.43
CA GLY A 79 40.13 17.98 -1.99
C GLY A 79 40.96 19.16 -2.50
N PRO A 80 42.12 18.84 -3.08
CA PRO A 80 43.10 19.74 -3.66
C PRO A 80 42.64 21.09 -4.20
N THR A 81 41.74 21.13 -5.16
CA THR A 81 41.40 22.46 -5.66
C THR A 81 40.17 23.13 -5.03
N GLN A 82 39.57 22.47 -4.05
CA GLN A 82 38.37 23.00 -3.40
C GLN A 82 38.68 24.11 -2.38
N ASN A 83 39.58 25.00 -2.75
CA ASN A 83 40.03 26.08 -1.87
C ASN A 83 38.95 26.80 -1.08
N ARG A 84 37.87 27.20 -1.74
CA ARG A 84 36.78 27.94 -1.09
C ARG A 84 36.24 27.25 0.17
N ILE A 85 35.90 25.97 0.05
CA ILE A 85 35.37 25.26 1.20
C ILE A 85 36.44 25.08 2.27
N LEU A 86 37.64 24.68 1.87
CA LEU A 86 38.73 24.50 2.81
C LEU A 86 38.95 25.73 3.67
N ARG A 87 39.06 26.88 3.02
CA ARG A 87 39.25 28.15 3.70
C ARG A 87 38.17 28.41 4.76
N LEU A 88 36.92 28.35 4.33
CA LEU A 88 35.78 28.57 5.21
C LEU A 88 35.77 27.52 6.33
N SER A 89 36.12 26.30 5.96
CA SER A 89 36.17 25.19 6.90
C SER A 89 37.15 25.52 8.03
N LYS A 90 38.37 25.91 7.63
CA LYS A 90 39.42 26.26 8.58
C LYS A 90 38.97 27.41 9.46
N GLU A 91 38.59 28.52 8.84
CA GLU A 91 38.13 29.68 9.59
C GLU A 91 37.13 29.30 10.67
N LEU A 92 36.31 28.29 10.41
CA LEU A 92 35.31 27.85 11.38
C LEU A 92 35.92 26.87 12.38
N GLY A 93 37.24 26.68 12.28
CA GLY A 93 37.92 25.79 13.20
C GLY A 93 37.55 24.34 13.00
N ILE A 94 37.53 23.90 11.75
CA ILE A 94 37.20 22.53 11.42
C ILE A 94 38.38 21.89 10.69
N GLU A 95 38.81 20.72 11.16
CA GLU A 95 39.94 20.02 10.56
C GLU A 95 39.59 19.01 9.49
N THR A 96 40.58 18.71 8.65
CA THR A 96 40.46 17.74 7.57
C THR A 96 41.38 16.57 7.88
N TYR A 97 41.02 15.38 7.41
CA TYR A 97 41.85 14.21 7.65
C TYR A 97 41.88 13.35 6.37
N LYS A 98 43.08 12.96 5.96
CA LYS A 98 43.22 12.17 4.74
C LYS A 98 42.46 10.85 4.75
N VAL A 99 41.96 10.47 3.58
CA VAL A 99 41.21 9.24 3.43
C VAL A 99 42.18 8.10 3.25
N ASN A 100 41.95 7.00 3.94
CA ASN A 100 42.85 5.86 3.89
C ASN A 100 42.96 5.21 2.52
N VAL A 101 44.19 5.08 2.03
CA VAL A 101 44.46 4.46 0.74
C VAL A 101 45.85 3.78 0.78
N ASN A 102 46.36 3.56 1.98
CA ASN A 102 47.66 2.91 2.13
C ASN A 102 47.66 1.50 1.56
N GLU A 103 46.58 0.76 1.77
CA GLU A 103 46.46 -0.61 1.28
C GLU A 103 46.16 -0.65 -0.22
N ARG A 104 45.72 -1.81 -0.70
CA ARG A 104 45.40 -1.99 -2.12
C ARG A 104 43.96 -1.68 -2.44
N LEU A 105 43.71 -1.23 -3.67
CA LEU A 105 42.36 -0.95 -4.11
C LEU A 105 41.95 -2.23 -4.82
N VAL A 106 40.66 -2.39 -5.09
CA VAL A 106 40.21 -3.58 -5.79
C VAL A 106 39.08 -3.29 -6.73
N GLN A 107 39.14 -3.97 -7.87
CA GLN A 107 38.13 -3.86 -8.91
C GLN A 107 37.44 -5.20 -8.98
N TYR A 108 36.11 -5.19 -8.91
CA TYR A 108 35.35 -6.43 -8.99
C TYR A 108 34.69 -6.51 -10.35
N VAL A 109 35.23 -7.35 -11.23
CA VAL A 109 34.66 -7.49 -12.56
C VAL A 109 34.21 -8.93 -12.82
N LYS A 110 33.13 -9.05 -13.59
CA LYS A 110 32.55 -10.35 -13.93
C LYS A 110 33.05 -11.49 -13.04
N GLY A 111 34.28 -11.93 -13.28
CA GLY A 111 34.85 -12.99 -12.47
C GLY A 111 34.90 -12.57 -11.01
N LYS A 112 36.10 -12.33 -10.50
CA LYS A 112 36.23 -11.92 -9.11
C LYS A 112 36.98 -10.61 -8.88
N THR A 113 37.68 -10.53 -7.76
CA THR A 113 38.39 -9.33 -7.38
C THR A 113 39.82 -9.30 -7.89
N TYR A 114 40.26 -8.11 -8.30
CA TYR A 114 41.60 -7.89 -8.83
C TYR A 114 42.26 -6.70 -8.13
N PRO A 115 43.23 -6.97 -7.26
CA PRO A 115 43.93 -5.90 -6.53
C PRO A 115 44.60 -4.97 -7.51
N PHE A 116 44.86 -3.73 -7.07
CA PHE A 116 45.51 -2.76 -7.92
C PHE A 116 45.86 -1.49 -7.16
N ARG A 117 46.73 -0.67 -7.75
CA ARG A 117 47.16 0.57 -7.12
C ARG A 117 47.13 1.70 -8.15
N GLY A 118 46.75 2.89 -7.71
CA GLY A 118 46.70 4.03 -8.62
C GLY A 118 45.38 4.74 -8.73
N ALA A 119 45.25 5.59 -9.75
CA ALA A 119 44.04 6.36 -9.99
C ALA A 119 42.91 5.42 -10.40
N PHE A 120 42.85 5.12 -11.70
CA PHE A 120 41.85 4.22 -12.22
C PHE A 120 42.36 2.79 -12.16
N PRO A 121 41.45 1.81 -12.25
CA PRO A 121 41.91 0.42 -12.20
C PRO A 121 42.73 0.21 -13.47
N PRO A 122 43.45 -0.92 -13.55
CA PRO A 122 44.22 -1.12 -14.76
C PRO A 122 43.48 -2.05 -15.72
N VAL A 123 43.68 -1.85 -17.02
CA VAL A 123 43.07 -2.71 -18.04
C VAL A 123 44.22 -3.36 -18.79
N TRP A 124 44.24 -4.69 -18.85
CA TRP A 124 45.34 -5.40 -19.51
C TRP A 124 45.17 -5.78 -20.98
N ASN A 125 43.93 -5.84 -21.47
CA ASN A 125 43.69 -6.17 -22.87
C ASN A 125 44.17 -4.96 -23.68
N PRO A 126 45.13 -5.18 -24.60
CA PRO A 126 45.66 -4.10 -25.43
C PRO A 126 44.61 -3.17 -26.04
N LEU A 127 43.71 -3.74 -26.84
CA LEU A 127 42.67 -2.94 -27.47
C LEU A 127 41.88 -2.15 -26.44
N ALA A 128 41.42 -2.85 -25.41
CA ALA A 128 40.67 -2.18 -24.37
C ALA A 128 41.51 -1.01 -23.89
N TYR A 129 42.70 -1.32 -23.40
CA TYR A 129 43.62 -0.31 -22.90
C TYR A 129 43.64 0.95 -23.79
N LEU A 130 43.78 0.75 -25.08
CA LEU A 130 43.80 1.90 -25.97
C LEU A 130 42.48 2.64 -25.90
N ASP A 131 41.38 1.91 -26.07
CA ASP A 131 40.03 2.46 -26.06
C ASP A 131 39.76 3.18 -24.76
N TYR A 132 40.04 2.48 -23.67
CA TYR A 132 39.87 2.97 -22.29
C TYR A 132 40.59 4.30 -22.13
N ASN A 133 41.88 4.32 -22.46
CA ASN A 133 42.69 5.53 -22.37
C ASN A 133 42.10 6.64 -23.24
N ASN A 134 41.86 6.30 -24.52
CA ASN A 134 41.30 7.25 -25.47
C ASN A 134 40.07 7.91 -24.86
N LEU A 135 39.28 7.11 -24.16
CA LEU A 135 38.07 7.60 -23.51
C LEU A 135 38.39 8.84 -22.71
N TRP A 136 38.87 8.62 -21.49
CA TRP A 136 39.22 9.68 -20.57
C TRP A 136 39.87 10.87 -21.27
N ARG A 137 40.92 10.60 -22.04
CA ARG A 137 41.62 11.65 -22.74
C ARG A 137 40.64 12.47 -23.59
N THR A 138 39.80 11.79 -24.36
CA THR A 138 38.84 12.48 -25.22
C THR A 138 37.85 13.33 -24.44
N MET A 139 37.33 12.79 -23.35
CA MET A 139 36.37 13.53 -22.52
C MET A 139 36.97 14.83 -22.03
N ASP A 140 38.27 14.79 -21.73
CA ASP A 140 38.95 15.97 -21.25
C ASP A 140 39.23 16.93 -22.41
N GLU A 141 39.52 16.38 -23.58
CA GLU A 141 39.80 17.21 -24.76
C GLU A 141 38.56 18.02 -25.09
N MET A 142 37.40 17.36 -25.10
CA MET A 142 36.13 18.00 -25.39
C MET A 142 35.83 19.03 -24.31
N GLY A 143 36.20 18.68 -23.08
CA GLY A 143 35.95 19.56 -21.97
C GLY A 143 36.64 20.90 -22.12
N LYS A 144 37.91 20.86 -22.46
CA LYS A 144 38.71 22.07 -22.62
C LYS A 144 38.04 23.10 -23.52
N GLU A 145 37.16 22.61 -24.38
CA GLU A 145 36.44 23.45 -25.33
C GLU A 145 35.18 24.12 -24.74
N ILE A 146 34.86 23.79 -23.50
CA ILE A 146 33.68 24.34 -22.85
C ILE A 146 33.95 25.43 -21.82
N PRO A 147 33.21 26.54 -21.91
CA PRO A 147 33.36 27.68 -20.98
C PRO A 147 32.77 27.34 -19.61
N VAL A 148 33.65 27.11 -18.64
CA VAL A 148 33.24 26.77 -17.28
C VAL A 148 32.05 27.58 -16.74
N ASP A 149 32.03 28.88 -17.04
CA ASP A 149 30.97 29.76 -16.56
C ASP A 149 29.81 29.88 -17.54
N ALA A 150 29.94 29.24 -18.69
CA ALA A 150 28.88 29.30 -19.68
C ALA A 150 28.92 28.12 -20.66
N PRO A 151 28.60 26.93 -20.16
CA PRO A 151 28.60 25.73 -21.00
C PRO A 151 27.99 25.97 -22.37
N TRP A 152 26.79 26.55 -22.38
CA TRP A 152 26.04 26.82 -23.59
C TRP A 152 26.78 27.64 -24.64
N GLN A 153 27.93 28.17 -24.28
CA GLN A 153 28.70 29.00 -25.19
C GLN A 153 29.75 28.22 -26.00
N ALA A 154 29.97 26.96 -25.65
CA ALA A 154 30.97 26.14 -26.35
C ALA A 154 30.76 26.12 -27.85
N ARG A 155 31.84 25.84 -28.57
CA ARG A 155 31.78 25.78 -30.02
C ARG A 155 30.75 24.75 -30.47
N HIS A 156 31.07 23.48 -30.31
CA HIS A 156 30.15 22.42 -30.70
C HIS A 156 29.05 22.25 -29.67
N ALA A 157 28.71 23.34 -29.00
CA ALA A 157 27.69 23.33 -27.97
C ALA A 157 26.34 22.76 -28.38
N GLN A 158 25.79 23.22 -29.49
CA GLN A 158 24.49 22.74 -29.91
C GLN A 158 24.49 21.29 -30.35
N GLU A 159 25.49 20.87 -31.11
CA GLU A 159 25.54 19.48 -31.57
C GLU A 159 25.59 18.51 -30.38
N TRP A 160 26.43 18.84 -29.40
CA TRP A 160 26.62 17.99 -28.22
C TRP A 160 25.41 17.88 -27.28
N ASP A 161 24.77 18.99 -26.97
CA ASP A 161 23.62 18.95 -26.07
C ASP A 161 22.42 18.17 -26.61
N LYS A 162 22.48 17.71 -27.85
CA LYS A 162 21.37 16.94 -28.41
C LYS A 162 21.70 15.47 -28.25
N MET A 163 22.92 15.23 -27.78
CA MET A 163 23.45 13.90 -27.62
C MET A 163 23.52 13.43 -26.16
N THR A 164 22.95 12.26 -25.89
CA THR A 164 22.94 11.65 -24.57
C THR A 164 24.36 11.21 -24.22
N MET A 165 24.74 11.27 -22.94
CA MET A 165 26.08 10.86 -22.56
C MET A 165 26.35 9.44 -23.02
N LYS A 166 25.28 8.67 -23.20
CA LYS A 166 25.42 7.32 -23.70
C LYS A 166 25.84 7.47 -25.15
N ASP A 167 24.94 8.05 -25.94
CA ASP A 167 25.18 8.28 -27.36
C ASP A 167 26.67 8.55 -27.56
N LEU A 168 27.17 9.55 -26.84
CA LEU A 168 28.57 9.94 -26.91
C LEU A 168 29.50 8.80 -26.53
N ILE A 169 29.23 8.17 -25.40
CA ILE A 169 30.09 7.08 -24.96
C ILE A 169 30.15 5.97 -26.00
N ASP A 170 28.99 5.58 -26.54
CA ASP A 170 28.97 4.49 -27.52
C ASP A 170 29.54 4.89 -28.86
N LYS A 171 29.78 6.19 -29.04
CA LYS A 171 30.30 6.70 -30.29
C LYS A 171 31.83 6.80 -30.25
N ILE A 172 32.42 6.62 -29.06
CA ILE A 172 33.86 6.71 -28.90
C ILE A 172 34.49 5.52 -28.20
N CYS A 173 33.67 4.55 -27.79
CA CYS A 173 34.18 3.36 -27.12
C CYS A 173 33.92 2.15 -28.00
N TRP A 174 34.98 1.51 -28.45
CA TRP A 174 34.88 0.33 -29.30
C TRP A 174 34.87 -0.93 -28.46
N THR A 175 35.34 -0.82 -27.23
CA THR A 175 35.41 -1.93 -26.32
C THR A 175 34.22 -1.96 -25.40
N LYS A 176 33.50 -3.09 -25.37
CA LYS A 176 32.36 -3.22 -24.48
C LYS A 176 32.84 -2.90 -23.07
N THR A 177 34.13 -3.15 -22.83
CA THR A 177 34.72 -2.89 -21.53
C THR A 177 34.79 -1.39 -21.25
N ALA A 178 35.67 -0.70 -21.98
CA ALA A 178 35.84 0.74 -21.82
C ALA A 178 34.51 1.47 -21.84
N ARG A 179 33.51 0.88 -22.48
CA ARG A 179 32.19 1.48 -22.58
C ARG A 179 31.41 1.34 -21.26
N GLU A 180 31.21 0.11 -20.82
CA GLU A 180 30.49 -0.12 -19.58
C GLU A 180 31.16 0.70 -18.47
N PHE A 181 32.47 0.78 -18.53
CA PHE A 181 33.24 1.53 -17.54
C PHE A 181 32.81 2.99 -17.61
N ALA A 182 32.74 3.52 -18.83
CA ALA A 182 32.33 4.91 -19.03
C ALA A 182 31.03 5.12 -18.31
N TYR A 183 30.06 4.24 -18.56
CA TYR A 183 28.75 4.32 -17.93
C TYR A 183 28.93 4.51 -16.44
N LEU A 184 29.58 3.54 -15.80
CA LEU A 184 29.82 3.58 -14.37
C LEU A 184 30.34 4.96 -13.96
N PHE A 185 31.37 5.43 -14.65
CA PHE A 185 31.95 6.74 -14.35
C PHE A 185 30.82 7.74 -14.26
N VAL A 186 29.91 7.69 -15.21
CA VAL A 186 28.79 8.60 -15.22
C VAL A 186 27.94 8.39 -13.97
N ASN A 187 27.60 7.13 -13.69
CA ASN A 187 26.80 6.81 -12.52
C ASN A 187 27.42 7.36 -11.25
N ILE A 188 28.69 7.07 -11.04
CA ILE A 188 29.40 7.51 -9.85
C ILE A 188 29.53 9.02 -9.71
N ASN A 189 29.71 9.74 -10.79
CA ASN A 189 29.86 11.16 -10.67
C ASN A 189 28.58 12.01 -10.75
N VAL A 190 27.50 11.42 -11.25
CA VAL A 190 26.27 12.19 -11.41
C VAL A 190 25.03 11.49 -10.86
N THR A 191 25.24 10.33 -10.26
CA THR A 191 24.15 9.57 -9.69
C THR A 191 22.99 9.41 -10.65
N SER A 192 23.31 9.25 -11.91
CA SER A 192 22.30 9.07 -12.96
C SER A 192 22.87 8.21 -14.06
N GLU A 193 22.00 7.70 -14.91
CA GLU A 193 22.44 6.86 -16.01
C GLU A 193 22.90 7.68 -17.20
N PRO A 194 23.93 7.20 -17.89
CA PRO A 194 24.49 7.86 -19.06
C PRO A 194 23.48 8.24 -20.14
N HIS A 195 22.37 7.50 -20.20
CA HIS A 195 21.34 7.80 -21.20
C HIS A 195 20.30 8.78 -20.69
N GLU A 196 20.43 9.20 -19.44
CA GLU A 196 19.49 10.13 -18.85
C GLU A 196 19.98 11.57 -18.98
N VAL A 197 21.31 11.74 -19.05
CA VAL A 197 21.90 13.07 -19.09
C VAL A 197 22.51 13.54 -20.40
N SER A 198 22.65 14.86 -20.51
CA SER A 198 23.23 15.50 -21.69
C SER A 198 24.72 15.39 -21.75
N ALA A 199 25.24 14.86 -22.85
CA ALA A 199 26.67 14.73 -23.04
C ALA A 199 27.32 16.11 -22.83
N LEU A 200 26.75 17.14 -23.45
CA LEU A 200 27.29 18.49 -23.28
C LEU A 200 27.44 18.82 -21.81
N TRP A 201 26.34 18.71 -21.09
CA TRP A 201 26.36 19.02 -19.66
C TRP A 201 27.42 18.26 -18.88
N PHE A 202 27.42 16.94 -19.03
CA PHE A 202 28.37 16.11 -18.31
C PHE A 202 29.79 16.56 -18.57
N LEU A 203 30.16 16.63 -19.85
CA LEU A 203 31.50 17.03 -20.24
C LEU A 203 31.89 18.26 -19.46
N TRP A 204 30.93 19.17 -19.27
CA TRP A 204 31.15 20.38 -18.53
C TRP A 204 31.36 20.07 -17.06
N TYR A 205 30.44 19.31 -16.48
CA TYR A 205 30.53 18.97 -15.06
C TYR A 205 31.92 18.48 -14.71
N VAL A 206 32.44 17.58 -15.52
CA VAL A 206 33.78 17.04 -15.27
C VAL A 206 34.84 18.13 -15.45
N ARG A 207 34.74 18.88 -16.55
CA ARG A 207 35.69 19.96 -16.80
C ARG A 207 35.65 20.96 -15.66
N GLN A 208 34.45 21.39 -15.29
CA GLN A 208 34.29 22.37 -14.23
C GLN A 208 34.91 21.93 -12.91
N CYS A 209 35.18 20.64 -12.78
CA CYS A 209 35.80 20.12 -11.56
C CYS A 209 37.30 19.95 -11.67
N GLY A 210 37.82 19.94 -12.89
CA GLY A 210 39.25 19.78 -13.07
C GLY A 210 39.59 18.53 -13.84
N GLY A 211 38.70 18.15 -14.75
CA GLY A 211 38.94 16.97 -15.57
C GLY A 211 38.81 15.64 -14.87
N THR A 212 38.59 14.60 -15.66
CA THR A 212 38.42 13.25 -15.14
C THR A 212 39.36 12.93 -14.00
N ALA A 213 40.66 13.06 -14.26
CA ALA A 213 41.68 12.77 -13.26
C ALA A 213 41.31 13.23 -11.86
N ARG A 214 41.14 14.54 -11.71
CA ARG A 214 40.81 15.13 -10.42
C ARG A 214 39.49 14.67 -9.84
N ILE A 215 38.42 14.81 -10.63
CA ILE A 215 37.09 14.44 -10.16
C ILE A 215 36.97 13.03 -9.62
N PHE A 216 37.92 12.16 -9.97
CA PHE A 216 37.86 10.76 -9.56
C PHE A 216 38.94 10.35 -8.59
N SER A 217 40.14 10.88 -8.77
CA SER A 217 41.24 10.55 -7.88
C SER A 217 40.96 10.76 -6.38
N VAL A 218 41.58 9.95 -5.56
CA VAL A 218 41.37 10.05 -4.17
C VAL A 218 42.67 10.61 -3.59
N THR A 219 43.79 10.07 -4.08
CA THR A 219 45.13 10.46 -3.66
C THR A 219 45.45 11.93 -3.93
N ASN A 220 44.83 12.49 -4.96
CA ASN A 220 45.04 13.89 -5.29
C ASN A 220 43.75 14.48 -5.85
N GLY A 221 42.66 13.76 -5.63
CA GLY A 221 41.37 14.22 -6.13
C GLY A 221 40.44 14.80 -5.09
N GLY A 222 39.20 15.05 -5.49
CA GLY A 222 38.24 15.63 -4.57
C GLY A 222 37.79 14.66 -3.50
N GLN A 223 38.33 13.46 -3.53
CA GLN A 223 37.98 12.44 -2.56
C GLN A 223 39.20 12.21 -1.68
N GLU A 224 40.06 13.22 -1.60
CA GLU A 224 41.29 13.07 -0.82
C GLU A 224 41.10 13.02 0.69
N ARG A 225 40.18 13.82 1.22
CA ARG A 225 39.97 13.84 2.66
C ARG A 225 38.60 14.37 3.10
N LYS A 226 38.26 14.08 4.36
CA LYS A 226 37.00 14.48 4.97
C LYS A 226 37.21 15.45 6.13
N PHE A 227 36.11 15.84 6.78
CA PHE A 227 36.16 16.78 7.90
C PHE A 227 36.06 16.06 9.23
N VAL A 228 37.01 16.33 10.11
CA VAL A 228 37.03 15.71 11.43
C VAL A 228 35.89 16.28 12.24
N GLY A 229 34.87 15.45 12.46
CA GLY A 229 33.73 15.90 13.22
C GLY A 229 32.48 15.90 12.36
N GLY A 230 32.69 15.89 11.05
CA GLY A 230 31.59 15.87 10.12
C GLY A 230 31.43 17.16 9.34
N SER A 231 31.30 17.04 8.03
CA SER A 231 31.12 18.21 7.16
C SER A 231 29.92 19.01 7.62
N GLY A 232 28.96 18.32 8.24
CA GLY A 232 27.77 18.98 8.72
C GLY A 232 28.12 20.20 9.56
N GLN A 233 29.12 20.02 10.42
CA GLN A 233 29.58 21.08 11.32
C GLN A 233 29.71 22.45 10.69
N VAL A 234 30.18 22.51 9.45
CA VAL A 234 30.36 23.78 8.77
C VAL A 234 29.11 24.65 8.83
N SER A 235 27.96 24.03 8.57
CA SER A 235 26.70 24.78 8.56
C SER A 235 26.32 25.08 10.00
N GLU A 236 26.37 24.05 10.83
CA GLU A 236 26.04 24.18 12.24
C GLU A 236 26.82 25.35 12.84
N GLN A 237 28.13 25.34 12.63
CA GLN A 237 28.99 26.40 13.13
C GLN A 237 28.53 27.74 12.61
N ILE A 238 28.68 27.94 11.30
CA ILE A 238 28.29 29.20 10.70
C ILE A 238 26.87 29.64 11.11
N MET A 239 26.10 28.74 11.73
CA MET A 239 24.76 29.12 12.18
C MET A 239 24.88 29.81 13.53
N GLY A 240 25.75 29.27 14.37
CA GLY A 240 25.96 29.85 15.68
C GLY A 240 26.44 31.29 15.62
N LEU A 241 27.18 31.64 14.57
CA LEU A 241 27.68 33.00 14.42
C LEU A 241 26.55 33.94 14.05
N LEU A 242 25.46 33.37 13.53
CA LEU A 242 24.31 34.17 13.14
C LEU A 242 23.24 34.07 14.23
N GLY A 243 23.16 32.90 14.85
CA GLY A 243 22.19 32.64 15.91
C GLY A 243 20.78 33.10 15.59
N ASP A 244 20.35 34.09 16.34
CA ASP A 244 19.04 34.71 16.20
C ASP A 244 18.50 34.80 14.75
N LYS A 245 19.35 35.22 13.82
CA LYS A 245 18.96 35.42 12.42
C LYS A 245 18.80 34.21 11.49
N VAL A 246 18.50 33.05 12.05
CA VAL A 246 18.31 31.85 11.25
C VAL A 246 17.11 31.06 11.78
N LYS A 247 15.96 31.23 11.12
CA LYS A 247 14.73 30.56 11.54
C LYS A 247 14.62 29.16 10.94
N LEU A 248 14.54 28.14 11.80
CA LEU A 248 14.42 26.77 11.34
C LEU A 248 12.96 26.41 11.15
N SER A 249 12.73 25.25 10.54
CA SER A 249 11.38 24.78 10.30
C SER A 249 10.49 25.89 9.75
N SER A 250 11.01 26.65 8.78
CA SER A 250 10.27 27.75 8.18
C SER A 250 10.41 27.73 6.67
N PRO A 251 9.71 26.80 6.01
CA PRO A 251 9.74 26.63 4.56
C PRO A 251 9.15 27.83 3.83
N VAL A 252 9.96 28.49 3.00
CA VAL A 252 9.47 29.64 2.25
C VAL A 252 8.46 29.09 1.28
N THR A 253 7.36 29.81 1.12
CA THR A 253 6.32 29.32 0.25
C THR A 253 5.78 30.38 -0.72
N TYR A 254 6.11 31.63 -0.48
CA TYR A 254 5.62 32.70 -1.33
C TYR A 254 6.58 33.87 -1.35
N ILE A 255 6.77 34.46 -2.53
CA ILE A 255 7.64 35.62 -2.68
C ILE A 255 6.93 36.65 -3.55
N ASP A 256 6.56 37.76 -2.94
CA ASP A 256 5.88 38.82 -3.65
C ASP A 256 6.79 40.02 -3.74
N GLN A 257 7.22 40.35 -4.95
CA GLN A 257 8.12 41.48 -5.11
C GLN A 257 7.62 42.54 -6.10
N THR A 258 6.35 42.93 -5.94
CA THR A 258 5.78 43.95 -6.81
C THR A 258 5.79 45.29 -6.09
N ASP A 259 5.82 45.23 -4.76
CA ASP A 259 5.83 46.43 -3.94
C ASP A 259 7.24 46.95 -3.75
N ASP A 260 7.35 48.07 -3.03
CA ASP A 260 8.66 48.67 -2.77
C ASP A 260 9.44 47.75 -1.83
N ASN A 261 8.70 46.95 -1.06
CA ASN A 261 9.28 46.00 -0.14
C ASN A 261 8.88 44.59 -0.58
N ILE A 262 9.84 43.68 -0.56
CA ILE A 262 9.57 42.30 -0.96
C ILE A 262 8.91 41.54 0.17
N ILE A 263 7.81 40.87 -0.16
CA ILE A 263 7.09 40.06 0.80
C ILE A 263 7.58 38.63 0.70
N VAL A 264 7.61 37.94 1.84
CA VAL A 264 8.06 36.56 1.89
C VAL A 264 7.33 35.87 3.03
N GLU A 265 6.40 35.00 2.69
CA GLU A 265 5.64 34.28 3.71
C GLU A 265 6.08 32.83 3.69
N THR A 266 6.03 32.18 4.84
CA THR A 266 6.43 30.79 4.93
C THR A 266 5.23 29.87 5.11
N LEU A 267 5.51 28.66 5.55
CA LEU A 267 4.48 27.67 5.76
C LEU A 267 4.08 27.66 7.24
N ASN A 268 4.84 28.39 8.05
CA ASN A 268 4.58 28.47 9.48
C ASN A 268 3.55 29.56 9.67
N HIS A 269 3.17 30.17 8.55
CA HIS A 269 2.21 31.26 8.52
C HIS A 269 2.90 32.58 8.86
N GLU A 270 4.24 32.53 8.91
CA GLU A 270 5.04 33.72 9.21
C GLU A 270 5.10 34.66 7.99
N HIS A 271 5.53 35.89 8.23
CA HIS A 271 5.59 36.89 7.17
C HIS A 271 6.80 37.77 7.41
N TYR A 272 7.57 37.99 6.36
CA TYR A 272 8.77 38.83 6.44
C TYR A 272 8.88 39.72 5.20
N GLU A 273 9.41 40.91 5.36
CA GLU A 273 9.59 41.79 4.22
C GLU A 273 11.08 42.08 4.12
N CYS A 274 11.55 42.37 2.91
CA CYS A 274 12.96 42.62 2.70
C CYS A 274 13.19 43.40 1.41
N LYS A 275 14.42 43.88 1.23
CA LYS A 275 14.77 44.65 0.05
C LYS A 275 15.34 43.77 -1.07
N TYR A 276 15.94 42.65 -0.71
CA TYR A 276 16.51 41.73 -1.69
C TYR A 276 16.41 40.28 -1.22
N VAL A 277 16.38 39.35 -2.18
CA VAL A 277 16.29 37.93 -1.86
C VAL A 277 17.36 37.09 -2.57
N ILE A 278 17.92 36.14 -1.83
CA ILE A 278 18.91 35.23 -2.39
C ILE A 278 18.34 33.84 -2.18
N SER A 279 18.17 33.10 -3.27
CA SER A 279 17.65 31.74 -3.24
C SER A 279 18.81 30.76 -3.20
N ALA A 280 19.02 30.14 -2.04
CA ALA A 280 20.11 29.19 -1.86
C ALA A 280 19.59 27.78 -1.82
N ILE A 281 18.61 27.49 -2.66
CA ILE A 281 18.05 26.14 -2.73
C ILE A 281 18.14 25.64 -4.16
N PRO A 282 18.15 24.30 -4.33
CA PRO A 282 18.22 23.61 -5.62
C PRO A 282 17.21 24.15 -6.62
N PRO A 283 17.64 24.33 -7.87
CA PRO A 283 16.78 24.84 -8.94
C PRO A 283 15.43 24.18 -8.96
N ILE A 284 15.40 22.85 -9.00
CA ILE A 284 14.14 22.15 -9.04
C ILE A 284 13.22 22.46 -7.88
N LEU A 285 13.78 22.62 -6.69
CA LEU A 285 13.02 22.93 -5.48
C LEU A 285 12.51 24.37 -5.45
N THR A 286 12.98 25.17 -6.39
CA THR A 286 12.57 26.56 -6.50
C THR A 286 11.07 26.60 -6.71
N ALA A 287 10.54 25.52 -7.28
CA ALA A 287 9.12 25.42 -7.55
C ALA A 287 8.26 25.24 -6.30
N LYS A 288 8.87 24.87 -5.17
CA LYS A 288 8.09 24.72 -3.94
C LYS A 288 7.60 26.12 -3.54
N ILE A 289 8.07 27.13 -4.26
CA ILE A 289 7.71 28.52 -4.00
C ILE A 289 6.75 29.11 -5.04
N HIS A 290 5.80 29.91 -4.55
CA HIS A 290 4.85 30.57 -5.44
C HIS A 290 5.32 32.01 -5.58
N PHE A 291 5.64 32.40 -6.81
CA PHE A 291 6.13 33.75 -7.06
C PHE A 291 5.04 34.72 -7.47
N LYS A 292 5.11 35.94 -6.92
CA LYS A 292 4.11 36.94 -7.24
C LYS A 292 4.20 37.23 -8.72
N PRO A 293 5.16 38.08 -9.13
CA PRO A 293 5.15 38.28 -10.58
C PRO A 293 5.69 36.97 -11.16
N GLU A 294 4.80 36.15 -11.71
CA GLU A 294 5.20 34.87 -12.29
C GLU A 294 6.56 35.04 -12.91
N LEU A 295 7.47 34.13 -12.60
CA LEU A 295 8.82 34.23 -13.15
C LEU A 295 8.75 34.18 -14.66
N PRO A 296 9.81 34.70 -15.31
CA PRO A 296 9.88 34.71 -16.77
C PRO A 296 9.81 33.31 -17.33
N PRO A 297 9.30 33.17 -18.56
CA PRO A 297 9.21 31.84 -19.18
C PRO A 297 10.51 31.06 -18.97
N GLU A 298 11.58 31.57 -19.57
CA GLU A 298 12.90 30.92 -19.47
C GLU A 298 13.14 30.26 -18.13
N ARG A 299 13.08 31.02 -17.04
CA ARG A 299 13.33 30.46 -15.72
C ARG A 299 12.24 29.47 -15.39
N ASN A 300 11.01 29.96 -15.41
CA ASN A 300 9.84 29.13 -15.12
C ASN A 300 10.01 27.79 -15.80
N GLN A 301 10.33 27.86 -17.08
CA GLN A 301 10.51 26.68 -17.90
C GLN A 301 11.69 25.84 -17.41
N LEU A 302 12.82 26.49 -17.12
CA LEU A 302 14.03 25.79 -16.68
C LEU A 302 13.89 25.12 -15.32
N ILE A 303 13.23 25.80 -14.40
CA ILE A 303 13.06 25.27 -13.07
C ILE A 303 12.36 23.91 -13.05
N GLN A 304 11.86 23.47 -14.21
CA GLN A 304 11.19 22.17 -14.25
C GLN A 304 11.95 21.17 -15.13
N ARG A 305 13.25 21.38 -15.27
CA ARG A 305 14.07 20.50 -16.11
C ARG A 305 15.40 20.15 -15.48
N LEU A 306 15.58 20.48 -14.20
CA LEU A 306 16.85 20.20 -13.54
C LEU A 306 16.64 19.29 -12.36
N PRO A 307 16.47 18.00 -12.64
CA PRO A 307 16.24 16.91 -11.69
C PRO A 307 17.43 16.60 -10.77
N MET A 308 17.15 16.07 -9.59
CA MET A 308 18.17 15.72 -8.65
C MET A 308 18.47 14.25 -8.82
N GLY A 309 19.74 13.91 -8.91
CA GLY A 309 20.13 12.52 -9.07
C GLY A 309 19.65 11.63 -7.95
N ALA A 310 19.89 10.33 -8.08
CA ALA A 310 19.46 9.39 -7.05
C ALA A 310 20.61 8.59 -6.45
N VAL A 311 20.69 8.57 -5.13
CA VAL A 311 21.74 7.85 -4.43
C VAL A 311 21.34 7.55 -2.99
N ILE A 312 21.93 6.50 -2.44
CA ILE A 312 21.70 6.10 -1.06
C ILE A 312 23.09 5.88 -0.51
N LYS A 313 23.53 6.73 0.39
CA LYS A 313 24.88 6.56 0.96
C LYS A 313 24.75 5.52 2.05
N CYS A 314 25.63 4.53 2.07
CA CYS A 314 25.54 3.48 3.08
C CYS A 314 26.86 3.12 3.75
N MET A 315 26.87 3.21 5.07
CA MET A 315 28.04 2.88 5.86
C MET A 315 27.74 1.60 6.61
N VAL A 316 28.65 0.64 6.52
CA VAL A 316 28.49 -0.63 7.24
C VAL A 316 29.64 -0.66 8.23
N TYR A 317 29.32 -0.88 9.51
CA TYR A 317 30.37 -0.91 10.53
C TYR A 317 30.70 -2.30 10.97
N TYR A 318 32.00 -2.54 11.13
CA TYR A 318 32.51 -3.83 11.58
C TYR A 318 33.33 -3.56 12.81
N LYS A 319 33.67 -4.61 13.57
CA LYS A 319 34.44 -4.38 14.80
C LYS A 319 35.92 -4.26 14.48
N GLU A 320 36.29 -4.71 13.28
CA GLU A 320 37.67 -4.67 12.86
C GLU A 320 37.81 -4.50 11.36
N ALA A 321 38.73 -3.64 10.92
CA ALA A 321 38.97 -3.39 9.50
C ALA A 321 39.64 -4.60 8.83
N PHE A 322 38.94 -5.73 8.86
CA PHE A 322 39.42 -6.99 8.30
C PHE A 322 40.03 -6.90 6.90
N TRP A 323 39.67 -5.88 6.16
CA TRP A 323 40.20 -5.74 4.81
C TRP A 323 41.66 -5.32 4.84
N LYS A 324 42.08 -4.68 5.92
CA LYS A 324 43.48 -4.25 6.03
C LYS A 324 44.36 -5.49 6.24
N LYS A 325 43.78 -6.55 6.75
CA LYS A 325 44.52 -7.78 6.99
C LYS A 325 44.87 -8.47 5.67
N LYS A 326 44.35 -7.96 4.56
CA LYS A 326 44.63 -8.54 3.25
C LYS A 326 45.22 -7.48 2.34
N ASP A 327 45.80 -6.45 2.94
CA ASP A 327 46.40 -5.35 2.18
C ASP A 327 45.36 -4.80 1.19
N TYR A 328 44.15 -4.57 1.72
CA TYR A 328 43.03 -4.01 0.94
C TYR A 328 42.53 -2.82 1.76
N CYS A 329 42.40 -1.65 1.13
CA CYS A 329 41.87 -0.52 1.87
C CYS A 329 40.40 -0.56 1.51
N GLY A 330 39.57 0.08 2.31
CA GLY A 330 38.14 0.07 2.05
C GLY A 330 37.69 0.25 0.60
N CYS A 331 38.48 0.95 -0.20
CA CYS A 331 38.10 1.20 -1.59
C CYS A 331 37.92 0.00 -2.52
N MET A 332 36.76 -0.06 -3.17
CA MET A 332 36.39 -1.11 -4.11
C MET A 332 35.62 -0.48 -5.26
N ILE A 333 35.88 -0.96 -6.47
CA ILE A 333 35.18 -0.46 -7.66
C ILE A 333 34.44 -1.65 -8.27
N ILE A 334 33.18 -1.80 -7.89
CA ILE A 334 32.35 -2.92 -8.36
C ILE A 334 31.61 -2.70 -9.67
N GLU A 335 31.98 -3.49 -10.68
CA GLU A 335 31.35 -3.41 -11.98
C GLU A 335 30.61 -4.74 -12.24
N ASP A 336 29.36 -4.81 -11.80
CA ASP A 336 28.55 -6.01 -11.97
C ASP A 336 27.06 -5.77 -11.72
N GLU A 337 26.31 -5.66 -12.81
CA GLU A 337 24.86 -5.43 -12.79
C GLU A 337 24.17 -5.69 -11.46
N GLU A 338 24.16 -6.94 -11.04
CA GLU A 338 23.52 -7.37 -9.79
C GLU A 338 23.93 -6.60 -8.53
N ALA A 339 25.24 -6.50 -8.30
CA ALA A 339 25.79 -5.82 -7.13
C ALA A 339 25.18 -4.46 -6.85
N PRO A 340 24.72 -4.24 -5.59
CA PRO A 340 24.10 -3.03 -5.07
C PRO A 340 25.01 -1.80 -5.09
N ILE A 341 26.21 -1.94 -4.52
CA ILE A 341 27.13 -0.83 -4.47
C ILE A 341 28.07 -0.78 -5.67
N ALA A 342 28.32 0.43 -6.14
CA ALA A 342 29.21 0.64 -7.27
C ALA A 342 30.63 0.86 -6.76
N ILE A 343 30.81 1.86 -5.91
CA ILE A 343 32.12 2.13 -5.34
C ILE A 343 32.04 2.25 -3.82
N THR A 344 33.17 2.06 -3.14
CA THR A 344 33.21 2.13 -1.69
C THR A 344 34.51 2.77 -1.22
N LEU A 345 34.56 3.11 0.06
CA LEU A 345 35.76 3.70 0.65
C LEU A 345 35.82 3.33 2.12
N ASP A 346 37.03 3.38 2.69
CA ASP A 346 37.21 3.08 4.11
C ASP A 346 36.71 4.30 4.86
N ASP A 347 35.64 4.14 5.64
CA ASP A 347 35.11 5.28 6.39
C ASP A 347 35.41 5.14 7.87
N THR A 348 36.46 4.38 8.17
CA THR A 348 36.88 4.21 9.55
C THR A 348 37.34 5.58 10.02
N LYS A 349 37.40 5.76 11.33
CA LYS A 349 37.80 7.04 11.89
C LYS A 349 39.31 7.16 11.89
N PRO A 350 39.83 8.40 11.94
CA PRO A 350 41.28 8.65 11.94
C PRO A 350 42.04 7.81 12.97
N ASP A 351 41.53 7.76 14.19
CA ASP A 351 42.16 7.01 15.26
C ASP A 351 41.82 5.53 15.20
N GLY A 352 41.58 5.04 14.00
CA GLY A 352 41.25 3.63 13.82
C GLY A 352 39.96 3.22 14.49
N SER A 353 39.33 4.17 15.17
CA SER A 353 38.08 3.92 15.88
C SER A 353 36.90 3.65 14.95
N LEU A 354 36.08 2.67 15.31
CA LEU A 354 34.90 2.32 14.54
C LEU A 354 35.17 2.07 13.08
N PRO A 355 35.83 0.94 12.76
CA PRO A 355 36.09 0.68 11.35
C PRO A 355 34.79 0.51 10.59
N ALA A 356 34.74 1.03 9.39
CA ALA A 356 33.55 0.93 8.57
C ALA A 356 33.85 1.20 7.10
N ILE A 357 32.93 0.79 6.25
CA ILE A 357 33.06 0.98 4.82
C ILE A 357 31.88 1.73 4.22
N MET A 358 32.21 2.82 3.53
CA MET A 358 31.18 3.63 2.92
C MET A 358 30.98 3.22 1.47
N GLY A 359 29.73 2.94 1.08
CA GLY A 359 29.44 2.56 -0.29
C GLY A 359 28.25 3.32 -0.83
N PHE A 360 28.15 3.42 -2.16
CA PHE A 360 27.05 4.13 -2.80
C PHE A 360 26.16 3.23 -3.65
N ILE A 361 24.86 3.53 -3.62
CA ILE A 361 23.86 2.83 -4.43
C ILE A 361 23.36 3.93 -5.37
N LEU A 362 23.71 3.81 -6.65
CA LEU A 362 23.38 4.84 -7.62
C LEU A 362 22.35 4.57 -8.70
N ALA A 363 21.92 5.66 -9.33
CA ALA A 363 20.95 5.64 -10.40
C ALA A 363 19.90 4.51 -10.33
N ARG A 364 19.79 3.74 -11.40
CA ARG A 364 18.83 2.64 -11.48
C ARG A 364 18.81 1.82 -10.21
N LYS A 365 19.99 1.43 -9.76
CA LYS A 365 20.08 0.62 -8.57
C LYS A 365 19.47 1.29 -7.35
N ALA A 366 19.62 2.60 -7.27
CA ALA A 366 19.08 3.35 -6.15
C ALA A 366 17.65 2.97 -5.88
N ASP A 367 16.78 3.20 -6.86
CA ASP A 367 15.39 2.87 -6.68
C ASP A 367 15.14 1.40 -6.49
N ARG A 368 15.87 0.57 -7.21
CA ARG A 368 15.67 -0.88 -7.09
C ARG A 368 15.83 -1.38 -5.65
N LEU A 369 16.99 -1.12 -5.06
CA LEU A 369 17.27 -1.57 -3.69
C LEU A 369 16.37 -0.92 -2.65
N ALA A 370 15.93 0.30 -2.92
CA ALA A 370 15.07 1.01 -2.00
C ALA A 370 13.75 0.26 -1.83
N LYS A 371 13.45 -0.65 -2.75
CA LYS A 371 12.21 -1.42 -2.70
C LYS A 371 12.32 -2.54 -1.67
N LEU A 372 13.53 -2.73 -1.13
CA LEU A 372 13.74 -3.78 -0.14
C LEU A 372 13.57 -3.26 1.28
N HIS A 373 13.62 -4.18 2.23
CA HIS A 373 13.50 -3.82 3.62
C HIS A 373 14.92 -3.46 4.06
N LYS A 374 15.04 -2.46 4.93
CA LYS A 374 16.34 -2.02 5.42
C LYS A 374 17.28 -3.19 5.70
N ASP A 375 16.81 -4.16 6.48
CA ASP A 375 17.61 -5.32 6.80
C ASP A 375 18.09 -6.07 5.57
N ILE A 376 17.16 -6.40 4.67
CA ILE A 376 17.52 -7.12 3.45
C ILE A 376 18.62 -6.37 2.72
N ARG A 377 18.37 -5.10 2.42
CA ARG A 377 19.35 -4.28 1.75
C ARG A 377 20.71 -4.46 2.41
N LYS A 378 20.74 -4.21 3.71
CA LYS A 378 21.96 -4.33 4.50
C LYS A 378 22.65 -5.65 4.17
N ARG A 379 21.92 -6.74 4.29
CA ARG A 379 22.43 -8.07 4.00
C ARG A 379 23.07 -8.06 2.62
N LYS A 380 22.26 -7.82 1.60
CA LYS A 380 22.74 -7.79 0.22
C LYS A 380 24.12 -7.11 0.13
N ILE A 381 24.22 -5.94 0.74
CA ILE A 381 25.46 -5.17 0.74
C ILE A 381 26.60 -5.97 1.35
N CYS A 382 26.37 -6.52 2.53
CA CYS A 382 27.39 -7.32 3.20
C CYS A 382 27.79 -8.48 2.31
N GLU A 383 26.80 -9.28 1.88
CA GLU A 383 27.05 -10.42 1.02
C GLU A 383 27.97 -10.02 -0.13
N LEU A 384 27.76 -8.80 -0.63
CA LEU A 384 28.61 -8.29 -1.71
C LEU A 384 30.03 -8.06 -1.19
N TYR A 385 30.17 -7.16 -0.22
CA TYR A 385 31.46 -6.85 0.35
C TYR A 385 32.22 -8.12 0.67
N ALA A 386 31.48 -9.16 1.02
CA ALA A 386 32.11 -10.43 1.32
C ALA A 386 32.86 -10.90 0.08
N LYS A 387 32.09 -11.35 -0.91
CA LYS A 387 32.65 -11.84 -2.16
C LYS A 387 33.76 -10.96 -2.73
N VAL A 388 33.53 -9.65 -2.77
CA VAL A 388 34.52 -8.74 -3.31
C VAL A 388 35.83 -8.82 -2.57
N LEU A 389 35.77 -8.73 -1.25
CA LEU A 389 36.96 -8.78 -0.42
C LEU A 389 37.49 -10.20 -0.23
N GLY A 390 36.76 -11.00 0.53
CA GLY A 390 37.17 -12.36 0.76
C GLY A 390 36.58 -12.93 2.03
N SER A 391 37.13 -12.51 3.17
CA SER A 391 36.67 -12.99 4.46
C SER A 391 35.19 -12.72 4.66
N GLN A 392 34.50 -13.72 5.21
CA GLN A 392 33.08 -13.62 5.47
C GLN A 392 32.85 -12.68 6.65
N GLU A 393 33.95 -12.16 7.19
CA GLU A 393 33.88 -11.23 8.31
C GLU A 393 33.00 -10.07 7.89
N ALA A 394 32.77 -9.97 6.59
CA ALA A 394 31.94 -8.91 6.02
C ALA A 394 30.46 -9.16 6.27
N LEU A 395 30.09 -10.39 6.65
CA LEU A 395 28.69 -10.71 6.89
C LEU A 395 28.20 -10.42 8.30
N TYR A 396 29.12 -10.04 9.18
CA TYR A 396 28.78 -9.76 10.58
C TYR A 396 29.07 -8.31 10.99
N PRO A 397 28.22 -7.38 10.54
CA PRO A 397 28.39 -5.97 10.88
C PRO A 397 27.91 -5.74 12.29
N VAL A 398 28.39 -4.67 12.90
CA VAL A 398 27.98 -4.32 14.25
C VAL A 398 26.83 -3.33 14.09
N HIS A 399 27.09 -2.27 13.34
CA HIS A 399 26.08 -1.24 13.09
C HIS A 399 26.00 -0.88 11.60
N TYR A 400 24.86 -0.32 11.19
CA TYR A 400 24.64 0.08 9.82
C TYR A 400 23.84 1.38 9.72
N GLU A 401 24.40 2.38 9.07
CA GLU A 401 23.70 3.65 8.90
C GLU A 401 23.54 3.90 7.41
N GLU A 402 22.39 4.44 7.01
CA GLU A 402 22.12 4.69 5.59
C GLU A 402 21.27 5.92 5.38
N LYS A 403 21.26 6.42 4.17
CA LYS A 403 20.43 7.56 3.87
C LYS A 403 20.04 7.54 2.41
N ASN A 404 18.74 7.51 2.14
CA ASN A 404 18.24 7.51 0.77
C ASN A 404 17.79 8.93 0.52
N TRP A 405 18.55 9.68 -0.27
CA TRP A 405 18.20 11.06 -0.52
C TRP A 405 17.06 11.30 -1.51
N CYS A 406 16.49 10.23 -2.04
CA CYS A 406 15.40 10.42 -2.95
C CYS A 406 14.22 10.75 -2.08
N GLU A 407 14.26 10.30 -0.83
CA GLU A 407 13.16 10.53 0.10
C GLU A 407 13.03 11.99 0.47
N GLU A 408 14.15 12.64 0.66
CA GLU A 408 14.15 14.02 1.09
C GLU A 408 13.32 15.00 0.27
N GLN A 409 12.33 15.61 0.92
CA GLN A 409 11.46 16.56 0.25
C GLN A 409 12.18 17.85 -0.08
N TYR A 410 12.99 18.34 0.85
CA TYR A 410 13.69 19.59 0.61
C TYR A 410 15.12 19.46 0.07
N SER A 411 15.34 18.50 -0.80
CA SER A 411 16.64 18.29 -1.42
C SER A 411 16.46 17.66 -2.80
N GLY A 412 15.49 16.77 -2.93
CA GLY A 412 15.23 16.15 -4.21
C GLY A 412 16.07 14.94 -4.53
N GLY A 413 17.36 14.99 -4.23
CA GLY A 413 18.27 13.89 -4.52
C GLY A 413 19.64 14.37 -4.11
N CYS A 414 20.75 13.74 -4.52
CA CYS A 414 21.99 14.31 -4.03
C CYS A 414 23.17 14.90 -4.80
N TYR A 415 23.86 14.19 -5.66
CA TYR A 415 24.93 14.95 -6.32
C TYR A 415 24.24 15.94 -7.25
N THR A 416 23.84 17.09 -6.72
CA THR A 416 23.17 18.10 -7.53
C THR A 416 22.15 17.62 -8.57
N ALA A 417 21.78 18.56 -9.44
CA ALA A 417 20.86 18.32 -10.50
C ALA A 417 21.68 18.04 -11.73
N TYR A 418 21.04 17.41 -12.71
CA TYR A 418 21.70 17.09 -13.94
C TYR A 418 20.89 17.69 -15.08
N PHE A 419 21.56 18.10 -16.13
CA PHE A 419 20.90 18.66 -17.29
C PHE A 419 20.64 17.54 -18.28
N PRO A 420 19.37 17.40 -18.70
CA PRO A 420 19.05 16.35 -19.65
C PRO A 420 19.39 16.84 -21.06
N PRO A 421 19.18 15.99 -22.07
CA PRO A 421 19.47 16.34 -23.46
C PRO A 421 18.64 17.56 -23.89
N GLY A 422 19.27 18.44 -24.67
CA GLY A 422 18.60 19.63 -25.19
C GLY A 422 18.32 20.82 -24.27
N ILE A 423 18.38 20.60 -22.95
CA ILE A 423 18.10 21.68 -22.02
C ILE A 423 19.21 22.71 -21.86
N MET A 424 20.45 22.26 -21.69
CA MET A 424 21.56 23.20 -21.53
C MET A 424 21.54 24.30 -22.58
N THR A 425 21.48 23.89 -23.85
CA THR A 425 21.49 24.86 -24.95
C THR A 425 20.20 25.61 -25.23
N GLN A 426 19.23 25.54 -24.32
CA GLN A 426 17.98 26.25 -24.56
C GLN A 426 17.60 27.16 -23.42
N TYR A 427 17.62 26.62 -22.22
CA TYR A 427 17.23 27.39 -21.05
C TYR A 427 18.37 27.47 -20.05
N GLY A 428 19.50 26.88 -20.41
CA GLY A 428 20.64 26.87 -19.50
C GLY A 428 21.24 28.21 -19.15
N ARG A 429 21.30 29.11 -20.14
CA ARG A 429 21.87 30.43 -19.96
C ARG A 429 21.33 31.22 -18.76
N VAL A 430 20.38 30.66 -18.03
CA VAL A 430 19.79 31.34 -16.90
C VAL A 430 20.18 30.96 -15.46
N ILE A 431 20.48 29.70 -15.20
CA ILE A 431 20.83 29.28 -13.83
C ILE A 431 21.26 30.33 -12.82
N ARG A 432 22.21 31.21 -13.17
CA ARG A 432 22.68 32.21 -12.21
C ARG A 432 22.05 33.60 -12.36
N GLN A 433 21.43 33.83 -13.51
CA GLN A 433 20.78 35.12 -13.80
C GLN A 433 19.66 35.51 -12.84
N PRO A 434 19.74 36.72 -12.26
CA PRO A 434 18.75 37.23 -11.31
C PRO A 434 17.42 37.53 -11.98
N VAL A 435 16.35 37.39 -11.21
CA VAL A 435 15.01 37.67 -11.67
C VAL A 435 14.50 38.81 -10.79
N GLY A 436 14.93 40.02 -11.13
CA GLY A 436 14.55 41.23 -10.39
C GLY A 436 14.62 41.09 -8.88
N ARG A 437 15.65 41.68 -8.29
CA ARG A 437 15.83 41.63 -6.83
C ARG A 437 15.89 40.23 -6.20
N ILE A 438 15.73 39.19 -7.01
CA ILE A 438 15.85 37.84 -6.48
C ILE A 438 17.10 37.29 -7.16
N TYR A 439 18.13 37.02 -6.35
CA TYR A 439 19.39 36.51 -6.88
C TYR A 439 19.46 35.02 -6.58
N PHE A 440 20.23 34.29 -7.37
CA PHE A 440 20.34 32.86 -7.14
C PHE A 440 21.67 32.29 -6.69
N ALA A 441 21.62 31.50 -5.62
CA ALA A 441 22.79 30.85 -5.05
C ALA A 441 22.67 29.34 -5.27
N GLY A 442 23.23 28.55 -4.36
CA GLY A 442 23.15 27.10 -4.50
C GLY A 442 24.29 26.59 -5.37
N THR A 443 24.87 25.46 -4.98
CA THR A 443 26.00 24.92 -5.74
C THR A 443 25.71 24.68 -7.22
N GLU A 444 24.44 24.49 -7.54
CA GLU A 444 24.06 24.25 -8.91
C GLU A 444 24.41 25.44 -9.79
N THR A 445 24.68 26.58 -9.17
CA THR A 445 25.02 27.79 -9.91
C THR A 445 26.51 28.12 -9.85
N ALA A 446 27.27 27.25 -9.23
CA ALA A 446 28.71 27.47 -9.12
C ALA A 446 29.34 27.37 -10.51
N THR A 447 30.65 27.55 -10.57
CA THR A 447 31.43 27.49 -11.80
C THR A 447 32.57 26.51 -11.60
N GLN A 448 32.98 26.36 -10.34
CA GLN A 448 34.06 25.45 -10.02
C GLN A 448 33.50 24.52 -8.96
N TRP A 449 33.53 23.23 -9.24
CA TRP A 449 33.02 22.27 -8.29
C TRP A 449 31.52 22.41 -8.04
N SER A 450 30.76 22.72 -9.09
CA SER A 450 29.32 22.80 -8.93
C SER A 450 28.89 21.41 -8.56
N GLY A 451 27.97 21.32 -7.63
CA GLY A 451 27.54 20.01 -7.20
C GLY A 451 28.24 19.59 -5.92
N TYR A 452 29.40 20.18 -5.69
CA TYR A 452 30.17 19.86 -4.51
C TYR A 452 29.94 20.95 -3.47
N MET A 453 30.43 20.72 -2.25
CA MET A 453 30.32 21.70 -1.18
C MET A 453 31.06 22.98 -1.57
N GLU A 454 32.28 22.87 -2.06
CA GLU A 454 33.03 24.06 -2.46
C GLU A 454 32.17 24.84 -3.47
N GLY A 455 31.52 24.11 -4.36
CA GLY A 455 30.66 24.75 -5.33
C GLY A 455 29.61 25.60 -4.66
N ALA A 456 29.05 25.10 -3.57
CA ALA A 456 28.03 25.83 -2.84
C ALA A 456 28.57 27.18 -2.41
N VAL A 457 29.74 27.16 -1.79
CA VAL A 457 30.35 28.39 -1.32
C VAL A 457 30.55 29.37 -2.48
N GLU A 458 31.12 28.93 -3.60
CA GLU A 458 31.34 29.88 -4.68
C GLU A 458 30.10 30.73 -4.82
N ALA A 459 28.96 30.08 -5.03
CA ALA A 459 27.67 30.75 -5.22
C ALA A 459 27.22 31.56 -4.02
N GLY A 460 27.05 30.91 -2.89
CA GLY A 460 26.62 31.61 -1.71
C GLY A 460 27.25 32.99 -1.61
N GLU A 461 28.56 33.06 -1.83
CA GLU A 461 29.27 34.33 -1.77
C GLU A 461 29.00 35.18 -3.01
N ARG A 462 29.14 34.58 -4.18
CA ARG A 462 28.91 35.28 -5.44
C ARG A 462 27.57 36.02 -5.35
N ALA A 463 26.52 35.28 -5.04
CA ALA A 463 25.20 35.88 -4.92
C ALA A 463 25.24 37.00 -3.90
N ALA A 464 25.82 36.70 -2.74
CA ALA A 464 25.92 37.70 -1.70
C ALA A 464 26.47 39.02 -2.26
N ARG A 465 27.67 38.96 -2.82
CA ARG A 465 28.31 40.13 -3.39
C ARG A 465 27.41 40.84 -4.39
N GLU A 466 26.68 40.07 -5.21
CA GLU A 466 25.79 40.69 -6.19
C GLU A 466 24.81 41.62 -5.50
N VAL A 467 24.23 41.14 -4.41
CA VAL A 467 23.28 41.92 -3.63
C VAL A 467 23.96 43.12 -2.98
N LEU A 468 25.19 42.92 -2.51
CA LEU A 468 25.94 44.00 -1.89
C LEU A 468 26.15 45.06 -2.94
N ASN A 469 26.57 44.65 -4.12
CA ASN A 469 26.79 45.59 -5.21
C ASN A 469 25.53 46.38 -5.50
N ALA A 470 24.39 45.69 -5.37
CA ALA A 470 23.09 46.31 -5.61
C ALA A 470 22.79 47.32 -4.50
N LEU A 471 23.56 47.26 -3.43
CA LEU A 471 23.41 48.16 -2.30
C LEU A 471 24.51 49.23 -2.31
N GLY A 472 25.40 49.14 -3.29
CA GLY A 472 26.49 50.09 -3.41
C GLY A 472 27.71 49.81 -2.54
N LYS A 473 27.65 48.71 -1.78
CA LYS A 473 28.74 48.32 -0.88
C LYS A 473 29.86 47.58 -1.60
N VAL A 474 29.60 47.09 -2.81
CA VAL A 474 30.62 46.36 -3.56
C VAL A 474 30.63 46.70 -5.03
N ALA A 475 31.83 46.86 -5.58
CA ALA A 475 32.00 47.20 -6.98
C ALA A 475 31.57 46.06 -7.89
N LYS A 476 31.17 46.43 -9.11
CA LYS A 476 30.73 45.45 -10.09
C LYS A 476 31.87 44.48 -10.41
N LYS A 477 33.09 44.89 -10.11
CA LYS A 477 34.27 44.05 -10.35
C LYS A 477 34.51 43.07 -9.22
N ASP A 478 34.73 43.58 -8.02
CA ASP A 478 35.00 42.76 -6.85
C ASP A 478 33.82 41.88 -6.44
N ILE A 479 33.02 41.49 -7.42
CA ILE A 479 31.86 40.65 -7.17
C ILE A 479 32.22 39.18 -7.36
N TRP A 480 33.05 38.89 -8.36
CA TRP A 480 33.54 37.54 -8.63
C TRP A 480 34.99 37.50 -8.13
N VAL A 481 35.20 36.94 -6.95
CA VAL A 481 36.52 36.90 -6.35
C VAL A 481 37.28 35.59 -6.45
N GLU A 482 38.52 35.67 -6.93
CA GLU A 482 39.38 34.49 -7.04
C GLU A 482 39.83 34.07 -5.64
N GLU A 483 39.90 32.76 -5.42
CA GLU A 483 40.27 32.25 -4.12
C GLU A 483 41.75 31.91 -4.00
N PRO A 484 42.36 32.27 -2.87
CA PRO A 484 43.78 32.00 -2.62
C PRO A 484 43.99 30.51 -2.37
N GLU A 485 44.91 29.91 -3.11
CA GLU A 485 45.21 28.49 -2.98
C GLU A 485 45.53 28.11 -1.54
N SER A 486 44.76 27.19 -0.98
CA SER A 486 44.98 26.74 0.40
C SER A 486 46.36 26.16 0.56
N LYS A 487 47.13 26.75 1.47
CA LYS A 487 48.50 26.31 1.71
C LYS A 487 48.52 25.00 2.51
N ASP A 488 47.37 24.61 3.04
CA ASP A 488 47.29 23.39 3.83
C ASP A 488 47.00 22.18 2.94
N VAL A 489 46.33 22.44 1.82
CA VAL A 489 46.04 21.37 0.85
C VAL A 489 46.45 21.90 -0.52
N PRO A 490 47.75 21.78 -0.84
CA PRO A 490 48.34 22.23 -2.10
C PRO A 490 47.72 21.60 -3.34
N ALA A 491 47.56 22.41 -4.36
CA ALA A 491 47.01 21.98 -5.63
C ALA A 491 48.08 21.34 -6.53
N ILE A 492 48.49 20.12 -6.19
CA ILE A 492 49.52 19.42 -6.98
C ILE A 492 49.02 19.24 -8.41
N GLU A 493 49.78 19.73 -9.38
CA GLU A 493 49.43 19.62 -10.78
C GLU A 493 49.16 18.16 -11.22
N ILE A 494 48.54 18.01 -12.39
CA ILE A 494 48.20 16.68 -12.92
C ILE A 494 49.18 16.15 -13.95
N THR A 495 49.86 15.06 -13.60
CA THR A 495 50.86 14.43 -14.46
C THR A 495 50.21 13.65 -15.62
N HIS A 496 50.43 14.12 -16.85
CA HIS A 496 49.86 13.45 -18.01
C HIS A 496 50.96 12.76 -18.86
N THR A 497 51.14 11.46 -18.61
CA THR A 497 52.14 10.63 -19.30
C THR A 497 52.25 10.85 -20.81
N PHE A 498 53.47 10.69 -21.30
CA PHE A 498 53.76 10.83 -22.73
C PHE A 498 52.94 9.80 -23.50
N LEU A 499 52.90 8.58 -22.97
CA LEU A 499 52.16 7.50 -23.59
C LEU A 499 50.69 7.85 -23.76
N GLU A 500 50.06 8.20 -22.65
CA GLU A 500 48.65 8.56 -22.62
C GLU A 500 48.37 9.66 -23.63
N ARG A 501 49.22 10.68 -23.61
CA ARG A 501 49.08 11.80 -24.52
C ARG A 501 49.08 11.39 -25.99
N ASN A 502 49.78 10.30 -26.32
CA ASN A 502 49.88 9.88 -27.73
C ASN A 502 49.35 8.52 -28.18
N LEU A 503 49.26 7.53 -27.29
CA LEU A 503 48.78 6.22 -27.72
C LEU A 503 47.52 6.35 -28.56
N PRO A 504 47.50 5.71 -29.73
CA PRO A 504 46.38 5.73 -30.66
C PRO A 504 45.07 5.23 -30.07
N SER A 505 43.98 5.60 -30.73
CA SER A 505 42.64 5.17 -30.32
C SER A 505 42.42 3.87 -31.08
N VAL A 506 41.44 3.07 -30.66
CA VAL A 506 41.17 1.83 -31.37
C VAL A 506 41.08 2.12 -32.87
N PRO A 507 40.34 3.18 -33.24
CA PRO A 507 40.24 3.48 -34.68
C PRO A 507 41.62 3.91 -35.16
N GLY A 508 42.28 4.73 -34.35
CA GLY A 508 43.61 5.21 -34.69
C GLY A 508 44.60 4.09 -35.01
N LEU A 509 44.55 3.01 -34.25
CA LEU A 509 45.46 1.87 -34.47
C LEU A 509 45.15 1.20 -35.79
N LEU A 510 43.87 1.11 -36.14
CA LEU A 510 43.49 0.50 -37.40
C LEU A 510 43.91 1.40 -38.57
N LYS A 511 43.78 2.72 -38.38
CA LYS A 511 44.17 3.66 -39.44
C LYS A 511 45.66 3.52 -39.71
N ILE A 512 46.43 3.34 -38.63
CA ILE A 512 47.89 3.19 -38.69
C ILE A 512 48.32 1.87 -39.28
N THR A 513 47.69 0.80 -38.83
CA THR A 513 48.03 -0.52 -39.34
C THR A 513 47.59 -0.64 -40.79
N GLY A 514 46.37 -0.21 -41.08
CA GLY A 514 45.88 -0.27 -42.45
C GLY A 514 46.92 0.26 -43.42
N VAL A 515 47.90 1.00 -42.90
CA VAL A 515 48.98 1.56 -43.69
C VAL A 515 50.28 0.77 -43.48
N SER A 516 50.36 -0.01 -42.40
CA SER A 516 51.54 -0.83 -42.16
C SER A 516 51.38 -2.03 -43.11
N THR A 517 50.13 -2.38 -43.40
CA THR A 517 49.81 -3.48 -44.30
C THR A 517 50.18 -3.12 -45.74
N SER A 518 49.77 -1.93 -46.20
CA SER A 518 50.09 -1.50 -47.56
C SER A 518 51.60 -1.36 -47.73
N VAL A 519 52.28 -0.97 -46.65
CA VAL A 519 53.73 -0.78 -46.64
C VAL A 519 54.54 -2.08 -46.66
N ALA A 520 54.15 -3.04 -45.83
CA ALA A 520 54.85 -4.32 -45.77
C ALA A 520 54.68 -5.16 -47.04
N LEU A 521 53.46 -5.26 -47.53
CA LEU A 521 53.13 -6.04 -48.72
C LEU A 521 53.44 -5.34 -50.04
N LEU A 522 53.53 -4.01 -50.02
CA LEU A 522 53.85 -3.27 -51.23
C LEU A 522 55.37 -3.26 -51.42
N CYS A 523 56.10 -3.21 -50.31
CA CYS A 523 57.56 -3.20 -50.33
C CYS A 523 58.12 -4.55 -50.75
N PHE A 524 57.59 -5.61 -50.14
CA PHE A 524 58.05 -6.96 -50.39
C PHE A 524 57.71 -7.49 -51.79
N VAL A 525 56.46 -7.34 -52.21
CA VAL A 525 55.99 -7.81 -53.53
C VAL A 525 56.78 -7.25 -54.72
N LEU A 526 57.01 -5.94 -54.73
CA LEU A 526 57.73 -5.31 -55.82
C LEU A 526 59.12 -5.94 -55.94
N TYR A 527 59.62 -6.41 -54.81
CA TYR A 527 60.92 -7.08 -54.77
C TYR A 527 60.93 -8.44 -55.49
N LYS A 528 59.83 -9.18 -55.43
CA LYS A 528 59.78 -10.51 -56.03
C LYS A 528 58.60 -10.79 -56.94
N ALA B 18 -16.60 30.81 4.17
CA ALA B 18 -15.22 30.70 4.73
C ALA B 18 -14.67 29.28 4.59
N GLY B 19 -13.55 29.00 5.26
CA GLY B 19 -12.94 27.67 5.18
C GLY B 19 -13.52 26.64 6.12
N HIS B 20 -14.17 25.60 5.55
CA HIS B 20 -14.80 24.52 6.32
C HIS B 20 -14.28 23.09 6.04
N MET B 21 -15.06 22.09 6.46
CA MET B 21 -14.69 20.68 6.29
C MET B 21 -15.52 20.05 5.19
N PHE B 22 -14.87 19.29 4.32
CA PHE B 22 -15.55 18.62 3.21
C PHE B 22 -15.15 17.16 3.13
N ASP B 23 -15.86 16.39 2.31
CA ASP B 23 -15.54 14.98 2.12
C ASP B 23 -14.28 14.85 1.26
N VAL B 24 -14.33 15.42 0.06
CA VAL B 24 -13.22 15.37 -0.87
C VAL B 24 -12.83 16.78 -1.29
N VAL B 25 -11.54 17.04 -1.31
CA VAL B 25 -11.02 18.34 -1.75
C VAL B 25 -10.24 18.10 -3.04
N VAL B 26 -10.63 18.80 -4.10
CA VAL B 26 -9.99 18.67 -5.40
C VAL B 26 -9.11 19.84 -5.74
N ILE B 27 -7.82 19.58 -5.91
CA ILE B 27 -6.88 20.63 -6.25
C ILE B 27 -6.83 20.71 -7.76
N GLY B 28 -7.35 21.80 -8.31
CA GLY B 28 -7.32 21.95 -9.75
C GLY B 28 -8.65 22.29 -10.38
N GLY B 29 -8.77 23.53 -10.86
CA GLY B 29 -10.00 23.96 -11.49
C GLY B 29 -9.89 23.78 -12.99
N GLY B 30 -9.24 22.69 -13.40
CA GLY B 30 -9.11 22.42 -14.82
C GLY B 30 -10.26 21.54 -15.25
N ILE B 31 -10.26 21.11 -16.51
CA ILE B 31 -11.33 20.24 -16.95
C ILE B 31 -11.31 19.00 -16.07
N SER B 32 -10.17 18.32 -16.06
CA SER B 32 -10.03 17.10 -15.26
C SER B 32 -10.45 17.36 -13.83
N GLY B 33 -10.15 18.55 -13.32
CA GLY B 33 -10.52 18.87 -11.95
C GLY B 33 -12.02 18.87 -11.77
N LEU B 34 -12.67 19.77 -12.50
CA LEU B 34 -14.12 19.91 -12.46
C LEU B 34 -14.81 18.57 -12.75
N ALA B 35 -14.43 17.94 -13.86
CA ALA B 35 -15.01 16.65 -14.22
C ALA B 35 -15.19 15.81 -12.96
N ALA B 36 -14.11 15.68 -12.19
CA ALA B 36 -14.14 14.90 -10.97
C ALA B 36 -15.10 15.56 -10.00
N ALA B 37 -14.92 16.85 -9.79
CA ALA B 37 -15.79 17.58 -8.88
C ALA B 37 -17.24 17.33 -9.23
N LYS B 38 -17.55 17.40 -10.53
CA LYS B 38 -18.92 17.17 -10.98
C LYS B 38 -19.36 15.81 -10.52
N LEU B 39 -18.81 14.78 -11.15
CA LEU B 39 -19.16 13.41 -10.82
C LEU B 39 -19.31 13.20 -9.32
N LEU B 40 -18.44 13.80 -8.53
CA LEU B 40 -18.51 13.62 -7.09
C LEU B 40 -19.75 14.22 -6.48
N SER B 41 -20.15 15.39 -7.00
CA SER B 41 -21.33 16.07 -6.48
C SER B 41 -22.58 15.27 -6.84
N GLU B 42 -22.58 14.73 -8.06
CA GLU B 42 -23.72 13.94 -8.54
C GLU B 42 -23.94 12.72 -7.65
N TYR B 43 -22.92 12.33 -6.89
CA TYR B 43 -23.03 11.20 -5.97
C TYR B 43 -23.31 11.75 -4.58
N LYS B 44 -23.80 12.98 -4.55
CA LYS B 44 -24.15 13.69 -3.31
C LYS B 44 -23.00 13.79 -2.32
N ILE B 45 -21.78 13.91 -2.84
CA ILE B 45 -20.60 14.03 -1.99
C ILE B 45 -20.19 15.48 -1.84
N ASN B 46 -19.94 15.88 -0.60
CA ASN B 46 -19.54 17.24 -0.30
C ASN B 46 -18.08 17.46 -0.71
N VAL B 47 -17.90 17.93 -1.94
CA VAL B 47 -16.58 18.15 -2.47
C VAL B 47 -16.27 19.62 -2.66
N LEU B 48 -15.02 19.98 -2.41
CA LEU B 48 -14.56 21.35 -2.58
C LEU B 48 -13.52 21.38 -3.69
N VAL B 49 -13.44 22.50 -4.41
CA VAL B 49 -12.48 22.60 -5.49
C VAL B 49 -11.71 23.90 -5.41
N LEU B 50 -10.42 23.78 -5.12
CA LEU B 50 -9.54 24.94 -5.03
C LEU B 50 -8.81 25.16 -6.35
N GLU B 51 -8.88 26.39 -6.86
CA GLU B 51 -8.22 26.77 -8.10
C GLU B 51 -7.29 27.95 -7.79
N ALA B 52 -6.09 27.92 -8.37
CA ALA B 52 -5.11 28.96 -8.11
C ALA B 52 -5.30 30.24 -8.94
N ARG B 53 -5.76 30.08 -10.17
CA ARG B 53 -5.97 31.22 -11.05
C ARG B 53 -7.22 31.98 -10.66
N ASP B 54 -7.38 33.19 -11.19
CA ASP B 54 -8.56 33.99 -10.90
C ASP B 54 -9.69 33.53 -11.82
N ARG B 55 -9.42 32.47 -12.58
CA ARG B 55 -10.40 31.90 -13.50
C ARG B 55 -10.42 30.39 -13.38
N VAL B 56 -11.07 29.75 -14.34
CA VAL B 56 -11.16 28.29 -14.37
C VAL B 56 -10.94 27.83 -15.82
N GLY B 57 -10.57 26.57 -15.99
CA GLY B 57 -10.33 26.06 -17.33
C GLY B 57 -8.85 25.75 -17.52
N GLY B 58 -8.01 26.43 -16.75
CA GLY B 58 -6.57 26.21 -16.83
C GLY B 58 -6.02 26.24 -18.23
N ARG B 59 -5.33 25.18 -18.62
CA ARG B 59 -4.73 25.08 -19.95
C ARG B 59 -5.70 25.30 -21.09
N THR B 60 -6.98 25.30 -20.75
CA THR B 60 -8.02 25.56 -21.74
C THR B 60 -8.43 26.98 -21.32
N TYR B 61 -8.42 27.93 -22.24
CA TYR B 61 -8.74 29.31 -21.88
C TYR B 61 -9.33 30.11 -23.04
N THR B 62 -10.58 30.53 -22.90
CA THR B 62 -11.22 31.28 -23.97
C THR B 62 -11.20 32.78 -23.73
N VAL B 63 -10.43 33.49 -24.55
CA VAL B 63 -10.30 34.93 -24.44
C VAL B 63 -11.46 35.60 -25.15
N ARG B 64 -12.03 36.59 -24.47
CA ARG B 64 -13.16 37.32 -25.03
C ARG B 64 -12.95 38.84 -25.02
N ASN B 65 -13.13 39.43 -26.21
CA ASN B 65 -13.02 40.86 -26.42
C ASN B 65 -13.80 41.13 -27.70
N GLU B 66 -14.13 42.39 -27.95
CA GLU B 66 -14.90 42.73 -29.14
C GLU B 66 -14.17 42.43 -30.44
N HIS B 67 -12.84 42.53 -30.40
CA HIS B 67 -12.01 42.28 -31.58
C HIS B 67 -12.08 40.85 -32.12
N VAL B 68 -12.49 39.90 -31.28
CA VAL B 68 -12.54 38.50 -31.70
C VAL B 68 -13.76 37.75 -31.18
N LYS B 69 -14.55 38.40 -30.33
CA LYS B 69 -15.74 37.78 -29.74
C LYS B 69 -15.29 36.68 -28.78
N TRP B 70 -14.86 35.55 -29.33
CA TRP B 70 -14.37 34.45 -28.51
C TRP B 70 -13.27 33.68 -29.26
N VAL B 71 -12.22 33.29 -28.52
CA VAL B 71 -11.12 32.54 -29.09
C VAL B 71 -10.46 31.62 -28.08
N ASP B 72 -10.23 30.38 -28.50
CA ASP B 72 -9.58 29.41 -27.64
C ASP B 72 -8.09 29.69 -27.79
N VAL B 73 -7.52 30.30 -26.76
CA VAL B 73 -6.11 30.64 -26.78
C VAL B 73 -5.32 29.48 -26.18
N GLY B 74 -6.03 28.45 -25.75
CA GLY B 74 -5.41 27.26 -25.19
C GLY B 74 -5.91 25.99 -25.87
N GLY B 75 -6.41 25.04 -25.09
CA GLY B 75 -6.91 23.82 -25.68
C GLY B 75 -8.08 24.19 -26.57
N ALA B 76 -8.28 23.49 -27.70
CA ALA B 76 -9.37 23.86 -28.59
C ALA B 76 -10.00 22.79 -29.46
N TYR B 77 -9.18 21.93 -30.07
CA TYR B 77 -9.67 20.87 -30.96
C TYR B 77 -10.08 19.55 -30.32
N VAL B 78 -11.12 18.95 -30.88
CA VAL B 78 -11.64 17.67 -30.42
C VAL B 78 -11.87 16.85 -31.68
N GLY B 79 -11.99 15.54 -31.55
CA GLY B 79 -12.19 14.73 -32.73
C GLY B 79 -12.83 13.37 -32.54
N PRO B 80 -12.91 12.60 -33.62
CA PRO B 80 -13.48 11.26 -33.74
C PRO B 80 -13.48 10.34 -32.53
N THR B 81 -12.33 10.03 -31.96
CA THR B 81 -12.36 9.11 -30.82
C THR B 81 -12.42 9.74 -29.43
N GLN B 82 -12.45 11.07 -29.37
CA GLN B 82 -12.49 11.77 -28.10
C GLN B 82 -13.87 11.78 -27.43
N ASN B 83 -14.52 10.62 -27.47
CA ASN B 83 -15.86 10.46 -26.91
C ASN B 83 -16.13 11.10 -25.55
N ARG B 84 -15.24 10.87 -24.58
CA ARG B 84 -15.43 11.42 -23.24
C ARG B 84 -15.66 12.92 -23.24
N ILE B 85 -14.80 13.68 -23.90
CA ILE B 85 -14.99 15.12 -23.90
C ILE B 85 -16.26 15.51 -24.64
N LEU B 86 -16.47 14.92 -25.81
CA LEU B 86 -17.65 15.22 -26.62
C LEU B 86 -18.93 15.07 -25.80
N ARG B 87 -19.06 13.92 -25.14
CA ARG B 87 -20.22 13.63 -24.30
C ARG B 87 -20.45 14.72 -23.24
N LEU B 88 -19.42 15.01 -22.47
CA LEU B 88 -19.50 16.01 -21.41
C LEU B 88 -19.78 17.37 -22.02
N SER B 89 -19.19 17.61 -23.18
CA SER B 89 -19.36 18.88 -23.89
C SER B 89 -20.85 19.07 -24.22
N LYS B 90 -21.43 18.06 -24.85
CA LYS B 90 -22.83 18.08 -25.24
C LYS B 90 -23.71 18.28 -24.01
N GLU B 91 -23.56 17.41 -23.03
CA GLU B 91 -24.35 17.49 -21.80
C GLU B 91 -24.37 18.92 -21.24
N LEU B 92 -23.28 19.64 -21.43
CA LEU B 92 -23.18 21.01 -20.93
C LEU B 92 -23.79 21.99 -21.93
N GLY B 93 -24.38 21.43 -22.99
CA GLY B 93 -25.00 22.26 -24.01
C GLY B 93 -23.99 23.08 -24.80
N ILE B 94 -22.92 22.43 -25.24
CA ILE B 94 -21.88 23.11 -26.01
C ILE B 94 -21.75 22.41 -27.36
N GLU B 95 -21.78 23.21 -28.43
CA GLU B 95 -21.69 22.67 -29.78
C GLU B 95 -20.30 22.61 -30.38
N THR B 96 -20.15 21.72 -31.36
CA THR B 96 -18.89 21.54 -32.08
C THR B 96 -19.09 21.99 -33.52
N TYR B 97 -18.02 22.45 -34.15
CA TYR B 97 -18.13 22.90 -35.53
C TYR B 97 -16.89 22.44 -36.30
N LYS B 98 -17.11 21.81 -37.46
CA LYS B 98 -16.00 21.32 -38.25
C LYS B 98 -14.96 22.39 -38.64
N VAL B 99 -13.71 21.98 -38.70
CA VAL B 99 -12.62 22.88 -39.06
C VAL B 99 -12.55 22.95 -40.57
N ASN B 100 -12.37 24.16 -41.11
CA ASN B 100 -12.32 24.35 -42.56
C ASN B 100 -11.14 23.66 -43.25
N VAL B 101 -11.44 22.85 -44.25
CA VAL B 101 -10.42 22.14 -45.02
C VAL B 101 -10.91 21.93 -46.46
N ASN B 102 -11.94 22.68 -46.85
CA ASN B 102 -12.49 22.56 -48.19
C ASN B 102 -11.46 22.92 -49.27
N GLU B 103 -10.67 23.95 -49.00
CA GLU B 103 -9.65 24.40 -49.93
C GLU B 103 -8.42 23.48 -49.93
N ARG B 104 -7.31 23.96 -50.47
CA ARG B 104 -6.08 23.19 -50.54
C ARG B 104 -5.17 23.44 -49.34
N LEU B 105 -4.39 22.43 -48.99
CA LEU B 105 -3.44 22.56 -47.90
C LEU B 105 -2.14 22.91 -48.58
N VAL B 106 -1.17 23.40 -47.82
CA VAL B 106 0.10 23.75 -48.43
C VAL B 106 1.28 23.42 -47.54
N GLN B 107 2.33 22.94 -48.19
CA GLN B 107 3.57 22.58 -47.53
C GLN B 107 4.63 23.56 -47.99
N TYR B 108 5.32 24.19 -47.05
CA TYR B 108 6.36 25.15 -47.38
C TYR B 108 7.71 24.52 -47.13
N VAL B 109 8.40 24.10 -48.19
CA VAL B 109 9.71 23.50 -48.03
C VAL B 109 10.77 24.30 -48.75
N LYS B 110 11.97 24.30 -48.19
CA LYS B 110 13.12 25.02 -48.75
C LYS B 110 12.75 26.05 -49.81
N GLY B 111 12.41 25.57 -51.00
CA GLY B 111 12.01 26.47 -52.08
C GLY B 111 10.78 27.26 -51.66
N LYS B 112 9.63 26.96 -52.26
CA LYS B 112 8.42 27.68 -51.91
C LYS B 112 7.26 26.80 -51.48
N THR B 113 6.05 27.27 -51.77
CA THR B 113 4.83 26.55 -51.39
C THR B 113 4.36 25.53 -52.42
N TYR B 114 3.87 24.40 -51.93
CA TYR B 114 3.39 23.31 -52.77
C TYR B 114 2.00 22.88 -52.30
N PRO B 115 0.97 23.20 -53.10
CA PRO B 115 -0.40 22.83 -52.74
C PRO B 115 -0.54 21.32 -52.68
N PHE B 116 -1.53 20.84 -51.93
CA PHE B 116 -1.75 19.41 -51.80
C PHE B 116 -3.04 19.12 -51.06
N ARG B 117 -3.50 17.87 -51.17
CA ARG B 117 -4.74 17.46 -50.51
C ARG B 117 -4.51 16.11 -49.80
N GLY B 118 -5.14 15.95 -48.64
CA GLY B 118 -4.99 14.71 -47.89
C GLY B 118 -4.51 14.83 -46.45
N ALA B 119 -4.10 13.69 -45.88
CA ALA B 119 -3.60 13.64 -44.51
C ALA B 119 -2.26 14.36 -44.44
N PHE B 120 -1.20 13.63 -44.74
CA PHE B 120 0.14 14.19 -44.74
C PHE B 120 0.45 14.79 -46.11
N PRO B 121 1.47 15.64 -46.19
CA PRO B 121 1.81 16.23 -47.48
C PRO B 121 2.32 15.09 -48.33
N PRO B 122 2.46 15.31 -49.64
CA PRO B 122 2.97 14.22 -50.47
C PRO B 122 4.46 14.37 -50.72
N VAL B 123 5.16 13.25 -50.86
CA VAL B 123 6.60 13.27 -51.15
C VAL B 123 6.76 12.58 -52.50
N TRP B 124 7.39 13.25 -53.45
CA TRP B 124 7.56 12.68 -54.78
C TRP B 124 8.85 11.93 -55.09
N ASN B 125 9.90 12.16 -54.32
CA ASN B 125 11.15 11.44 -54.54
C ASN B 125 10.90 9.98 -54.11
N PRO B 126 11.11 9.02 -55.02
CA PRO B 126 10.89 7.60 -54.73
C PRO B 126 11.49 7.15 -53.40
N LEU B 127 12.81 7.28 -53.26
CA LEU B 127 13.48 6.87 -52.04
C LEU B 127 12.86 7.51 -50.82
N ALA B 128 12.73 8.84 -50.86
CA ALA B 128 12.11 9.54 -49.75
C ALA B 128 10.77 8.87 -49.47
N TYR B 129 9.90 8.86 -50.49
CA TYR B 129 8.58 8.27 -50.36
C TYR B 129 8.61 6.95 -49.58
N LEU B 130 9.52 6.06 -49.93
CA LEU B 130 9.61 4.79 -49.23
C LEU B 130 9.99 4.99 -47.77
N ASP B 131 11.05 5.77 -47.54
CA ASP B 131 11.55 6.06 -46.20
C ASP B 131 10.48 6.73 -45.36
N TYR B 132 9.88 7.76 -45.94
CA TYR B 132 8.80 8.55 -45.33
C TYR B 132 7.67 7.63 -44.89
N ASN B 133 7.18 6.80 -45.81
CA ASN B 133 6.12 5.87 -45.50
C ASN B 133 6.55 4.90 -44.41
N ASN B 134 7.72 4.28 -44.60
CA ASN B 134 8.27 3.33 -43.65
C ASN B 134 8.25 3.94 -42.25
N LEU B 135 8.59 5.22 -42.19
CA LEU B 135 8.59 5.94 -40.93
C LEU B 135 7.28 5.71 -40.21
N TRP B 136 6.27 6.50 -40.54
CA TRP B 136 4.94 6.42 -39.95
C TRP B 136 4.53 4.97 -39.64
N ARG B 137 4.60 4.11 -40.65
CA ARG B 137 4.22 2.72 -40.45
C ARG B 137 4.99 2.10 -39.29
N THR B 138 6.30 2.29 -39.27
CA THR B 138 7.13 1.74 -38.20
C THR B 138 6.73 2.27 -36.83
N MET B 139 6.57 3.58 -36.72
CA MET B 139 6.20 4.17 -35.45
C MET B 139 4.93 3.53 -34.91
N ASP B 140 4.00 3.23 -35.80
CA ASP B 140 2.75 2.62 -35.39
C ASP B 140 2.96 1.15 -35.04
N GLU B 141 3.89 0.49 -35.75
CA GLU B 141 4.16 -0.92 -35.49
C GLU B 141 4.71 -1.06 -34.08
N MET B 142 5.65 -0.19 -33.75
CA MET B 142 6.28 -0.19 -32.44
C MET B 142 5.24 0.15 -31.38
N GLY B 143 4.36 1.08 -31.72
CA GLY B 143 3.31 1.49 -30.81
C GLY B 143 2.41 0.35 -30.38
N LYS B 144 1.94 -0.44 -31.34
CA LYS B 144 1.06 -1.57 -31.05
C LYS B 144 1.61 -2.45 -29.96
N GLU B 145 2.93 -2.41 -29.79
CA GLU B 145 3.62 -3.23 -28.80
C GLU B 145 3.61 -2.63 -27.39
N ILE B 146 3.09 -1.42 -27.26
CA ILE B 146 3.05 -0.73 -25.97
C ILE B 146 1.69 -0.71 -25.25
N PRO B 147 1.66 -1.10 -23.98
CA PRO B 147 0.42 -1.11 -23.20
C PRO B 147 -0.04 0.33 -22.87
N VAL B 148 -1.09 0.76 -23.54
CA VAL B 148 -1.64 2.09 -23.34
C VAL B 148 -1.71 2.55 -21.87
N ASP B 149 -2.11 1.66 -20.98
CA ASP B 149 -2.23 1.98 -19.56
C ASP B 149 -0.95 1.74 -18.77
N ALA B 150 0.06 1.19 -19.45
CA ALA B 150 1.31 0.89 -18.79
C ALA B 150 2.51 0.85 -19.73
N PRO B 151 2.88 1.99 -20.31
CA PRO B 151 4.01 2.08 -21.23
C PRO B 151 5.19 1.22 -20.79
N TRP B 152 5.61 1.45 -19.55
CA TRP B 152 6.74 0.75 -18.96
C TRP B 152 6.68 -0.76 -19.00
N GLN B 153 5.53 -1.30 -19.40
CA GLN B 153 5.38 -2.74 -19.44
C GLN B 153 5.69 -3.37 -20.81
N ALA B 154 5.89 -2.53 -21.82
CA ALA B 154 6.18 -3.01 -23.16
C ALA B 154 7.36 -3.98 -23.21
N ARG B 155 7.38 -4.82 -24.25
CA ARG B 155 8.44 -5.80 -24.40
C ARG B 155 9.79 -5.10 -24.44
N HIS B 156 10.08 -4.45 -25.55
CA HIS B 156 11.35 -3.75 -25.71
C HIS B 156 11.33 -2.43 -24.93
N ALA B 157 10.56 -2.39 -23.86
CA ALA B 157 10.40 -1.19 -23.05
C ALA B 157 11.71 -0.58 -22.55
N GLN B 158 12.59 -1.40 -21.99
CA GLN B 158 13.83 -0.87 -21.46
C GLN B 158 14.79 -0.38 -22.52
N GLU B 159 14.98 -1.14 -23.58
CA GLU B 159 15.87 -0.72 -24.65
C GLU B 159 15.43 0.64 -25.23
N TRP B 160 14.14 0.79 -25.47
CA TRP B 160 13.61 2.00 -26.08
C TRP B 160 13.70 3.25 -25.22
N ASP B 161 13.35 3.14 -23.95
CA ASP B 161 13.36 4.31 -23.09
C ASP B 161 14.75 4.89 -22.88
N LYS B 162 15.79 4.23 -23.38
CA LYS B 162 17.16 4.74 -23.22
C LYS B 162 17.51 5.51 -24.47
N MET B 163 16.60 5.46 -25.42
CA MET B 163 16.80 6.08 -26.71
C MET B 163 15.97 7.34 -26.92
N THR B 164 16.65 8.41 -27.32
CA THR B 164 16.00 9.68 -27.62
C THR B 164 15.15 9.56 -28.90
N MET B 165 14.03 10.25 -28.96
CA MET B 165 13.19 10.17 -30.16
C MET B 165 14.00 10.48 -31.40
N LYS B 166 15.06 11.25 -31.22
CA LYS B 166 15.94 11.58 -32.33
C LYS B 166 16.64 10.27 -32.67
N ASP B 167 17.45 9.79 -31.72
CA ASP B 167 18.19 8.54 -31.88
C ASP B 167 17.36 7.61 -32.74
N LEU B 168 16.13 7.37 -32.31
CA LEU B 168 15.22 6.48 -33.02
C LEU B 168 14.95 6.96 -34.44
N ILE B 169 14.58 8.23 -34.57
CA ILE B 169 14.29 8.76 -35.89
C ILE B 169 15.48 8.59 -36.83
N ASP B 170 16.68 8.95 -36.38
CA ASP B 170 17.87 8.83 -37.22
C ASP B 170 18.29 7.40 -37.48
N LYS B 171 17.69 6.46 -36.75
CA LYS B 171 18.03 5.06 -36.88
C LYS B 171 17.11 4.35 -37.87
N ILE B 172 16.04 5.03 -38.28
CA ILE B 172 15.08 4.45 -39.22
C ILE B 172 14.78 5.32 -40.43
N CYS B 173 15.37 6.51 -40.49
CA CYS B 173 15.17 7.42 -41.62
C CYS B 173 16.47 7.56 -42.38
N TRP B 174 16.48 7.12 -43.63
CA TRP B 174 17.66 7.20 -44.48
C TRP B 174 17.66 8.49 -45.29
N THR B 175 16.48 9.08 -45.41
CA THR B 175 16.30 10.32 -46.15
C THR B 175 16.34 11.54 -45.23
N LYS B 176 17.24 12.48 -45.51
CA LYS B 176 17.33 13.68 -44.72
C LYS B 176 15.94 14.31 -44.67
N THR B 177 15.16 14.04 -45.71
CA THR B 177 13.81 14.56 -45.81
C THR B 177 12.89 13.92 -44.77
N ALA B 178 12.61 12.65 -44.97
CA ALA B 178 11.74 11.90 -44.07
C ALA B 178 12.17 12.07 -42.61
N ARG B 179 13.45 12.35 -42.40
CA ARG B 179 13.98 12.54 -41.06
C ARG B 179 13.57 13.89 -40.48
N GLU B 180 13.94 14.99 -41.15
CA GLU B 180 13.58 16.32 -40.68
C GLU B 180 12.08 16.38 -40.46
N PHE B 181 11.33 15.68 -41.31
CA PHE B 181 9.89 15.65 -41.21
C PHE B 181 9.51 14.99 -39.89
N ALA B 182 10.15 13.87 -39.61
CA ALA B 182 9.90 13.15 -38.37
C ALA B 182 10.03 14.16 -37.23
N TYR B 183 11.17 14.84 -37.18
CA TYR B 183 11.43 15.84 -36.14
C TYR B 183 10.20 16.74 -35.97
N LEU B 184 9.84 17.44 -37.05
CA LEU B 184 8.69 18.32 -37.03
C LEU B 184 7.47 17.64 -36.37
N PHE B 185 7.15 16.43 -36.84
CA PHE B 185 6.03 15.67 -36.30
C PHE B 185 6.13 15.69 -34.77
N VAL B 186 7.33 15.43 -34.27
CA VAL B 186 7.58 15.43 -32.84
C VAL B 186 7.29 16.82 -32.27
N ASN B 187 7.85 17.85 -32.91
CA ASN B 187 7.64 19.21 -32.44
C ASN B 187 6.17 19.54 -32.35
N ILE B 188 5.45 19.27 -33.43
CA ILE B 188 4.04 19.58 -33.50
C ILE B 188 3.16 18.87 -32.48
N ASN B 189 3.45 17.59 -32.22
CA ASN B 189 2.66 16.80 -31.28
C ASN B 189 3.07 16.84 -29.81
N VAL B 190 4.29 17.27 -29.53
CA VAL B 190 4.77 17.29 -28.15
C VAL B 190 5.40 18.61 -27.72
N THR B 191 5.38 19.58 -28.61
CA THR B 191 5.93 20.90 -28.33
C THR B 191 7.33 20.81 -27.74
N SER B 192 8.11 19.84 -28.22
CA SER B 192 9.46 19.64 -27.75
C SER B 192 10.30 19.06 -28.87
N GLU B 193 11.61 19.13 -28.72
CA GLU B 193 12.50 18.61 -29.75
C GLU B 193 12.70 17.12 -29.62
N PRO B 194 12.81 16.43 -30.76
CA PRO B 194 13.01 14.97 -30.81
C PRO B 194 14.16 14.45 -29.95
N HIS B 195 15.15 15.30 -29.69
CA HIS B 195 16.29 14.89 -28.88
C HIS B 195 16.08 15.16 -27.39
N GLU B 196 14.96 15.79 -27.05
CA GLU B 196 14.65 16.11 -25.66
C GLU B 196 13.80 15.02 -25.01
N VAL B 197 13.04 14.29 -25.83
CA VAL B 197 12.14 13.26 -25.31
C VAL B 197 12.50 11.81 -25.55
N SER B 198 11.90 10.95 -24.73
CA SER B 198 12.11 9.52 -24.79
C SER B 198 11.36 8.87 -25.93
N ALA B 199 12.08 8.14 -26.76
CA ALA B 199 11.47 7.44 -27.86
C ALA B 199 10.32 6.58 -27.32
N LEU B 200 10.59 5.80 -26.27
CA LEU B 200 9.57 4.95 -25.70
C LEU B 200 8.32 5.74 -25.37
N TRP B 201 8.49 6.83 -24.64
CA TRP B 201 7.36 7.67 -24.26
C TRP B 201 6.56 8.17 -25.45
N PHE B 202 7.26 8.78 -26.40
CA PHE B 202 6.61 9.32 -27.57
C PHE B 202 5.77 8.26 -28.28
N LEU B 203 6.43 7.15 -28.64
CA LEU B 203 5.76 6.05 -29.33
C LEU B 203 4.44 5.76 -28.65
N TRP B 204 4.45 5.84 -27.33
CA TRP B 204 3.26 5.61 -26.53
C TRP B 204 2.27 6.73 -26.76
N TYR B 205 2.72 7.97 -26.55
CA TYR B 205 1.85 9.13 -26.71
C TYR B 205 1.04 9.03 -28.00
N VAL B 206 1.71 8.71 -29.09
CA VAL B 206 1.02 8.59 -30.37
C VAL B 206 0.06 7.42 -30.34
N ARG B 207 0.54 6.26 -29.92
CA ARG B 207 -0.31 5.08 -29.84
C ARG B 207 -1.53 5.35 -28.97
N GLN B 208 -1.29 5.91 -27.78
CA GLN B 208 -2.39 6.19 -26.85
C GLN B 208 -3.45 7.10 -27.46
N CYS B 209 -3.12 7.77 -28.57
CA CYS B 209 -4.08 8.66 -29.21
C CYS B 209 -4.77 8.02 -30.39
N GLY B 210 -4.20 6.93 -30.90
CA GLY B 210 -4.82 6.27 -32.03
C GLY B 210 -3.92 6.22 -33.25
N GLY B 211 -2.61 6.17 -33.01
CA GLY B 211 -1.67 6.10 -34.12
C GLY B 211 -1.47 7.41 -34.86
N THR B 212 -0.33 7.51 -35.53
CA THR B 212 0.03 8.70 -36.28
C THR B 212 -1.14 9.28 -37.05
N ALA B 213 -1.75 8.44 -37.89
CA ALA B 213 -2.88 8.85 -38.71
C ALA B 213 -3.86 9.75 -37.96
N ARG B 214 -4.45 9.23 -36.89
CA ARG B 214 -5.42 9.99 -36.12
C ARG B 214 -4.87 11.23 -35.45
N ILE B 215 -3.78 11.07 -34.71
CA ILE B 215 -3.20 12.19 -33.97
C ILE B 215 -2.87 13.40 -34.83
N PHE B 216 -2.77 13.19 -36.13
CA PHE B 216 -2.39 14.26 -37.04
C PHE B 216 -3.50 14.73 -37.99
N SER B 217 -4.29 13.78 -38.49
CA SER B 217 -5.38 14.11 -39.41
C SER B 217 -6.34 15.18 -38.88
N VAL B 218 -6.89 15.94 -39.80
CA VAL B 218 -7.80 16.97 -39.44
C VAL B 218 -9.19 16.52 -39.90
N THR B 219 -9.24 15.94 -41.09
CA THR B 219 -10.46 15.43 -41.71
C THR B 219 -11.12 14.31 -40.91
N ASN B 220 -10.30 13.53 -40.20
CA ASN B 220 -10.82 12.44 -39.39
C ASN B 220 -9.98 12.28 -38.13
N GLY B 221 -9.18 13.31 -37.85
CA GLY B 221 -8.31 13.28 -36.69
C GLY B 221 -8.76 14.12 -35.53
N GLY B 222 -7.88 14.25 -34.53
CA GLY B 222 -8.21 15.01 -33.34
C GLY B 222 -8.29 16.49 -33.60
N GLN B 223 -8.02 16.89 -34.83
CA GLN B 223 -8.06 18.29 -35.21
C GLN B 223 -9.26 18.50 -36.13
N GLU B 224 -10.27 17.65 -36.01
CA GLU B 224 -11.44 17.74 -36.87
C GLU B 224 -12.36 18.91 -36.59
N ARG B 225 -12.56 19.25 -35.32
CA ARG B 225 -13.45 20.35 -35.01
C ARG B 225 -13.23 21.00 -33.65
N LYS B 226 -13.77 22.21 -33.50
CA LYS B 226 -13.66 23.00 -32.26
C LYS B 226 -15.02 23.20 -31.60
N PHE B 227 -15.03 23.92 -30.48
CA PHE B 227 -16.25 24.20 -29.73
C PHE B 227 -16.80 25.58 -30.04
N VAL B 228 -18.07 25.63 -30.40
CA VAL B 228 -18.71 26.89 -30.71
C VAL B 228 -18.90 27.66 -29.41
N GLY B 229 -18.11 28.71 -29.24
CA GLY B 229 -18.22 29.51 -28.04
C GLY B 229 -16.91 29.45 -27.27
N GLY B 230 -16.11 28.44 -27.58
CA GLY B 230 -14.82 28.28 -26.93
C GLY B 230 -14.77 27.10 -25.99
N SER B 231 -13.73 26.29 -26.12
CA SER B 231 -13.56 25.12 -25.29
C SER B 231 -13.58 25.55 -23.82
N GLY B 232 -13.14 26.77 -23.58
CA GLY B 232 -13.09 27.27 -22.22
C GLY B 232 -14.43 27.07 -21.52
N GLN B 233 -15.51 27.30 -22.25
CA GLN B 233 -16.86 27.18 -21.73
C GLN B 233 -17.12 25.93 -20.91
N VAL B 234 -16.56 24.81 -21.34
CA VAL B 234 -16.77 23.55 -20.63
C VAL B 234 -16.46 23.65 -19.13
N SER B 235 -15.37 24.32 -18.79
CA SER B 235 -15.01 24.46 -17.39
C SER B 235 -15.92 25.48 -16.76
N GLU B 236 -16.08 26.61 -17.44
CA GLU B 236 -16.92 27.69 -16.96
C GLU B 236 -18.30 27.15 -16.61
N GLN B 237 -18.87 26.42 -17.55
CA GLN B 237 -20.19 25.83 -17.36
C GLN B 237 -20.18 24.94 -16.13
N ILE B 238 -19.45 23.84 -16.22
CA ILE B 238 -19.36 22.89 -15.13
C ILE B 238 -19.04 23.57 -13.79
N MET B 239 -18.63 24.83 -13.81
CA MET B 239 -18.35 25.53 -12.55
C MET B 239 -19.67 26.08 -12.01
N GLY B 240 -20.51 26.57 -12.92
CA GLY B 240 -21.79 27.11 -12.52
C GLY B 240 -22.66 26.07 -11.83
N LEU B 241 -22.50 24.81 -12.22
CA LEU B 241 -23.29 23.73 -11.62
C LEU B 241 -22.82 23.47 -10.19
N LEU B 242 -21.59 23.87 -9.91
CA LEU B 242 -21.05 23.68 -8.58
C LEU B 242 -21.15 24.98 -7.79
N GLY B 243 -21.00 26.09 -8.50
CA GLY B 243 -21.06 27.41 -7.90
C GLY B 243 -20.27 27.55 -6.62
N ASP B 244 -21.00 27.72 -5.53
CA ASP B 244 -20.44 27.88 -4.19
C ASP B 244 -19.19 27.05 -3.91
N LYS B 245 -19.21 25.77 -4.29
CA LYS B 245 -18.11 24.84 -4.03
C LYS B 245 -16.83 24.90 -4.89
N VAL B 246 -16.53 26.08 -5.43
CA VAL B 246 -15.32 26.25 -6.23
C VAL B 246 -14.65 27.58 -5.89
N LYS B 247 -13.64 27.53 -5.03
CA LYS B 247 -12.93 28.74 -4.61
C LYS B 247 -11.82 29.12 -5.60
N LEU B 248 -11.92 30.31 -6.17
CA LEU B 248 -10.90 30.78 -7.11
C LEU B 248 -9.77 31.48 -6.37
N SER B 249 -8.71 31.79 -7.10
CA SER B 249 -7.56 32.47 -6.52
C SER B 249 -7.21 31.87 -5.16
N SER B 250 -7.15 30.54 -5.09
CA SER B 250 -6.83 29.85 -3.87
C SER B 250 -5.84 28.72 -4.14
N PRO B 251 -4.58 29.07 -4.39
CA PRO B 251 -3.50 28.11 -4.67
C PRO B 251 -3.20 27.19 -3.49
N VAL B 252 -3.41 25.89 -3.67
CA VAL B 252 -3.12 24.95 -2.59
C VAL B 252 -1.63 25.02 -2.37
N THR B 253 -1.22 24.97 -1.12
CA THR B 253 0.20 25.08 -0.84
C THR B 253 0.70 24.07 0.18
N TYR B 254 -0.22 23.38 0.85
CA TYR B 254 0.14 22.41 1.86
C TYR B 254 -0.92 21.33 2.01
N ILE B 255 -0.47 20.09 2.18
CA ILE B 255 -1.37 18.98 2.38
C ILE B 255 -0.82 18.14 3.51
N ASP B 256 -1.53 18.10 4.62
CA ASP B 256 -1.10 17.32 5.76
C ASP B 256 -2.11 16.19 5.96
N GLN B 257 -1.64 14.95 5.77
CA GLN B 257 -2.55 13.84 5.93
C GLN B 257 -2.07 12.80 6.91
N THR B 258 -1.67 13.25 8.10
CA THR B 258 -1.21 12.32 9.13
C THR B 258 -2.31 12.10 10.14
N ASP B 259 -3.23 13.07 10.22
CA ASP B 259 -4.33 12.99 11.17
C ASP B 259 -5.49 12.22 10.57
N ASP B 260 -6.57 12.08 11.35
CA ASP B 260 -7.75 11.38 10.90
C ASP B 260 -8.42 12.19 9.80
N ASN B 261 -8.18 13.50 9.83
CA ASN B 261 -8.73 14.43 8.85
C ASN B 261 -7.58 15.05 8.08
N ILE B 262 -7.72 15.15 6.77
CA ILE B 262 -6.65 15.72 5.95
C ILE B 262 -6.72 17.23 5.97
N ILE B 263 -5.58 17.85 6.24
CA ILE B 263 -5.50 19.31 6.28
C ILE B 263 -5.06 19.80 4.91
N VAL B 264 -5.54 20.97 4.53
CA VAL B 264 -5.20 21.55 3.25
C VAL B 264 -5.26 23.06 3.40
N GLU B 265 -4.11 23.70 3.40
CA GLU B 265 -4.07 25.14 3.53
C GLU B 265 -3.66 25.72 2.18
N THR B 266 -4.12 26.93 1.89
CA THR B 266 -3.78 27.57 0.62
C THR B 266 -2.81 28.74 0.83
N LEU B 267 -2.72 29.58 -0.19
CA LEU B 267 -1.85 30.73 -0.15
C LEU B 267 -2.63 31.96 0.28
N ASN B 268 -3.96 31.81 0.37
CA ASN B 268 -4.84 32.90 0.77
C ASN B 268 -4.88 32.89 2.29
N HIS B 269 -4.17 31.92 2.86
CA HIS B 269 -4.10 31.74 4.31
C HIS B 269 -5.31 30.96 4.79
N GLU B 270 -6.08 30.44 3.83
CA GLU B 270 -7.28 29.65 4.13
C GLU B 270 -6.89 28.26 4.63
N HIS B 271 -7.85 27.55 5.22
CA HIS B 271 -7.61 26.22 5.77
C HIS B 271 -8.85 25.37 5.58
N TYR B 272 -8.67 24.15 5.07
CA TYR B 272 -9.77 23.24 4.84
C TYR B 272 -9.36 21.83 5.24
N GLU B 273 -10.32 21.06 5.77
CA GLU B 273 -10.03 19.69 6.15
C GLU B 273 -10.93 18.79 5.30
N CYS B 274 -10.48 17.57 5.04
CA CYS B 274 -11.23 16.65 4.21
C CYS B 274 -10.81 15.22 4.45
N LYS B 275 -11.59 14.29 3.91
CA LYS B 275 -11.33 12.86 4.07
C LYS B 275 -10.48 12.27 2.94
N TYR B 276 -10.53 12.90 1.78
CA TYR B 276 -9.76 12.43 0.63
C TYR B 276 -9.37 13.60 -0.27
N VAL B 277 -8.28 13.44 -1.02
CA VAL B 277 -7.82 14.49 -1.93
C VAL B 277 -7.55 13.98 -3.34
N ILE B 278 -7.95 14.77 -4.33
CA ILE B 278 -7.73 14.44 -5.73
C ILE B 278 -6.93 15.59 -6.31
N SER B 279 -5.75 15.28 -6.84
CA SER B 279 -4.87 16.28 -7.42
C SER B 279 -5.11 16.32 -8.91
N ALA B 280 -5.75 17.39 -9.38
CA ALA B 280 -6.06 17.55 -10.79
C ALA B 280 -5.15 18.57 -11.44
N ILE B 281 -3.89 18.57 -11.03
CA ILE B 281 -2.92 19.49 -11.60
C ILE B 281 -1.75 18.71 -12.20
N PRO B 282 -1.03 19.33 -13.14
CA PRO B 282 0.12 18.75 -13.83
C PRO B 282 1.14 18.21 -12.86
N PRO B 283 1.69 17.02 -13.14
CA PRO B 283 2.68 16.36 -12.30
C PRO B 283 3.77 17.30 -11.82
N ILE B 284 4.39 18.01 -12.75
CA ILE B 284 5.46 18.92 -12.36
C ILE B 284 5.02 19.98 -11.37
N LEU B 285 3.80 20.49 -11.53
CA LEU B 285 3.26 21.51 -10.64
C LEU B 285 2.86 20.98 -9.27
N THR B 286 2.90 19.66 -9.13
CA THR B 286 2.58 19.02 -7.88
C THR B 286 3.57 19.52 -6.84
N ALA B 287 4.73 19.95 -7.29
CA ALA B 287 5.78 20.43 -6.40
C ALA B 287 5.48 21.80 -5.79
N LYS B 288 4.51 22.52 -6.34
CA LYS B 288 4.17 23.83 -5.77
C LYS B 288 3.55 23.58 -4.39
N ILE B 289 3.33 22.30 -4.10
CA ILE B 289 2.73 21.87 -2.84
C ILE B 289 3.72 21.24 -1.84
N HIS B 290 3.55 21.54 -0.57
CA HIS B 290 4.42 20.98 0.46
C HIS B 290 3.61 19.90 1.13
N PHE B 291 4.11 18.68 1.07
CA PHE B 291 3.39 17.55 1.66
C PHE B 291 3.84 17.20 3.06
N LYS B 292 2.88 16.91 3.92
CA LYS B 292 3.21 16.57 5.28
C LYS B 292 4.05 15.30 5.27
N PRO B 293 3.42 14.12 5.16
CA PRO B 293 4.32 12.96 5.15
C PRO B 293 5.01 13.04 3.81
N GLU B 294 6.26 13.48 3.80
CA GLU B 294 7.02 13.61 2.55
C GLU B 294 6.61 12.48 1.62
N LEU B 295 6.31 12.80 0.38
CA LEU B 295 5.88 11.77 -0.56
C LEU B 295 6.98 10.74 -0.72
N PRO B 296 6.61 9.54 -1.14
CA PRO B 296 7.55 8.45 -1.34
C PRO B 296 8.62 8.84 -2.34
N PRO B 297 9.82 8.26 -2.24
CA PRO B 297 10.89 8.59 -3.17
C PRO B 297 10.37 8.57 -4.61
N GLU B 298 9.94 7.40 -5.06
CA GLU B 298 9.42 7.25 -6.42
C GLU B 298 8.66 8.46 -6.92
N ARG B 299 7.58 8.83 -6.23
CA ARG B 299 6.78 9.97 -6.66
C ARG B 299 7.62 11.23 -6.56
N ASN B 300 8.14 11.50 -5.36
CA ASN B 300 8.97 12.67 -5.09
C ASN B 300 9.96 12.85 -6.21
N GLN B 301 10.63 11.76 -6.54
CA GLN B 301 11.61 11.75 -7.57
C GLN B 301 10.99 12.01 -8.95
N LEU B 302 9.86 11.38 -9.25
CA LEU B 302 9.18 11.53 -10.54
C LEU B 302 8.62 12.92 -10.74
N ILE B 303 8.05 13.50 -9.71
CA ILE B 303 7.46 14.81 -9.82
C ILE B 303 8.46 15.88 -10.30
N GLN B 304 9.73 15.52 -10.41
CA GLN B 304 10.73 16.48 -10.88
C GLN B 304 11.38 16.06 -12.19
N ARG B 305 10.63 15.30 -12.99
CA ARG B 305 11.15 14.82 -14.26
C ARG B 305 10.12 14.87 -15.37
N LEU B 306 8.98 15.49 -15.10
CA LEU B 306 7.93 15.55 -16.13
C LEU B 306 7.62 17.00 -16.50
N PRO B 307 8.50 17.59 -17.33
CA PRO B 307 8.47 18.97 -17.85
C PRO B 307 7.31 19.25 -18.79
N MET B 308 6.88 20.50 -18.81
CA MET B 308 5.81 20.90 -19.69
C MET B 308 6.44 21.45 -20.96
N GLY B 309 5.94 21.01 -22.11
CA GLY B 309 6.46 21.48 -23.38
C GLY B 309 6.33 22.99 -23.55
N ALA B 310 6.91 23.50 -24.63
CA ALA B 310 6.87 24.94 -24.91
C ALA B 310 6.17 25.30 -26.22
N VAL B 311 5.20 26.21 -26.12
CA VAL B 311 4.44 26.65 -27.29
C VAL B 311 3.78 28.01 -27.07
N ILE B 312 3.57 28.71 -28.18
CA ILE B 312 2.91 30.00 -28.18
C ILE B 312 1.85 29.88 -29.25
N LYS B 313 0.58 29.89 -28.86
CA LYS B 313 -0.50 29.79 -29.83
C LYS B 313 -0.74 31.21 -30.34
N CYS B 314 -0.77 31.38 -31.66
CA CYS B 314 -0.94 32.70 -32.24
C CYS B 314 -2.00 32.80 -33.33
N MET B 315 -2.95 33.69 -33.11
CA MET B 315 -4.01 33.92 -34.08
C MET B 315 -3.80 35.29 -34.70
N VAL B 316 -3.82 35.33 -36.03
CA VAL B 316 -3.67 36.58 -36.74
C VAL B 316 -4.98 36.80 -37.47
N TYR B 317 -5.58 37.96 -37.25
CA TYR B 317 -6.86 38.26 -37.90
C TYR B 317 -6.71 39.19 -39.08
N TYR B 318 -7.45 38.88 -40.14
CA TYR B 318 -7.46 39.67 -41.35
C TYR B 318 -8.92 40.04 -41.59
N LYS B 319 -9.19 41.00 -42.47
CA LYS B 319 -10.57 41.40 -42.72
C LYS B 319 -11.22 40.43 -43.70
N GLU B 320 -10.40 39.65 -44.40
CA GLU B 320 -10.91 38.73 -45.39
C GLU B 320 -10.00 37.52 -45.53
N ALA B 321 -10.61 36.32 -45.63
CA ALA B 321 -9.88 35.07 -45.79
C ALA B 321 -9.25 34.96 -47.18
N PHE B 322 -8.34 35.90 -47.48
CA PHE B 322 -7.68 35.98 -48.76
C PHE B 322 -7.08 34.67 -49.30
N TRP B 323 -6.82 33.74 -48.40
CA TRP B 323 -6.25 32.46 -48.81
C TRP B 323 -7.29 31.61 -49.52
N LYS B 324 -8.56 31.85 -49.26
CA LYS B 324 -9.61 31.09 -49.91
C LYS B 324 -9.70 31.51 -51.37
N LYS B 325 -9.25 32.73 -51.66
CA LYS B 325 -9.27 33.23 -53.03
C LYS B 325 -8.25 32.51 -53.91
N LYS B 326 -7.41 31.68 -53.29
CA LYS B 326 -6.41 30.93 -54.05
C LYS B 326 -6.59 29.43 -53.84
N ASP B 327 -7.79 29.04 -53.42
CA ASP B 327 -8.10 27.64 -53.16
C ASP B 327 -7.08 27.10 -52.14
N TYR B 328 -6.87 27.87 -51.09
CA TYR B 328 -5.97 27.53 -49.99
C TYR B 328 -6.78 27.69 -48.70
N CYS B 329 -6.80 26.67 -47.85
CA CYS B 329 -7.52 26.81 -46.60
C CYS B 329 -6.41 27.22 -45.64
N GLY B 330 -6.78 27.82 -44.52
CA GLY B 330 -5.79 28.26 -43.55
C GLY B 330 -4.61 27.33 -43.27
N CYS B 331 -4.82 26.02 -43.41
CA CYS B 331 -3.77 25.06 -43.13
C CYS B 331 -2.47 25.15 -43.95
N MET B 332 -1.35 25.22 -43.23
CA MET B 332 -0.02 25.28 -43.82
C MET B 332 0.94 24.46 -42.96
N ILE B 333 1.84 23.75 -43.62
CA ILE B 333 2.84 22.94 -42.91
C ILE B 333 4.22 23.46 -43.31
N ILE B 334 4.73 24.40 -42.51
CA ILE B 334 6.02 25.02 -42.77
C ILE B 334 7.24 24.30 -42.24
N GLU B 335 8.09 23.84 -43.15
CA GLU B 335 9.33 23.15 -42.80
C GLU B 335 10.51 23.99 -43.23
N ASP B 336 10.94 24.90 -42.36
CA ASP B 336 12.07 25.79 -42.68
C ASP B 336 12.62 26.49 -41.45
N GLU B 337 13.77 26.01 -40.97
CA GLU B 337 14.44 26.53 -39.78
C GLU B 337 14.02 27.93 -39.34
N GLU B 338 14.30 28.93 -40.18
CA GLU B 338 13.98 30.33 -39.89
C GLU B 338 12.53 30.64 -39.50
N ALA B 339 11.60 30.15 -40.32
CA ALA B 339 10.17 30.38 -40.11
C ALA B 339 9.69 30.11 -38.67
N PRO B 340 9.00 31.09 -38.07
CA PRO B 340 8.43 31.07 -36.71
C PRO B 340 7.38 29.99 -36.47
N ILE B 341 6.38 29.94 -37.36
CA ILE B 341 5.31 28.96 -37.22
C ILE B 341 5.60 27.67 -37.97
N ALA B 342 5.25 26.55 -37.35
CA ALA B 342 5.45 25.24 -37.94
C ALA B 342 4.20 24.88 -38.73
N ILE B 343 3.05 24.87 -38.06
CA ILE B 343 1.79 24.53 -38.72
C ILE B 343 0.73 25.57 -38.39
N THR B 344 -0.28 25.67 -39.24
CA THR B 344 -1.36 26.63 -39.09
C THR B 344 -2.71 26.05 -39.48
N LEU B 345 -3.77 26.76 -39.12
CA LEU B 345 -5.12 26.34 -39.47
C LEU B 345 -6.02 27.55 -39.62
N ASP B 346 -7.10 27.40 -40.36
CA ASP B 346 -8.05 28.48 -40.56
C ASP B 346 -8.85 28.58 -39.27
N ASP B 347 -8.71 29.68 -38.54
CA ASP B 347 -9.44 29.84 -37.30
C ASP B 347 -10.57 30.84 -37.45
N THR B 348 -11.05 30.99 -38.67
CA THR B 348 -12.17 31.90 -38.94
C THR B 348 -13.37 31.30 -38.25
N LYS B 349 -14.38 32.11 -37.99
CA LYS B 349 -15.58 31.61 -37.32
C LYS B 349 -16.47 30.86 -38.29
N PRO B 350 -17.37 30.01 -37.79
CA PRO B 350 -18.30 29.23 -38.62
C PRO B 350 -19.05 30.08 -39.64
N ASP B 351 -19.60 31.20 -39.18
CA ASP B 351 -20.35 32.11 -40.02
C ASP B 351 -19.45 33.03 -40.85
N GLY B 352 -18.26 32.54 -41.19
CA GLY B 352 -17.33 33.33 -41.97
C GLY B 352 -16.87 34.61 -41.28
N SER B 353 -17.43 34.88 -40.10
CA SER B 353 -17.10 36.07 -39.32
C SER B 353 -15.66 36.05 -38.79
N LEU B 354 -15.01 37.21 -38.85
CA LEU B 354 -13.64 37.37 -38.36
C LEU B 354 -12.67 36.34 -38.88
N PRO B 355 -12.31 36.43 -40.17
CA PRO B 355 -11.37 35.45 -40.71
C PRO B 355 -10.03 35.59 -40.00
N ALA B 356 -9.38 34.46 -39.75
CA ALA B 356 -8.11 34.48 -39.06
C ALA B 356 -7.38 33.15 -39.23
N ILE B 357 -6.07 33.18 -38.97
CA ILE B 357 -5.24 32.00 -39.07
C ILE B 357 -4.51 31.70 -37.78
N MET B 358 -4.68 30.46 -37.31
CA MET B 358 -4.05 30.01 -36.09
C MET B 358 -2.76 29.27 -36.42
N GLY B 359 -1.68 29.68 -35.76
CA GLY B 359 -0.40 29.05 -35.98
C GLY B 359 0.31 28.78 -34.66
N PHE B 360 1.24 27.84 -34.66
CA PHE B 360 2.00 27.48 -33.47
C PHE B 360 3.48 27.74 -33.58
N ILE B 361 4.07 28.19 -32.47
CA ILE B 361 5.50 28.44 -32.37
C ILE B 361 5.94 27.39 -31.35
N LEU B 362 6.68 26.39 -31.81
CA LEU B 362 7.07 25.28 -30.96
C LEU B 362 8.52 25.11 -30.53
N ALA B 363 8.70 24.29 -29.49
CA ALA B 363 10.01 23.96 -28.95
C ALA B 363 11.06 25.07 -29.03
N ARG B 364 12.21 24.78 -29.62
CA ARG B 364 13.28 25.75 -29.74
C ARG B 364 12.79 27.12 -30.14
N LYS B 365 12.00 27.14 -31.21
CA LYS B 365 11.45 28.40 -31.72
C LYS B 365 10.65 29.16 -30.69
N ALA B 366 9.92 28.43 -29.85
CA ALA B 366 9.11 29.06 -28.82
C ALA B 366 9.92 30.08 -28.04
N ASP B 367 10.98 29.64 -27.38
CA ASP B 367 11.79 30.57 -26.62
C ASP B 367 12.48 31.62 -27.47
N ARG B 368 12.94 31.23 -28.65
CA ARG B 368 13.62 32.18 -29.52
C ARG B 368 12.77 33.41 -29.83
N LEU B 369 11.58 33.18 -30.40
CA LEU B 369 10.67 34.27 -30.76
C LEU B 369 10.16 35.05 -29.56
N ALA B 370 10.05 34.39 -28.41
CA ALA B 370 9.58 35.05 -27.21
C ALA B 370 10.54 36.16 -26.78
N LYS B 371 11.75 36.13 -27.32
CA LYS B 371 12.77 37.13 -27.01
C LYS B 371 12.50 38.44 -27.76
N LEU B 372 11.55 38.40 -28.69
CA LEU B 372 11.21 39.58 -29.47
C LEU B 372 10.10 40.38 -28.83
N HIS B 373 9.81 41.53 -29.43
CA HIS B 373 8.73 42.37 -28.95
C HIS B 373 7.46 41.87 -29.64
N LYS B 374 6.34 41.91 -28.92
CA LYS B 374 5.07 41.44 -29.45
C LYS B 374 4.89 41.84 -30.90
N ASP B 375 5.05 43.12 -31.18
CA ASP B 375 4.89 43.64 -32.53
C ASP B 375 5.81 42.96 -33.52
N ILE B 376 7.12 42.92 -33.22
CA ILE B 376 8.08 42.28 -34.11
C ILE B 376 7.63 40.85 -34.43
N ARG B 377 7.40 40.08 -33.38
CA ARG B 377 6.95 38.71 -33.54
C ARG B 377 5.81 38.68 -34.55
N LYS B 378 4.77 39.44 -34.24
CA LYS B 378 3.60 39.53 -35.10
C LYS B 378 4.03 39.70 -36.56
N ARG B 379 4.86 40.71 -36.80
CA ARG B 379 5.35 41.00 -38.14
C ARG B 379 5.94 39.74 -38.73
N LYS B 380 6.99 39.24 -38.09
CA LYS B 380 7.68 38.04 -38.55
C LYS B 380 6.68 37.00 -39.04
N ILE B 381 5.66 36.75 -38.22
CA ILE B 381 4.62 35.78 -38.55
C ILE B 381 3.93 36.13 -39.86
N CYS B 382 3.48 37.38 -39.95
CA CYS B 382 2.81 37.85 -41.16
C CYS B 382 3.70 37.68 -42.36
N GLU B 383 4.91 38.24 -42.28
CA GLU B 383 5.88 38.13 -43.37
C GLU B 383 5.97 36.68 -43.83
N LEU B 384 5.86 35.76 -42.88
CA LEU B 384 5.91 34.34 -43.21
C LEU B 384 4.67 33.98 -44.01
N TYR B 385 3.52 34.08 -43.34
CA TYR B 385 2.25 33.75 -43.98
C TYR B 385 2.18 34.32 -45.38
N ALA B 386 2.79 35.48 -45.57
CA ALA B 386 2.80 36.11 -46.88
C ALA B 386 3.48 35.16 -47.85
N LYS B 387 4.78 35.04 -47.73
CA LYS B 387 5.57 34.17 -48.60
C LYS B 387 4.95 32.78 -48.82
N VAL B 388 4.53 32.15 -47.74
CA VAL B 388 3.94 30.82 -47.83
C VAL B 388 2.72 30.81 -48.75
N LEU B 389 1.79 31.73 -48.48
CA LEU B 389 0.57 31.84 -49.26
C LEU B 389 0.78 32.51 -50.61
N GLY B 390 1.02 33.81 -50.59
CA GLY B 390 1.25 34.54 -51.82
C GLY B 390 0.95 36.02 -51.67
N SER B 391 -0.34 36.35 -51.64
CA SER B 391 -0.78 37.74 -51.51
C SER B 391 -0.20 38.39 -50.27
N GLN B 392 0.27 39.62 -50.43
CA GLN B 392 0.83 40.37 -49.33
C GLN B 392 -0.28 40.81 -48.39
N GLU B 393 -1.50 40.42 -48.72
CA GLU B 393 -2.65 40.75 -47.91
C GLU B 393 -2.39 40.23 -46.51
N ALA B 394 -1.40 39.33 -46.42
CA ALA B 394 -1.00 38.72 -45.16
C ALA B 394 -0.25 39.69 -44.25
N LEU B 395 0.28 40.77 -44.82
CA LEU B 395 1.05 41.74 -44.04
C LEU B 395 0.20 42.79 -43.34
N TYR B 396 -1.10 42.81 -43.64
CA TYR B 396 -2.01 43.80 -43.06
C TYR B 396 -3.10 43.20 -42.20
N PRO B 397 -2.74 42.74 -40.99
CA PRO B 397 -3.70 42.14 -40.08
C PRO B 397 -4.52 43.23 -39.40
N VAL B 398 -5.70 42.88 -38.94
CA VAL B 398 -6.57 43.83 -38.25
C VAL B 398 -6.26 43.70 -36.76
N HIS B 399 -6.34 42.47 -36.26
CA HIS B 399 -6.07 42.17 -34.86
C HIS B 399 -5.16 40.96 -34.72
N TYR B 400 -4.51 40.87 -33.56
CA TYR B 400 -3.58 39.77 -33.28
C TYR B 400 -3.65 39.36 -31.81
N GLU B 401 -3.99 38.10 -31.56
CA GLU B 401 -4.05 37.55 -30.21
C GLU B 401 -3.03 36.43 -30.07
N GLU B 402 -2.32 36.38 -28.95
CA GLU B 402 -1.30 35.35 -28.73
C GLU B 402 -1.24 34.92 -27.28
N LYS B 403 -0.62 33.77 -27.05
CA LYS B 403 -0.45 33.29 -25.69
C LYS B 403 0.79 32.42 -25.60
N ASN B 404 1.71 32.83 -24.74
CA ASN B 404 2.94 32.08 -24.54
C ASN B 404 2.72 31.31 -23.23
N TRP B 405 2.51 30.01 -23.34
CA TRP B 405 2.26 29.21 -22.15
C TRP B 405 3.46 28.91 -21.28
N CYS B 406 4.64 29.33 -21.70
CA CYS B 406 5.81 29.09 -20.89
C CYS B 406 5.74 30.06 -19.70
N GLU B 407 5.07 31.19 -19.91
CA GLU B 407 4.95 32.20 -18.88
C GLU B 407 4.10 31.73 -17.72
N GLU B 408 3.02 31.02 -18.04
CA GLU B 408 2.09 30.56 -17.02
C GLU B 408 2.68 29.80 -15.85
N GLN B 409 2.53 30.38 -14.66
CA GLN B 409 3.04 29.79 -13.44
C GLN B 409 2.30 28.51 -13.08
N TYR B 410 0.98 28.55 -13.20
CA TYR B 410 0.16 27.39 -12.84
C TYR B 410 -0.22 26.45 -13.97
N SER B 411 0.71 26.25 -14.90
CA SER B 411 0.51 25.34 -16.03
C SER B 411 1.83 24.79 -16.52
N GLY B 412 2.87 25.60 -16.45
CA GLY B 412 4.18 25.15 -16.85
C GLY B 412 4.48 25.21 -18.32
N GLY B 413 3.52 24.82 -19.16
CA GLY B 413 3.71 24.82 -20.61
C GLY B 413 2.44 24.24 -21.19
N CYS B 414 2.40 23.78 -22.45
CA CYS B 414 1.10 23.28 -22.87
C CYS B 414 0.71 21.89 -23.35
N TYR B 415 1.23 21.36 -24.44
CA TYR B 415 0.75 20.01 -24.72
C TYR B 415 1.34 19.10 -23.63
N THR B 416 0.68 19.04 -22.47
CA THR B 416 1.16 18.20 -21.35
C THR B 416 2.66 18.17 -21.11
N ALA B 417 3.03 17.20 -20.29
CA ALA B 417 4.41 16.98 -19.93
C ALA B 417 4.93 15.89 -20.82
N TYR B 418 6.25 15.85 -20.97
CA TYR B 418 6.89 14.85 -21.79
C TYR B 418 7.87 14.07 -20.92
N PHE B 419 8.01 12.78 -21.19
CA PHE B 419 8.94 11.95 -20.46
C PHE B 419 10.29 11.97 -21.16
N PRO B 420 11.35 12.33 -20.43
CA PRO B 420 12.67 12.35 -21.06
C PRO B 420 13.24 10.93 -21.09
N PRO B 421 14.43 10.78 -21.65
CA PRO B 421 15.07 9.47 -21.73
C PRO B 421 15.28 8.85 -20.35
N GLY B 422 15.06 7.53 -20.25
CA GLY B 422 15.27 6.81 -19.01
C GLY B 422 14.25 6.93 -17.89
N ILE B 423 13.41 7.96 -17.94
CA ILE B 423 12.43 8.17 -16.88
C ILE B 423 11.22 7.23 -16.91
N MET B 424 10.61 7.07 -18.07
CA MET B 424 9.46 6.19 -18.15
C MET B 424 9.71 4.83 -17.49
N THR B 425 10.82 4.17 -17.85
CA THR B 425 11.14 2.85 -17.30
C THR B 425 11.72 2.81 -15.89
N GLN B 426 11.70 3.93 -15.17
CA GLN B 426 12.22 3.92 -13.82
C GLN B 426 11.22 4.40 -12.79
N TYR B 427 10.64 5.56 -13.04
CA TYR B 427 9.68 6.13 -12.10
C TYR B 427 8.32 6.29 -12.73
N GLY B 428 8.18 5.85 -13.97
CA GLY B 428 6.92 6.01 -14.67
C GLY B 428 5.74 5.27 -14.08
N ARG B 429 6.02 4.05 -13.61
CA ARG B 429 4.97 3.21 -13.07
C ARG B 429 4.06 3.88 -12.05
N VAL B 430 4.35 5.12 -11.69
CA VAL B 430 3.59 5.81 -10.67
C VAL B 430 2.54 6.88 -11.06
N ILE B 431 2.76 7.62 -12.14
CA ILE B 431 1.81 8.66 -12.54
C ILE B 431 0.39 8.63 -11.99
N ARG B 432 -0.31 7.50 -12.05
CA ARG B 432 -1.69 7.42 -11.57
C ARG B 432 -1.85 6.84 -10.16
N GLN B 433 -0.82 6.16 -9.67
CA GLN B 433 -0.84 5.53 -8.35
C GLN B 433 -1.04 6.50 -7.18
N PRO B 434 -2.03 6.22 -6.32
CA PRO B 434 -2.34 7.04 -5.16
C PRO B 434 -1.28 7.00 -4.09
N VAL B 435 -1.15 8.12 -3.39
CA VAL B 435 -0.20 8.22 -2.29
C VAL B 435 -1.04 8.43 -1.04
N GLY B 436 -1.58 7.34 -0.50
CA GLY B 436 -2.41 7.38 0.70
C GLY B 436 -3.46 8.49 0.72
N ARG B 437 -4.71 8.14 0.49
CA ARG B 437 -5.78 9.15 0.48
C ARG B 437 -5.61 10.33 -0.48
N ILE B 438 -4.49 10.39 -1.17
CA ILE B 438 -4.32 11.44 -2.18
C ILE B 438 -4.31 10.72 -3.52
N TYR B 439 -5.33 10.97 -4.33
CA TYR B 439 -5.45 10.32 -5.64
C TYR B 439 -5.04 11.30 -6.73
N PHE B 440 -4.62 10.80 -7.88
CA PHE B 440 -4.18 11.71 -8.93
C PHE B 440 -4.99 11.75 -10.20
N ALA B 441 -5.34 12.97 -10.60
CA ALA B 441 -6.11 13.20 -11.82
C ALA B 441 -5.20 13.93 -12.83
N GLY B 442 -5.79 14.75 -13.68
CA GLY B 442 -5.01 15.47 -14.67
C GLY B 442 -4.80 14.63 -15.93
N THR B 443 -4.91 15.26 -17.09
CA THR B 443 -4.76 14.52 -18.34
C THR B 443 -3.49 13.73 -18.46
N GLU B 444 -2.45 14.16 -17.76
CA GLU B 444 -1.17 13.48 -17.82
C GLU B 444 -1.29 12.04 -17.32
N THR B 445 -2.40 11.73 -16.64
CA THR B 445 -2.60 10.40 -16.09
C THR B 445 -3.65 9.62 -16.88
N ALA B 446 -4.12 10.20 -17.97
CA ALA B 446 -5.10 9.52 -18.78
C ALA B 446 -4.45 8.30 -19.44
N THR B 447 -5.24 7.58 -20.24
CA THR B 447 -4.80 6.39 -20.96
C THR B 447 -5.12 6.55 -22.44
N GLN B 448 -6.16 7.34 -22.70
CA GLN B 448 -6.58 7.61 -24.05
C GLN B 448 -6.56 9.12 -24.21
N TRP B 449 -5.79 9.61 -25.17
CA TRP B 449 -5.73 11.04 -25.39
C TRP B 449 -5.13 11.80 -24.21
N SER B 450 -4.11 11.21 -23.59
CA SER B 450 -3.47 11.90 -22.49
C SER B 450 -2.87 13.13 -23.13
N GLY B 451 -2.94 14.26 -22.45
CA GLY B 451 -2.40 15.47 -23.04
C GLY B 451 -3.48 16.29 -23.68
N TYR B 452 -4.56 15.63 -24.06
CA TYR B 452 -5.68 16.31 -24.69
C TYR B 452 -6.77 16.54 -23.64
N MET B 453 -7.79 17.31 -24.03
CA MET B 453 -8.92 17.59 -23.14
C MET B 453 -9.64 16.30 -22.79
N GLU B 454 -9.93 15.47 -23.79
CA GLU B 454 -10.62 14.22 -23.50
C GLU B 454 -9.78 13.46 -22.45
N GLY B 455 -8.46 13.51 -22.61
CA GLY B 455 -7.58 12.84 -21.69
C GLY B 455 -7.82 13.32 -20.26
N ALA B 456 -8.04 14.62 -20.11
CA ALA B 456 -8.29 15.17 -18.79
C ALA B 456 -9.51 14.50 -18.19
N VAL B 457 -10.58 14.44 -18.98
CA VAL B 457 -11.81 13.84 -18.49
C VAL B 457 -11.61 12.41 -18.03
N GLU B 458 -10.95 11.59 -18.84
CA GLU B 458 -10.74 10.21 -18.43
C GLU B 458 -10.32 10.18 -16.97
N ALA B 459 -9.24 10.89 -16.68
CA ALA B 459 -8.69 10.97 -15.32
C ALA B 459 -9.63 11.59 -14.30
N GLY B 460 -10.03 12.83 -14.54
CA GLY B 460 -10.93 13.49 -13.61
C GLY B 460 -11.96 12.52 -13.06
N GLU B 461 -12.56 11.74 -13.95
CA GLU B 461 -13.57 10.79 -13.54
C GLU B 461 -12.94 9.57 -12.89
N ARG B 462 -11.95 8.99 -13.55
CA ARG B 462 -11.26 7.81 -13.02
C ARG B 462 -10.92 8.06 -11.56
N ALA B 463 -10.19 9.15 -11.30
CA ALA B 463 -9.80 9.48 -9.94
C ALA B 463 -11.04 9.58 -9.07
N ALA B 464 -12.05 10.28 -9.57
CA ALA B 464 -13.27 10.45 -8.80
C ALA B 464 -13.79 9.10 -8.32
N ARG B 465 -14.03 8.20 -9.27
CA ARG B 465 -14.54 6.88 -8.94
C ARG B 465 -13.66 6.20 -7.92
N GLU B 466 -12.34 6.35 -8.04
CA GLU B 466 -11.43 5.71 -7.09
C GLU B 466 -11.78 6.14 -5.68
N VAL B 467 -12.01 7.43 -5.50
CA VAL B 467 -12.34 7.97 -4.19
C VAL B 467 -13.70 7.48 -3.74
N LEU B 468 -14.62 7.35 -4.70
CA LEU B 468 -15.97 6.89 -4.38
C LEU B 468 -15.83 5.46 -3.92
N ASN B 469 -15.05 4.67 -4.63
CA ASN B 469 -14.88 3.30 -4.23
C ASN B 469 -14.34 3.22 -2.81
N ALA B 470 -13.49 4.20 -2.48
CA ALA B 470 -12.87 4.28 -1.17
C ALA B 470 -13.90 4.64 -0.12
N LEU B 471 -15.05 5.09 -0.59
CA LEU B 471 -16.15 5.46 0.29
C LEU B 471 -17.25 4.40 0.25
N GLY B 472 -17.02 3.34 -0.52
CA GLY B 472 -18.00 2.26 -0.62
C GLY B 472 -19.16 2.51 -1.57
N LYS B 473 -19.17 3.66 -2.22
CA LYS B 473 -20.21 4.03 -3.15
C LYS B 473 -20.01 3.41 -4.55
N VAL B 474 -18.80 2.95 -4.85
CA VAL B 474 -18.51 2.36 -6.16
C VAL B 474 -17.67 1.10 -6.08
N ALA B 475 -18.01 0.12 -6.90
CA ALA B 475 -17.30 -1.15 -6.92
C ALA B 475 -15.93 -1.00 -7.53
N LYS B 476 -15.01 -1.87 -7.10
CA LYS B 476 -13.64 -1.85 -7.58
C LYS B 476 -13.63 -2.03 -9.10
N LYS B 477 -14.72 -2.59 -9.63
CA LYS B 477 -14.84 -2.84 -11.06
C LYS B 477 -15.31 -1.61 -11.82
N ASP B 478 -16.50 -1.12 -11.47
CA ASP B 478 -17.10 0.03 -12.12
C ASP B 478 -16.31 1.32 -11.88
N ILE B 479 -15.00 1.17 -11.72
CA ILE B 479 -14.15 2.33 -11.47
C ILE B 479 -13.55 2.84 -12.77
N TRP B 480 -13.22 1.91 -13.67
CA TRP B 480 -12.70 2.26 -14.99
C TRP B 480 -13.84 1.98 -15.96
N VAL B 481 -14.51 3.05 -16.39
CA VAL B 481 -15.66 2.91 -17.27
C VAL B 481 -15.42 3.22 -18.75
N GLU B 482 -15.82 2.29 -19.62
CA GLU B 482 -15.69 2.47 -21.07
C GLU B 482 -16.71 3.51 -21.51
N GLU B 483 -16.33 4.34 -22.46
CA GLU B 483 -17.21 5.39 -22.95
C GLU B 483 -17.97 5.00 -24.22
N PRO B 484 -19.27 5.33 -24.27
CA PRO B 484 -20.13 5.03 -25.41
C PRO B 484 -19.77 5.92 -26.59
N GLU B 485 -19.46 5.31 -27.74
CA GLU B 485 -19.08 6.05 -28.94
C GLU B 485 -20.09 7.15 -29.28
N SER B 486 -19.64 8.39 -29.32
CA SER B 486 -20.51 9.52 -29.64
C SER B 486 -21.14 9.33 -31.02
N LYS B 487 -22.47 9.31 -31.04
CA LYS B 487 -23.20 9.13 -32.28
C LYS B 487 -23.20 10.39 -33.13
N ASP B 488 -22.75 11.50 -32.55
CA ASP B 488 -22.69 12.76 -33.28
C ASP B 488 -21.36 12.92 -34.02
N VAL B 489 -20.32 12.27 -33.51
CA VAL B 489 -19.01 12.29 -34.15
C VAL B 489 -18.54 10.85 -34.20
N PRO B 490 -18.99 10.11 -35.22
CA PRO B 490 -18.66 8.70 -35.45
C PRO B 490 -17.16 8.43 -35.61
N ALA B 491 -16.73 7.32 -35.04
CA ALA B 491 -15.33 6.91 -35.10
C ALA B 491 -15.03 6.15 -36.39
N ILE B 492 -14.94 6.88 -37.50
CA ILE B 492 -14.66 6.25 -38.79
C ILE B 492 -13.31 5.56 -38.73
N GLU B 493 -13.29 4.25 -39.02
CA GLU B 493 -12.05 3.46 -39.01
C GLU B 493 -10.95 4.07 -39.88
N ILE B 494 -9.72 3.59 -39.69
CA ILE B 494 -8.57 4.09 -40.45
C ILE B 494 -8.16 3.21 -41.63
N THR B 495 -8.30 3.75 -42.83
CA THR B 495 -7.97 3.05 -44.07
C THR B 495 -6.46 2.93 -44.29
N HIS B 496 -5.94 1.71 -44.25
CA HIS B 496 -4.51 1.49 -44.45
C HIS B 496 -4.23 0.78 -45.78
N THR B 497 -3.93 1.58 -46.81
CA THR B 497 -3.63 1.10 -48.16
C THR B 497 -2.74 -0.14 -48.26
N PHE B 498 -3.02 -0.96 -49.27
CA PHE B 498 -2.26 -2.17 -49.52
C PHE B 498 -0.80 -1.81 -49.78
N LEU B 499 -0.59 -0.74 -50.55
CA LEU B 499 0.74 -0.27 -50.87
C LEU B 499 1.53 0.08 -49.61
N GLU B 500 0.94 0.96 -48.80
CA GLU B 500 1.57 1.41 -47.56
C GLU B 500 1.93 0.20 -46.71
N ARG B 501 0.98 -0.70 -46.55
CA ARG B 501 1.18 -1.92 -45.77
C ARG B 501 2.38 -2.74 -46.23
N ASN B 502 2.72 -2.69 -47.52
CA ASN B 502 3.83 -3.51 -48.05
C ASN B 502 5.05 -2.86 -48.68
N LEU B 503 4.92 -1.64 -49.21
CA LEU B 503 6.09 -1.03 -49.85
C LEU B 503 7.32 -1.13 -48.97
N PRO B 504 8.43 -1.62 -49.53
CA PRO B 504 9.70 -1.79 -48.84
C PRO B 504 10.24 -0.52 -48.22
N SER B 505 11.16 -0.71 -47.28
CA SER B 505 11.81 0.40 -46.59
C SER B 505 13.05 0.67 -47.42
N VAL B 506 13.66 1.84 -47.26
CA VAL B 506 14.87 2.14 -48.02
C VAL B 506 15.83 0.96 -47.91
N PRO B 507 16.03 0.43 -46.69
CA PRO B 507 16.94 -0.71 -46.57
C PRO B 507 16.32 -1.90 -47.28
N GLY B 508 15.01 -2.06 -47.07
CA GLY B 508 14.28 -3.15 -47.69
C GLY B 508 14.45 -3.22 -49.20
N LEU B 509 14.46 -2.07 -49.85
CA LEU B 509 14.62 -2.02 -51.30
C LEU B 509 16.01 -2.48 -51.72
N LEU B 510 17.01 -2.16 -50.90
CA LEU B 510 18.37 -2.54 -51.19
C LEU B 510 18.62 -4.01 -50.86
N LYS B 511 17.79 -4.59 -50.00
CA LYS B 511 17.95 -5.99 -49.65
C LYS B 511 17.27 -6.83 -50.70
N ILE B 512 16.35 -6.20 -51.43
CA ILE B 512 15.63 -6.87 -52.50
C ILE B 512 16.54 -6.83 -53.72
N THR B 513 17.11 -5.66 -53.98
CA THR B 513 18.00 -5.45 -55.12
C THR B 513 19.42 -5.91 -54.81
N GLY B 514 19.54 -6.91 -53.93
CA GLY B 514 20.85 -7.44 -53.55
C GLY B 514 21.96 -6.41 -53.54
N VAL B 515 21.67 -5.25 -52.97
CA VAL B 515 22.64 -4.15 -52.89
C VAL B 515 23.11 -3.89 -51.46
N SER B 516 24.28 -4.42 -51.14
CA SER B 516 24.90 -4.24 -49.83
C SER B 516 26.37 -4.67 -49.99
N THR B 517 26.65 -5.25 -51.17
CA THR B 517 27.99 -5.71 -51.52
C THR B 517 28.59 -4.71 -52.52
N SER B 518 28.80 -3.47 -52.07
CA SER B 518 29.37 -2.43 -52.93
C SER B 518 29.78 -1.20 -52.14
N VAL B 519 30.42 -0.25 -52.83
CA VAL B 519 30.87 1.00 -52.22
C VAL B 519 30.22 2.21 -52.91
N ALA B 520 29.11 2.68 -52.33
CA ALA B 520 28.35 3.81 -52.85
C ALA B 520 28.93 5.17 -52.43
N ALA C 18 22.38 -30.78 19.02
CA ALA C 18 21.68 -30.88 17.71
C ALA C 18 20.32 -31.56 17.85
N GLY C 19 19.75 -31.96 16.71
CA GLY C 19 18.45 -32.62 16.71
C GLY C 19 18.53 -34.10 17.09
N HIS C 20 18.17 -34.40 18.33
CA HIS C 20 18.19 -35.77 18.86
C HIS C 20 16.83 -36.28 19.39
N MET C 21 16.90 -37.32 20.22
CA MET C 21 15.70 -37.94 20.80
C MET C 21 15.58 -37.57 22.28
N PHE C 22 14.37 -37.18 22.70
CA PHE C 22 14.12 -36.80 24.08
C PHE C 22 12.87 -37.49 24.61
N ASP C 23 12.68 -37.42 25.93
CA ASP C 23 11.53 -38.02 26.57
C ASP C 23 10.30 -37.17 26.23
N VAL C 24 10.35 -35.91 26.65
CA VAL C 24 9.25 -34.98 26.42
C VAL C 24 9.73 -33.76 25.63
N VAL C 25 8.94 -33.36 24.64
CA VAL C 25 9.26 -32.18 23.84
C VAL C 25 8.18 -31.16 24.13
N VAL C 26 8.60 -29.97 24.57
CA VAL C 26 7.66 -28.89 24.89
C VAL C 26 7.67 -27.78 23.85
N ILE C 27 6.53 -27.57 23.21
CA ILE C 27 6.42 -26.53 22.22
C ILE C 27 6.00 -25.27 22.94
N GLY C 28 6.90 -24.29 23.00
CA GLY C 28 6.56 -23.06 23.66
C GLY C 28 7.54 -22.60 24.71
N GLY C 29 8.27 -21.52 24.40
CA GLY C 29 9.24 -20.99 25.34
C GLY C 29 8.62 -19.87 26.15
N GLY C 30 7.35 -20.05 26.51
CA GLY C 30 6.68 -19.04 27.30
C GLY C 30 6.83 -19.40 28.75
N ILE C 31 6.19 -18.66 29.65
CA ILE C 31 6.30 -19.00 31.06
C ILE C 31 5.74 -20.39 31.24
N SER C 32 4.49 -20.59 30.82
CA SER C 32 3.86 -21.90 30.94
C SER C 32 4.75 -22.97 30.33
N GLY C 33 5.39 -22.64 29.22
CA GLY C 33 6.27 -23.59 28.58
C GLY C 33 7.42 -24.00 29.48
N LEU C 34 8.26 -23.02 29.84
CA LEU C 34 9.40 -23.27 30.71
C LEU C 34 8.98 -23.92 32.04
N ALA C 35 7.98 -23.34 32.71
CA ALA C 35 7.49 -23.90 33.96
C ALA C 35 7.44 -25.42 33.85
N ALA C 36 6.80 -25.91 32.80
CA ALA C 36 6.68 -27.34 32.56
C ALA C 36 8.07 -27.91 32.38
N ALA C 37 8.81 -27.33 31.44
CA ALA C 37 10.16 -27.78 31.15
C ALA C 37 10.95 -27.89 32.45
N LYS C 38 10.84 -26.87 33.30
CA LYS C 38 11.57 -26.88 34.56
C LYS C 38 11.15 -28.11 35.35
N LEU C 39 9.92 -28.10 35.84
CA LEU C 39 9.41 -29.21 36.62
C LEU C 39 9.83 -30.56 36.06
N LEU C 40 9.79 -30.71 34.73
CA LEU C 40 10.16 -31.96 34.12
C LEU C 40 11.63 -32.31 34.31
N SER C 41 12.50 -31.32 34.22
CA SER C 41 13.93 -31.56 34.38
C SER C 41 14.22 -31.94 35.83
N GLU C 42 13.52 -31.29 36.76
CA GLU C 42 13.71 -31.55 38.18
C GLU C 42 13.36 -33.00 38.51
N TYR C 43 12.60 -33.64 37.63
CA TYR C 43 12.23 -35.05 37.82
C TYR C 43 13.17 -35.90 36.97
N LYS C 44 14.33 -35.31 36.65
CA LYS C 44 15.37 -35.96 35.86
C LYS C 44 14.89 -36.48 34.51
N ILE C 45 13.93 -35.78 33.92
CA ILE C 45 13.41 -36.17 32.62
C ILE C 45 14.07 -35.39 31.49
N ASN C 46 14.49 -36.10 30.46
CA ASN C 46 15.14 -35.49 29.33
C ASN C 46 14.09 -34.80 28.48
N VAL C 47 13.93 -33.51 28.73
CA VAL C 47 12.94 -32.71 28.02
C VAL C 47 13.59 -31.65 27.15
N LEU C 48 12.99 -31.41 25.98
CA LEU C 48 13.47 -30.42 25.04
C LEU C 48 12.40 -29.34 24.92
N VAL C 49 12.85 -28.10 24.70
CA VAL C 49 11.92 -26.99 24.56
C VAL C 49 12.19 -26.17 23.31
N LEU C 50 11.27 -26.23 22.37
CA LEU C 50 11.40 -25.49 21.11
C LEU C 50 10.61 -24.18 21.19
N GLU C 51 11.29 -23.09 20.87
CA GLU C 51 10.72 -21.75 20.87
C GLU C 51 10.84 -21.16 19.46
N ALA C 52 9.79 -20.52 18.98
CA ALA C 52 9.83 -19.95 17.64
C ALA C 52 10.52 -18.59 17.53
N ARG C 53 10.41 -17.78 18.58
CA ARG C 53 11.02 -16.45 18.57
C ARG C 53 12.52 -16.55 18.81
N ASP C 54 13.24 -15.46 18.55
CA ASP C 54 14.67 -15.45 18.77
C ASP C 54 14.93 -15.20 20.25
N ARG C 55 13.85 -15.14 21.02
CA ARG C 55 13.93 -14.90 22.46
C ARG C 55 13.01 -15.85 23.21
N VAL C 56 12.82 -15.57 24.50
CA VAL C 56 11.97 -16.41 25.32
C VAL C 56 11.12 -15.48 26.19
N GLY C 57 10.00 -16.00 26.69
CA GLY C 57 9.11 -15.20 27.50
C GLY C 57 7.79 -14.95 26.79
N GLY C 58 7.83 -15.03 25.46
CA GLY C 58 6.65 -14.83 24.66
C GLY C 58 5.86 -13.58 25.01
N ARG C 59 4.58 -13.74 25.29
CA ARG C 59 3.69 -12.62 25.66
C ARG C 59 4.22 -11.76 26.79
N THR C 60 5.24 -12.25 27.49
CA THR C 60 5.87 -11.50 28.57
C THR C 60 7.17 -11.10 27.87
N TYR C 61 7.51 -9.82 27.87
CA TYR C 61 8.71 -9.38 27.15
C TYR C 61 9.32 -8.10 27.72
N THR C 62 10.53 -8.20 28.25
CA THR C 62 11.14 -7.03 28.86
C THR C 62 12.13 -6.36 27.94
N VAL C 63 11.76 -5.17 27.47
CA VAL C 63 12.61 -4.40 26.58
C VAL C 63 13.67 -3.65 27.35
N ARG C 64 14.90 -3.72 26.86
CA ARG C 64 16.00 -3.05 27.53
C ARG C 64 16.79 -2.15 26.59
N ASN C 65 16.93 -0.90 27.03
CA ASN C 65 17.71 0.10 26.31
C ASN C 65 18.09 1.14 27.35
N GLU C 66 19.04 2.01 27.04
CA GLU C 66 19.48 3.00 28.00
C GLU C 66 18.38 3.99 28.37
N HIS C 67 17.50 4.26 27.40
CA HIS C 67 16.41 5.21 27.60
C HIS C 67 15.39 4.82 28.67
N VAL C 68 15.33 3.53 29.01
CA VAL C 68 14.37 3.05 30.01
C VAL C 68 14.93 1.97 30.94
N LYS C 69 16.16 1.55 30.70
CA LYS C 69 16.79 0.50 31.50
C LYS C 69 16.05 -0.80 31.27
N TRP C 70 14.89 -0.94 31.88
CA TRP C 70 14.07 -2.14 31.70
C TRP C 70 12.60 -1.80 31.76
N VAL C 71 11.81 -2.39 30.86
CA VAL C 71 10.36 -2.17 30.80
C VAL C 71 9.59 -3.40 30.32
N ASP C 72 8.54 -3.76 31.05
CA ASP C 72 7.72 -4.89 30.67
C ASP C 72 6.77 -4.34 29.62
N VAL C 73 7.03 -4.71 28.37
CA VAL C 73 6.23 -4.23 27.26
C VAL C 73 5.10 -5.23 27.01
N GLY C 74 5.06 -6.27 27.83
CA GLY C 74 4.04 -7.30 27.72
C GLY C 74 3.43 -7.56 29.08
N GLY C 75 3.40 -8.83 29.50
CA GLY C 75 2.84 -9.16 30.81
C GLY C 75 3.65 -8.43 31.87
N ALA C 76 3.03 -7.97 32.95
CA ALA C 76 3.79 -7.24 33.96
C ALA C 76 3.31 -7.29 35.41
N TYR C 77 2.01 -7.16 35.63
CA TYR C 77 1.45 -7.14 36.97
C TYR C 77 1.08 -8.47 37.61
N VAL C 78 1.31 -8.55 38.92
CA VAL C 78 1.01 -9.75 39.69
C VAL C 78 0.30 -9.25 40.95
N GLY C 79 -0.41 -10.15 41.62
CA GLY C 79 -1.10 -9.71 42.81
C GLY C 79 -1.45 -10.75 43.86
N PRO C 80 -2.16 -10.32 44.91
CA PRO C 80 -2.62 -11.10 46.05
C PRO C 80 -2.86 -12.59 45.89
N THR C 81 -3.71 -13.01 44.96
CA THR C 81 -3.94 -14.46 44.88
C THR C 81 -3.13 -15.22 43.85
N GLN C 82 -2.23 -14.52 43.16
CA GLN C 82 -1.41 -15.15 42.13
C GLN C 82 -0.22 -15.93 42.71
N ASN C 83 -0.47 -16.67 43.78
CA ASN C 83 0.57 -17.45 44.47
C ASN C 83 1.56 -18.24 43.60
N ARG C 84 1.04 -18.96 42.60
CA ARG C 84 1.91 -19.76 41.73
C ARG C 84 3.03 -18.95 41.10
N ILE C 85 2.70 -17.83 40.46
CA ILE C 85 3.72 -17.02 39.83
C ILE C 85 4.68 -16.41 40.86
N LEU C 86 4.13 -15.87 41.94
CA LEU C 86 4.92 -15.27 43.00
C LEU C 86 5.99 -16.23 43.51
N ARG C 87 5.56 -17.45 43.82
CA ARG C 87 6.46 -18.50 44.32
C ARG C 87 7.60 -18.76 43.35
N LEU C 88 7.27 -19.06 42.10
CA LEU C 88 8.25 -19.32 41.06
C LEU C 88 9.14 -18.10 40.87
N SER C 89 8.53 -16.93 40.94
CA SER C 89 9.24 -15.67 40.78
C SER C 89 10.34 -15.56 41.83
N LYS C 90 9.95 -15.74 43.09
CA LYS C 90 10.86 -15.67 44.21
C LYS C 90 11.98 -16.70 44.06
N GLU C 91 11.59 -17.96 43.88
CA GLU C 91 12.57 -19.02 43.72
C GLU C 91 13.65 -18.65 42.71
N LEU C 92 13.26 -17.90 41.69
CA LEU C 92 14.19 -17.48 40.65
C LEU C 92 14.95 -16.24 41.06
N GLY C 93 14.73 -15.81 42.30
CA GLY C 93 15.40 -14.64 42.82
C GLY C 93 14.98 -13.36 42.13
N ILE C 94 13.67 -13.18 41.98
CA ILE C 94 13.12 -11.99 41.34
C ILE C 94 12.21 -11.28 42.31
N GLU C 95 12.42 -9.98 42.49
CA GLU C 95 11.62 -9.19 43.44
C GLU C 95 10.41 -8.49 42.86
N THR C 96 9.46 -8.19 43.74
CA THR C 96 8.21 -7.51 43.38
C THR C 96 8.23 -6.13 44.02
N TYR C 97 7.58 -5.17 43.39
CA TYR C 97 7.52 -3.82 43.94
C TYR C 97 6.12 -3.26 43.77
N LYS C 98 5.55 -2.72 44.85
CA LYS C 98 4.20 -2.17 44.80
C LYS C 98 4.01 -1.06 43.77
N VAL C 99 2.85 -1.04 43.15
CA VAL C 99 2.52 -0.03 42.15
C VAL C 99 2.07 1.24 42.86
N ASN C 100 2.54 2.38 42.39
CA ASN C 100 2.20 3.66 43.03
C ASN C 100 0.73 4.04 42.96
N VAL C 101 0.15 4.32 44.13
CA VAL C 101 -1.25 4.71 44.23
C VAL C 101 -1.44 5.65 45.42
N ASN C 102 -0.34 6.20 45.92
CA ASN C 102 -0.41 7.12 47.05
C ASN C 102 -1.24 8.35 46.73
N GLU C 103 -1.08 8.88 45.53
CA GLU C 103 -1.81 10.09 45.11
C GLU C 103 -3.27 9.77 44.77
N ARG C 104 -3.91 10.68 44.05
CA ARG C 104 -5.32 10.51 43.67
C ARG C 104 -5.47 9.85 42.32
N LEU C 105 -6.58 9.13 42.15
CA LEU C 105 -6.86 8.50 40.87
C LEU C 105 -7.76 9.48 40.17
N VAL C 106 -7.96 9.31 38.88
CA VAL C 106 -8.84 10.23 38.15
C VAL C 106 -9.65 9.54 37.07
N GLN C 107 -10.88 9.99 36.95
CA GLN C 107 -11.81 9.47 35.97
C GLN C 107 -12.08 10.61 34.99
N TYR C 108 -11.91 10.33 33.70
CA TYR C 108 -12.16 11.35 32.69
C TYR C 108 -13.46 11.01 31.99
N VAL C 109 -14.52 11.75 32.30
CA VAL C 109 -15.81 11.51 31.67
C VAL C 109 -16.30 12.74 30.93
N LYS C 110 -17.01 12.51 29.83
CA LYS C 110 -17.54 13.56 28.98
C LYS C 110 -16.92 14.93 29.25
N GLY C 111 -17.32 15.55 30.35
CA GLY C 111 -16.76 16.84 30.70
C GLY C 111 -15.25 16.74 30.89
N LYS C 112 -14.80 16.84 32.13
CA LYS C 112 -13.37 16.77 32.37
C LYS C 112 -12.97 15.72 33.39
N THR C 113 -11.88 16.00 34.11
CA THR C 113 -11.35 15.08 35.09
C THR C 113 -11.93 15.24 36.49
N TYR C 114 -12.15 14.10 37.14
CA TYR C 114 -12.72 14.07 38.48
C TYR C 114 -11.86 13.19 39.38
N PRO C 115 -11.13 13.81 40.33
CA PRO C 115 -10.27 13.06 41.25
C PRO C 115 -11.10 12.13 42.08
N PHE C 116 -10.47 11.09 42.61
CA PHE C 116 -11.18 10.12 43.43
C PHE C 116 -10.22 9.12 44.07
N ARG C 117 -10.71 8.41 45.09
CA ARG C 117 -9.89 7.43 45.78
C ARG C 117 -10.67 6.13 45.97
N GLY C 118 -9.99 5.00 45.87
CA GLY C 118 -10.66 3.71 46.03
C GLY C 118 -10.53 2.72 44.89
N ALA C 119 -11.37 1.69 44.92
CA ALA C 119 -11.37 0.67 43.89
C ALA C 119 -11.87 1.26 42.57
N PHE C 120 -13.19 1.27 42.42
CA PHE C 120 -13.81 1.82 41.22
C PHE C 120 -14.04 3.31 41.42
N PRO C 121 -14.25 4.06 40.32
CA PRO C 121 -14.49 5.49 40.47
C PRO C 121 -15.84 5.62 41.17
N PRO C 122 -16.18 6.81 41.65
CA PRO C 122 -17.47 6.93 42.32
C PRO C 122 -18.53 7.48 41.38
N VAL C 123 -19.78 7.07 41.56
CA VAL C 123 -20.89 7.57 40.75
C VAL C 123 -21.84 8.28 41.71
N TRP C 124 -22.14 9.55 41.43
CA TRP C 124 -23.01 10.32 42.35
C TRP C 124 -24.51 10.36 42.04
N ASN C 125 -24.90 10.07 40.81
CA ASN C 125 -26.32 10.06 40.48
C ASN C 125 -26.92 8.84 41.18
N PRO C 126 -27.93 9.06 42.03
CA PRO C 126 -28.58 7.95 42.76
C PRO C 126 -28.91 6.74 41.90
N LEU C 127 -29.74 6.95 40.87
CA LEU C 127 -30.14 5.87 40.01
C LEU C 127 -28.94 5.15 39.44
N ALA C 128 -28.02 5.91 38.85
CA ALA C 128 -26.82 5.31 38.31
C ALA C 128 -26.19 4.46 39.40
N TYR C 129 -25.86 5.10 40.52
CA TYR C 129 -25.25 4.43 41.66
C TYR C 129 -25.87 3.06 41.91
N LEU C 130 -27.19 3.00 41.95
CA LEU C 130 -27.86 1.73 42.19
C LEU C 130 -27.58 0.75 41.07
N ASP C 131 -27.77 1.20 39.84
CA ASP C 131 -27.57 0.39 38.63
C ASP C 131 -26.13 -0.09 38.57
N TYR C 132 -25.22 0.86 38.72
CA TYR C 132 -23.78 0.63 38.71
C TYR C 132 -23.43 -0.47 39.70
N ASN C 133 -23.85 -0.29 40.95
CA ASN C 133 -23.60 -1.27 42.00
C ASN C 133 -24.20 -2.61 41.65
N ASN C 134 -25.48 -2.59 41.29
CA ASN C 134 -26.19 -3.81 40.92
C ASN C 134 -25.37 -4.58 39.89
N LEU C 135 -24.79 -3.83 38.95
CA LEU C 135 -23.96 -4.41 37.91
C LEU C 135 -22.96 -5.37 38.51
N TRP C 136 -21.84 -4.81 38.97
CA TRP C 136 -20.76 -5.59 39.59
C TRP C 136 -21.27 -6.74 40.45
N ARG C 137 -22.16 -6.43 41.38
CA ARG C 137 -22.71 -7.44 42.27
C ARG C 137 -23.34 -8.59 41.47
N THR C 138 -24.15 -8.26 40.47
CA THR C 138 -24.79 -9.27 39.65
C THR C 138 -23.79 -10.15 38.90
N MET C 139 -22.79 -9.52 38.30
CA MET C 139 -21.78 -10.25 37.56
C MET C 139 -21.11 -11.28 38.46
N ASP C 140 -20.90 -10.91 39.71
CA ASP C 140 -20.26 -11.82 40.65
C ASP C 140 -21.23 -12.90 41.11
N GLU C 141 -22.52 -12.55 41.19
CA GLU C 141 -23.54 -13.51 41.60
C GLU C 141 -23.62 -14.62 40.56
N MET C 142 -23.65 -14.22 39.29
CA MET C 142 -23.73 -15.16 38.19
C MET C 142 -22.46 -15.99 38.15
N GLY C 143 -21.34 -15.34 38.44
CA GLY C 143 -20.07 -16.03 38.43
C GLY C 143 -20.00 -17.19 39.41
N LYS C 144 -20.44 -16.97 40.64
CA LYS C 144 -20.42 -18.00 41.67
C LYS C 144 -21.06 -19.29 41.19
N GLU C 145 -21.94 -19.17 40.20
CA GLU C 145 -22.67 -20.29 39.64
C GLU C 145 -21.89 -21.08 38.60
N ILE C 146 -20.70 -20.58 38.23
CA ILE C 146 -19.87 -21.22 37.21
C ILE C 146 -18.67 -22.02 37.74
N PRO C 147 -18.51 -23.27 37.27
CA PRO C 147 -17.39 -24.12 37.69
C PRO C 147 -16.07 -23.66 37.08
N VAL C 148 -15.23 -23.07 37.92
CA VAL C 148 -13.93 -22.56 37.49
C VAL C 148 -13.20 -23.47 36.51
N ASP C 149 -13.22 -24.77 36.79
CA ASP C 149 -12.51 -25.73 35.95
C ASP C 149 -13.36 -26.27 34.81
N ALA C 150 -14.62 -25.85 34.77
CA ALA C 150 -15.51 -26.33 33.72
C ALA C 150 -16.68 -25.39 33.48
N PRO C 151 -16.41 -24.21 32.91
CA PRO C 151 -17.44 -23.22 32.62
C PRO C 151 -18.70 -23.84 32.04
N TRP C 152 -18.51 -24.65 31.00
CA TRP C 152 -19.60 -25.32 30.28
C TRP C 152 -20.51 -26.18 31.15
N GLN C 153 -20.13 -26.37 32.41
CA GLN C 153 -20.93 -27.18 33.30
C GLN C 153 -21.95 -26.38 34.12
N ALA C 154 -21.85 -25.06 34.10
CA ALA C 154 -22.76 -24.20 34.86
C ALA C 154 -24.22 -24.53 34.61
N ARG C 155 -25.07 -24.18 35.59
CA ARG C 155 -26.50 -24.43 35.47
C ARG C 155 -27.05 -23.75 34.22
N HIS C 156 -27.15 -22.42 34.26
CA HIS C 156 -27.68 -21.67 33.13
C HIS C 156 -26.63 -21.52 32.05
N ALA C 157 -25.72 -22.50 31.99
CA ALA C 157 -24.63 -22.50 31.03
C ALA C 157 -25.04 -22.31 29.56
N GLN C 158 -26.00 -23.08 29.10
CA GLN C 158 -26.41 -22.96 27.71
C GLN C 158 -27.12 -21.66 27.37
N GLU C 159 -28.03 -21.21 28.23
CA GLU C 159 -28.75 -19.96 27.97
C GLU C 159 -27.77 -18.79 27.85
N TRP C 160 -26.80 -18.74 28.78
CA TRP C 160 -25.82 -17.66 28.81
C TRP C 160 -24.84 -17.61 27.64
N ASP C 161 -24.27 -18.74 27.26
CA ASP C 161 -23.30 -18.77 26.17
C ASP C 161 -23.89 -18.37 24.81
N LYS C 162 -25.21 -18.16 24.73
CA LYS C 162 -25.81 -17.77 23.46
C LYS C 162 -25.95 -16.24 23.48
N MET C 163 -25.61 -15.67 24.62
CA MET C 163 -25.74 -14.25 24.85
C MET C 163 -24.43 -13.49 24.88
N THR C 164 -24.34 -12.45 24.06
CA THR C 164 -23.16 -11.59 23.98
C THR C 164 -23.00 -10.82 25.30
N MET C 165 -21.76 -10.57 25.73
CA MET C 165 -21.57 -9.81 26.96
C MET C 165 -22.31 -8.49 26.89
N LYS C 166 -22.57 -8.02 25.67
CA LYS C 166 -23.31 -6.78 25.49
C LYS C 166 -24.73 -7.10 25.89
N ASP C 167 -25.34 -8.01 25.11
CA ASP C 167 -26.70 -8.45 25.35
C ASP C 167 -26.96 -8.46 26.85
N LEU C 168 -26.09 -9.16 27.58
CA LEU C 168 -26.17 -9.27 29.03
C LEU C 168 -26.08 -7.92 29.72
N ILE C 169 -25.07 -7.14 29.35
CA ILE C 169 -24.89 -5.83 29.96
C ILE C 169 -26.12 -4.97 29.76
N ASP C 170 -26.64 -4.92 28.53
CA ASP C 170 -27.82 -4.09 28.23
C ASP C 170 -29.10 -4.63 28.84
N LYS C 171 -29.04 -5.85 29.35
CA LYS C 171 -30.20 -6.49 29.94
C LYS C 171 -30.26 -6.27 31.45
N ILE C 172 -29.18 -5.73 32.01
CA ILE C 172 -29.11 -5.49 33.45
C ILE C 172 -28.69 -4.06 33.84
N CYS C 173 -28.40 -3.24 32.85
CA CYS C 173 -28.00 -1.86 33.09
C CYS C 173 -29.07 -0.93 32.55
N TRP C 174 -29.72 -0.19 33.45
CA TRP C 174 -30.76 0.75 33.06
C TRP C 174 -30.19 2.13 32.80
N THR C 175 -28.99 2.34 33.33
CA THR C 175 -28.31 3.62 33.18
C THR C 175 -27.33 3.58 32.04
N LYS C 176 -27.45 4.52 31.10
CA LYS C 176 -26.52 4.58 29.98
C LYS C 176 -25.10 4.67 30.57
N THR C 177 -25.01 5.23 31.77
CA THR C 177 -23.73 5.36 32.46
C THR C 177 -23.19 3.98 32.86
N ALA C 178 -23.84 3.36 33.84
CA ALA C 178 -23.42 2.05 34.32
C ALA C 178 -23.22 1.07 33.17
N ARG C 179 -23.89 1.30 32.06
CA ARG C 179 -23.78 0.43 30.89
C ARG C 179 -22.46 0.67 30.16
N GLU C 180 -22.24 1.88 29.69
CA GLU C 180 -21.01 2.20 28.97
C GLU C 180 -19.82 1.78 29.83
N PHE C 181 -19.96 1.96 31.15
CA PHE C 181 -18.92 1.59 32.08
C PHE C 181 -18.68 0.09 31.98
N ALA C 182 -19.78 -0.67 31.98
CA ALA C 182 -19.68 -2.12 31.87
C ALA C 182 -18.82 -2.44 30.65
N TYR C 183 -19.18 -1.85 29.51
CA TYR C 183 -18.44 -2.05 28.27
C TYR C 183 -16.95 -1.92 28.53
N LEU C 184 -16.56 -0.74 28.99
CA LEU C 184 -15.15 -0.44 29.29
C LEU C 184 -14.53 -1.58 30.10
N PHE C 185 -15.18 -1.95 31.19
CA PHE C 185 -14.70 -3.03 32.05
C PHE C 185 -14.33 -4.22 31.17
N VAL C 186 -15.22 -4.54 30.24
CA VAL C 186 -14.98 -5.63 29.31
C VAL C 186 -13.73 -5.35 28.49
N ASN C 187 -13.68 -4.16 27.89
CA ASN C 187 -12.53 -3.79 27.08
C ASN C 187 -11.22 -3.92 27.85
N ILE C 188 -11.17 -3.34 29.04
CA ILE C 188 -9.97 -3.38 29.85
C ILE C 188 -9.52 -4.77 30.29
N ASN C 189 -10.46 -5.64 30.61
CA ASN C 189 -10.11 -7.01 31.07
C ASN C 189 -9.96 -8.08 30.00
N VAL C 190 -10.48 -7.83 28.79
CA VAL C 190 -10.43 -8.83 27.74
C VAL C 190 -9.94 -8.31 26.39
N THR C 191 -9.55 -7.05 26.36
CA THR C 191 -9.05 -6.43 25.13
C THR C 191 -9.93 -6.70 23.96
N SER C 192 -11.24 -6.74 24.21
CA SER C 192 -12.22 -6.97 23.16
C SER C 192 -13.51 -6.25 23.50
N GLU C 193 -14.37 -6.08 22.50
CA GLU C 193 -15.63 -5.41 22.72
C GLU C 193 -16.68 -6.34 23.32
N PRO C 194 -17.53 -5.81 24.21
CA PRO C 194 -18.58 -6.58 24.87
C PRO C 194 -19.47 -7.35 23.90
N HIS C 195 -19.58 -6.89 22.67
CA HIS C 195 -20.42 -7.57 21.68
C HIS C 195 -19.69 -8.62 20.89
N GLU C 196 -18.39 -8.76 21.14
CA GLU C 196 -17.58 -9.74 20.45
C GLU C 196 -17.45 -11.03 21.26
N VAL C 197 -17.59 -10.94 22.58
CA VAL C 197 -17.44 -12.11 23.44
C VAL C 197 -18.69 -12.69 24.08
N SER C 198 -18.56 -13.95 24.50
CA SER C 198 -19.65 -14.67 25.15
C SER C 198 -19.83 -14.29 26.61
N ALA C 199 -21.05 -13.90 26.95
CA ALA C 199 -21.37 -13.52 28.31
C ALA C 199 -20.94 -14.64 29.26
N LEU C 200 -21.28 -15.87 28.89
CA LEU C 200 -20.93 -17.00 29.73
C LEU C 200 -19.42 -17.03 29.99
N TRP C 201 -18.66 -16.98 28.92
CA TRP C 201 -17.21 -17.02 29.03
C TRP C 201 -16.67 -15.92 29.94
N PHE C 202 -17.06 -14.69 29.66
CA PHE C 202 -16.59 -13.54 30.44
C PHE C 202 -16.86 -13.71 31.90
N LEU C 203 -18.12 -13.96 32.23
CA LEU C 203 -18.54 -14.14 33.61
C LEU C 203 -17.56 -15.09 34.29
N TRP C 204 -17.16 -16.13 33.56
CA TRP C 204 -16.20 -17.10 34.05
C TRP C 204 -14.82 -16.45 34.24
N TYR C 205 -14.31 -15.83 33.19
CA TYR C 205 -13.01 -15.19 33.25
C TYR C 205 -12.86 -14.37 34.50
N VAL C 206 -13.88 -13.56 34.81
CA VAL C 206 -13.82 -12.73 36.01
C VAL C 206 -13.87 -13.59 37.25
N ARG C 207 -14.80 -14.54 37.28
CA ARG C 207 -14.91 -15.42 38.44
C ARG C 207 -13.61 -16.16 38.66
N GLN C 208 -13.08 -16.75 37.60
CA GLN C 208 -11.85 -17.52 37.68
C GLN C 208 -10.68 -16.71 38.24
N CYS C 209 -10.81 -15.39 38.23
CA CYS C 209 -9.75 -14.53 38.75
C CYS C 209 -10.01 -14.09 40.19
N GLY C 210 -11.24 -14.21 40.64
CA GLY C 210 -11.54 -13.81 42.00
C GLY C 210 -12.56 -12.68 42.06
N GLY C 211 -13.46 -12.66 41.09
CA GLY C 211 -14.49 -11.64 41.04
C GLY C 211 -14.04 -10.25 40.64
N THR C 212 -15.00 -9.46 40.15
CA THR C 212 -14.73 -8.10 39.71
C THR C 212 -13.74 -7.37 40.61
N ALA C 213 -14.07 -7.29 41.89
CA ALA C 213 -13.23 -6.60 42.86
C ALA C 213 -11.75 -6.86 42.63
N ARG C 214 -11.35 -8.12 42.73
CA ARG C 214 -9.95 -8.49 42.58
C ARG C 214 -9.37 -8.21 41.21
N ILE C 215 -10.03 -8.72 40.18
CA ILE C 215 -9.55 -8.55 38.82
C ILE C 215 -9.28 -7.10 38.42
N PHE C 216 -9.84 -6.16 39.16
CA PHE C 216 -9.69 -4.75 38.81
C PHE C 216 -8.89 -3.94 39.80
N SER C 217 -9.04 -4.24 41.08
CA SER C 217 -8.32 -3.50 42.11
C SER C 217 -6.81 -3.48 41.91
N VAL C 218 -6.22 -2.41 42.39
CA VAL C 218 -4.80 -2.23 42.27
C VAL C 218 -4.21 -2.40 43.67
N THR C 219 -4.86 -1.77 44.65
CA THR C 219 -4.48 -1.80 46.04
C THR C 219 -4.50 -3.18 46.64
N ASN C 220 -5.37 -4.05 46.13
CA ASN C 220 -5.44 -5.42 46.63
C ASN C 220 -5.79 -6.36 45.49
N GLY C 221 -5.61 -5.87 44.26
CA GLY C 221 -5.94 -6.65 43.10
C GLY C 221 -4.74 -7.19 42.34
N GLY C 222 -5.02 -7.76 41.17
CA GLY C 222 -3.95 -8.33 40.37
C GLY C 222 -3.05 -7.28 39.77
N GLN C 223 -3.35 -6.02 40.03
CA GLN C 223 -2.54 -4.95 39.50
C GLN C 223 -1.81 -4.29 40.67
N GLU C 224 -1.59 -5.06 41.73
CA GLU C 224 -0.93 -4.52 42.92
C GLU C 224 0.55 -4.22 42.76
N ARG C 225 1.26 -5.08 42.05
CA ARG C 225 2.69 -4.85 41.89
C ARG C 225 3.33 -5.54 40.69
N LYS C 226 4.53 -5.06 40.34
CA LYS C 226 5.30 -5.59 39.22
C LYS C 226 6.59 -6.26 39.68
N PHE C 227 7.38 -6.73 38.72
CA PHE C 227 8.65 -7.39 38.99
C PHE C 227 9.82 -6.44 38.80
N VAL C 228 10.69 -6.36 39.80
CA VAL C 228 11.86 -5.50 39.72
C VAL C 228 12.85 -6.12 38.76
N GLY C 229 12.98 -5.51 37.60
CA GLY C 229 13.90 -6.03 36.59
C GLY C 229 13.14 -6.45 35.36
N GLY C 230 11.84 -6.64 35.52
CA GLY C 230 10.99 -7.04 34.41
C GLY C 230 10.48 -8.45 34.51
N SER C 231 9.19 -8.62 34.32
CA SER C 231 8.58 -9.94 34.37
C SER C 231 9.27 -10.86 33.37
N GLY C 232 9.79 -10.27 32.30
CA GLY C 232 10.47 -11.08 31.30
C GLY C 232 11.50 -11.99 31.92
N GLN C 233 12.22 -11.46 32.91
CA GLN C 233 13.28 -12.18 33.61
C GLN C 233 12.92 -13.61 34.00
N VAL C 234 11.70 -13.80 34.46
CA VAL C 234 11.25 -15.12 34.87
C VAL C 234 11.53 -16.20 33.83
N SER C 235 11.24 -15.91 32.56
CA SER C 235 11.48 -16.89 31.49
C SER C 235 12.97 -16.96 31.22
N GLU C 236 13.59 -15.80 31.10
CA GLU C 236 15.03 -15.69 30.85
C GLU C 236 15.79 -16.54 31.86
N GLN C 237 15.49 -16.30 33.13
CA GLN C 237 16.11 -17.05 34.22
C GLN C 237 15.89 -18.55 34.06
N ILE C 238 14.64 -18.98 34.18
CA ILE C 238 14.29 -20.38 34.05
C ILE C 238 14.87 -21.01 32.77
N MET C 239 15.37 -20.18 31.84
CA MET C 239 15.98 -20.74 30.63
C MET C 239 17.42 -21.08 30.94
N GLY C 240 18.08 -20.23 31.71
CA GLY C 240 19.46 -20.47 32.09
C GLY C 240 19.63 -21.77 32.85
N LEU C 241 18.62 -22.16 33.62
CA LEU C 241 18.68 -23.39 34.39
C LEU C 241 18.59 -24.60 33.46
N LEU C 242 18.04 -24.38 32.28
CA LEU C 242 17.90 -25.46 31.31
C LEU C 242 19.02 -25.37 30.28
N GLY C 243 19.42 -24.13 29.97
CA GLY C 243 20.47 -23.87 29.00
C GLY C 243 20.34 -24.67 27.73
N ASP C 244 21.28 -25.57 27.55
CA ASP C 244 21.35 -26.46 26.39
C ASP C 244 20.00 -26.94 25.83
N LYS C 245 19.10 -27.35 26.73
CA LYS C 245 17.80 -27.89 26.33
C LYS C 245 16.67 -26.96 25.88
N VAL C 246 17.03 -25.80 25.36
CA VAL C 246 16.02 -24.83 24.89
C VAL C 246 16.47 -24.22 23.56
N LYS C 247 15.96 -24.75 22.47
CA LYS C 247 16.34 -24.26 21.15
C LYS C 247 15.51 -23.05 20.73
N LEU C 248 16.17 -21.92 20.47
CA LEU C 248 15.47 -20.73 20.03
C LEU C 248 15.33 -20.70 18.51
N SER C 249 14.53 -19.78 18.02
CA SER C 249 14.29 -19.65 16.59
C SER C 249 14.03 -21.01 15.95
N SER C 250 13.18 -21.80 16.59
CA SER C 250 12.85 -23.15 16.10
C SER C 250 11.35 -23.41 16.17
N PRO C 251 10.58 -22.76 15.27
CA PRO C 251 9.12 -22.90 15.21
C PRO C 251 8.67 -24.31 14.86
N VAL C 252 7.96 -24.96 15.78
CA VAL C 252 7.47 -26.32 15.53
C VAL C 252 6.50 -26.17 14.39
N THR C 253 6.53 -27.13 13.47
CA THR C 253 5.67 -27.04 12.32
C THR C 253 4.94 -28.33 11.95
N TYR C 254 5.36 -29.43 12.59
CA TYR C 254 4.78 -30.73 12.31
C TYR C 254 4.92 -31.66 13.50
N ILE C 255 3.86 -32.42 13.76
CA ILE C 255 3.87 -33.38 14.86
C ILE C 255 3.26 -34.67 14.35
N ASP C 256 4.09 -35.71 14.26
CA ASP C 256 3.62 -37.00 13.79
C ASP C 256 3.71 -37.96 14.96
N GLN C 257 2.55 -38.45 15.40
CA GLN C 257 2.55 -39.38 16.52
C GLN C 257 1.82 -40.69 16.21
N THR C 258 2.12 -41.29 15.07
CA THR C 258 1.50 -42.56 14.70
C THR C 258 2.46 -43.70 15.02
N ASP C 259 3.76 -43.38 15.07
CA ASP C 259 4.78 -44.37 15.36
C ASP C 259 4.97 -44.54 16.87
N ASP C 260 5.88 -45.44 17.24
CA ASP C 260 6.16 -45.70 18.64
C ASP C 260 6.85 -44.47 19.24
N ASN C 261 7.50 -43.71 18.36
CA ASN C 261 8.19 -42.49 18.76
C ASN C 261 7.52 -41.32 18.07
N ILE C 262 7.30 -40.23 18.80
CA ILE C 262 6.66 -39.07 18.22
C ILE C 262 7.67 -38.24 17.46
N ILE C 263 7.32 -37.88 16.23
CA ILE C 263 8.18 -37.06 15.38
C ILE C 263 7.78 -35.61 15.54
N VAL C 264 8.75 -34.72 15.47
CA VAL C 264 8.51 -33.29 15.62
C VAL C 264 9.54 -32.56 14.79
N GLU C 265 9.11 -31.98 13.68
CA GLU C 265 10.02 -31.24 12.83
C GLU C 265 9.70 -29.76 12.95
N THR C 266 10.71 -28.92 12.79
CA THR C 266 10.53 -27.49 12.88
C THR C 266 10.60 -26.81 11.53
N LEU C 267 10.80 -25.50 11.55
CA LEU C 267 10.88 -24.72 10.34
C LEU C 267 12.34 -24.49 10.00
N ASN C 268 13.22 -24.89 10.93
CA ASN C 268 14.67 -24.75 10.72
C ASN C 268 15.13 -25.97 9.95
N HIS C 269 14.17 -26.86 9.67
CA HIS C 269 14.41 -28.09 8.96
C HIS C 269 14.94 -29.15 9.94
N GLU C 270 14.91 -28.82 11.22
CA GLU C 270 15.35 -29.73 12.28
C GLU C 270 14.35 -30.86 12.49
N HIS C 271 14.77 -31.91 13.20
CA HIS C 271 13.91 -33.06 13.44
C HIS C 271 14.23 -33.62 14.82
N TYR C 272 13.18 -33.89 15.59
CA TYR C 272 13.34 -34.43 16.94
C TYR C 272 12.27 -35.48 17.19
N GLU C 273 12.61 -36.49 17.97
CA GLU C 273 11.65 -37.53 18.29
C GLU C 273 11.49 -37.52 19.81
N CYS C 274 10.33 -37.93 20.29
CA CYS C 274 10.07 -37.95 21.72
C CYS C 274 8.94 -38.89 22.06
N LYS C 275 8.76 -39.13 23.36
CA LYS C 275 7.71 -40.03 23.84
C LYS C 275 6.40 -39.30 24.17
N TYR C 276 6.50 -38.03 24.51
CA TYR C 276 5.33 -37.23 24.85
C TYR C 276 5.53 -35.77 24.46
N VAL C 277 4.42 -35.06 24.21
CA VAL C 277 4.46 -33.67 23.82
C VAL C 277 3.54 -32.78 24.63
N ILE C 278 4.05 -31.62 25.02
CA ILE C 278 3.26 -30.65 25.77
C ILE C 278 3.25 -29.36 24.95
N SER C 279 2.05 -28.92 24.57
CA SER C 279 1.89 -27.71 23.78
C SER C 279 1.64 -26.53 24.70
N ALA C 280 2.64 -25.67 24.83
CA ALA C 280 2.56 -24.51 25.70
C ALA C 280 2.36 -23.26 24.88
N ILE C 281 1.55 -23.35 23.83
CA ILE C 281 1.29 -22.20 23.00
C ILE C 281 -0.21 -21.96 22.95
N PRO C 282 -0.62 -20.71 22.63
CA PRO C 282 -2.01 -20.27 22.51
C PRO C 282 -2.82 -21.18 21.60
N PRO C 283 -4.04 -21.54 22.03
CA PRO C 283 -4.93 -22.41 21.28
C PRO C 283 -4.98 -22.05 19.81
N ILE C 284 -5.26 -20.79 19.51
CA ILE C 284 -5.35 -20.40 18.12
C ILE C 284 -4.08 -20.66 17.32
N LEU C 285 -2.93 -20.48 17.96
CA LEU C 285 -1.63 -20.69 17.33
C LEU C 285 -1.27 -22.15 17.14
N THR C 286 -2.10 -23.02 17.72
CA THR C 286 -1.90 -24.45 17.61
C THR C 286 -2.02 -24.83 16.14
N ALA C 287 -2.72 -24.00 15.37
CA ALA C 287 -2.91 -24.26 13.95
C ALA C 287 -1.67 -24.00 13.10
N LYS C 288 -0.66 -23.33 13.66
CA LYS C 288 0.58 -23.09 12.92
C LYS C 288 1.25 -24.45 12.74
N ILE C 289 0.72 -25.46 13.40
CA ILE C 289 1.25 -26.81 13.36
C ILE C 289 0.42 -27.77 12.51
N HIS C 290 1.11 -28.65 11.78
CA HIS C 290 0.43 -29.65 10.96
C HIS C 290 0.51 -30.97 11.72
N PHE C 291 -0.65 -31.52 12.07
CA PHE C 291 -0.67 -32.76 12.84
C PHE C 291 -0.80 -33.99 11.97
N LYS C 292 -0.05 -35.03 12.32
CA LYS C 292 -0.10 -36.27 11.55
C LYS C 292 -1.50 -36.82 11.65
N PRO C 293 -1.81 -37.52 12.76
CA PRO C 293 -3.19 -38.00 12.75
C PRO C 293 -4.04 -36.76 12.97
N GLU C 294 -4.67 -36.27 11.91
CA GLU C 294 -5.51 -35.09 12.00
C GLU C 294 -6.19 -35.07 13.36
N LEU C 295 -6.11 -33.95 14.07
CA LEU C 295 -6.74 -33.89 15.38
C LEU C 295 -8.22 -34.16 15.27
N PRO C 296 -8.84 -34.54 16.39
CA PRO C 296 -10.27 -34.84 16.43
C PRO C 296 -11.09 -33.62 16.03
N PRO C 297 -12.27 -33.83 15.46
CA PRO C 297 -13.09 -32.69 15.06
C PRO C 297 -13.15 -31.65 16.17
N GLU C 298 -13.69 -32.03 17.32
CA GLU C 298 -13.83 -31.13 18.46
C GLU C 298 -12.66 -30.16 18.60
N ARG C 299 -11.46 -30.69 18.76
CA ARG C 299 -10.28 -29.84 18.91
C ARG C 299 -10.07 -29.06 17.64
N ASN C 300 -9.90 -29.77 16.54
CA ASN C 300 -9.67 -29.17 15.24
C ASN C 300 -10.61 -27.99 15.09
N GLN C 301 -11.87 -28.25 15.37
CA GLN C 301 -12.91 -27.24 15.27
C GLN C 301 -12.68 -26.09 16.26
N LEU C 302 -12.34 -26.43 17.51
CA LEU C 302 -12.13 -25.42 18.55
C LEU C 302 -10.93 -24.54 18.32
N ILE C 303 -9.85 -25.14 17.84
CA ILE C 303 -8.64 -24.40 17.61
C ILE C 303 -8.82 -23.24 16.63
N GLN C 304 -9.99 -23.14 16.01
CA GLN C 304 -10.24 -22.05 15.09
C GLN C 304 -11.36 -21.12 15.58
N ARG C 305 -11.54 -21.07 16.89
CA ARG C 305 -12.58 -20.23 17.48
C ARG C 305 -12.11 -19.51 18.74
N LEU C 306 -10.82 -19.52 19.01
CA LEU C 306 -10.32 -18.86 20.20
C LEU C 306 -9.31 -17.81 19.85
N PRO C 307 -9.79 -16.65 19.37
CA PRO C 307 -9.05 -15.46 18.96
C PRO C 307 -8.31 -14.76 20.08
N MET C 308 -7.23 -14.09 19.71
CA MET C 308 -6.45 -13.36 20.68
C MET C 308 -6.92 -11.91 20.64
N GLY C 309 -7.17 -11.32 21.81
CA GLY C 309 -7.63 -9.95 21.86
C GLY C 309 -6.65 -8.97 21.25
N ALA C 310 -7.04 -7.69 21.21
CA ALA C 310 -6.20 -6.66 20.62
C ALA C 310 -5.84 -5.54 21.58
N VAL C 311 -4.55 -5.25 21.70
CA VAL C 311 -4.07 -4.21 22.60
C VAL C 311 -2.69 -3.71 22.18
N ILE C 312 -2.41 -2.46 22.56
CA ILE C 312 -1.11 -1.85 22.31
C ILE C 312 -0.70 -1.23 23.64
N LYS C 313 0.31 -1.79 24.29
CA LYS C 313 0.77 -1.25 25.57
C LYS C 313 1.65 -0.07 25.26
N CYS C 314 1.40 1.06 25.89
CA CYS C 314 2.20 2.24 25.62
C CYS C 314 2.75 2.97 26.84
N MET C 315 4.06 3.14 26.88
CA MET C 315 4.67 3.85 27.97
C MET C 315 5.19 5.18 27.45
N VAL C 316 4.86 6.27 28.13
CA VAL C 316 5.33 7.59 27.74
C VAL C 316 6.19 8.06 28.89
N TYR C 317 7.43 8.45 28.59
CA TYR C 317 8.35 8.90 29.61
C TYR C 317 8.51 10.39 29.65
N TYR C 318 8.53 10.92 30.86
CA TYR C 318 8.69 12.34 31.08
C TYR C 318 9.90 12.48 32.00
N LYS C 319 10.42 13.70 32.14
CA LYS C 319 11.59 13.88 32.99
C LYS C 319 11.18 14.00 34.45
N GLU C 320 9.90 14.26 34.67
CA GLU C 320 9.41 14.44 36.02
C GLU C 320 7.96 13.99 36.13
N ALA C 321 7.63 13.29 37.23
CA ALA C 321 6.26 12.82 37.47
C ALA C 321 5.32 13.97 37.82
N PHE C 322 5.18 14.92 36.89
CA PHE C 322 4.38 16.11 37.08
C PHE C 322 2.99 15.88 37.66
N TRP C 323 2.47 14.67 37.49
CA TRP C 323 1.14 14.38 38.01
C TRP C 323 1.13 14.28 39.53
N LYS C 324 2.28 13.99 40.11
CA LYS C 324 2.37 13.89 41.55
C LYS C 324 2.30 15.30 42.16
N LYS C 325 2.66 16.30 41.36
CA LYS C 325 2.60 17.65 41.84
C LYS C 325 1.15 18.13 42.01
N LYS C 326 0.18 17.32 41.57
CA LYS C 326 -1.22 17.66 41.67
C LYS C 326 -1.97 16.59 42.46
N ASP C 327 -1.24 15.84 43.27
CA ASP C 327 -1.81 14.78 44.07
C ASP C 327 -2.58 13.84 43.15
N TYR C 328 -1.94 13.47 42.04
CA TYR C 328 -2.52 12.57 41.03
C TYR C 328 -1.48 11.48 40.81
N CYS C 329 -1.86 10.22 40.93
CA CYS C 329 -0.89 9.17 40.66
C CYS C 329 -1.15 8.84 39.20
N GLY C 330 -0.18 8.22 38.54
CA GLY C 330 -0.34 7.88 37.14
C GLY C 330 -1.70 7.34 36.71
N CYS C 331 -2.39 6.66 37.61
CA CYS C 331 -3.67 6.07 37.26
C CYS C 331 -4.79 7.00 36.78
N MET C 332 -5.36 6.67 35.62
CA MET C 332 -6.46 7.42 35.02
C MET C 332 -7.42 6.45 34.37
N ILE C 333 -8.72 6.71 34.48
CA ILE C 333 -9.74 5.87 33.85
C ILE C 333 -10.49 6.74 32.86
N ILE C 334 -10.08 6.69 31.59
CA ILE C 334 -10.68 7.51 30.55
C ILE C 334 -11.86 6.89 29.84
N GLU C 335 -13.02 7.52 29.99
CA GLU C 335 -14.24 7.06 29.35
C GLU C 335 -14.69 8.11 28.32
N ASP C 336 -14.18 8.01 27.10
CA ASP C 336 -14.54 8.96 26.06
C ASP C 336 -14.14 8.47 24.67
N GLU C 337 -15.12 8.02 23.92
CA GLU C 337 -14.94 7.50 22.57
C GLU C 337 -13.63 7.87 21.88
N GLU C 338 -13.46 9.15 21.61
CA GLU C 338 -12.26 9.67 20.93
C GLU C 338 -10.92 9.27 21.53
N ALA C 339 -10.77 9.48 22.84
CA ALA C 339 -9.54 9.18 23.55
C ALA C 339 -8.96 7.80 23.26
N PRO C 340 -7.66 7.73 22.90
CA PRO C 340 -6.89 6.55 22.56
C PRO C 340 -6.72 5.56 23.71
N ILE C 341 -6.30 6.06 24.86
CA ILE C 341 -6.10 5.21 26.03
C ILE C 341 -7.32 5.11 26.91
N ALA C 342 -7.57 3.92 27.40
CA ALA C 342 -8.71 3.66 28.26
C ALA C 342 -8.28 3.86 29.72
N ILE C 343 -7.27 3.12 30.16
CA ILE C 343 -6.76 3.22 31.50
C ILE C 343 -5.24 3.36 31.49
N THR C 344 -4.69 3.92 32.57
CA THR C 344 -3.25 4.16 32.70
C THR C 344 -2.77 3.90 34.12
N LEU C 345 -1.46 3.82 34.29
CA LEU C 345 -0.84 3.61 35.59
C LEU C 345 0.52 4.28 35.61
N ASP C 346 1.01 4.57 36.80
CA ASP C 346 2.31 5.20 36.95
C ASP C 346 3.31 4.08 36.75
N ASP C 347 4.11 4.16 35.69
CA ASP C 347 5.10 3.11 35.45
C ASP C 347 6.51 3.61 35.75
N THR C 348 6.59 4.60 36.64
CA THR C 348 7.88 5.12 37.04
C THR C 348 8.56 3.99 37.80
N LYS C 349 9.88 4.08 37.93
CA LYS C 349 10.64 3.05 38.63
C LYS C 349 10.55 3.26 40.14
N PRO C 350 10.77 2.18 40.92
CA PRO C 350 10.72 2.24 42.37
C PRO C 350 11.52 3.40 42.95
N ASP C 351 12.75 3.57 42.49
CA ASP C 351 13.62 4.64 42.97
C ASP C 351 13.30 5.98 42.32
N GLY C 352 12.05 6.17 41.94
CA GLY C 352 11.63 7.42 41.31
C GLY C 352 12.32 7.69 39.99
N SER C 353 13.21 6.79 39.59
CA SER C 353 13.95 6.92 38.35
C SER C 353 13.07 6.75 37.12
N LEU C 354 13.32 7.60 36.11
CA LEU C 354 12.58 7.53 34.85
C LEU C 354 11.07 7.53 35.02
N PRO C 355 10.49 8.67 35.40
CA PRO C 355 9.04 8.71 35.57
C PRO C 355 8.35 8.44 34.24
N ALA C 356 7.27 7.69 34.28
CA ALA C 356 6.56 7.39 33.06
C ALA C 356 5.15 6.91 33.36
N ILE C 357 4.29 6.96 32.33
CA ILE C 357 2.90 6.53 32.44
C ILE C 357 2.56 5.46 31.44
N MET C 358 2.04 4.36 31.95
CA MET C 358 1.66 3.22 31.11
C MET C 358 0.17 3.27 30.81
N GLY C 359 -0.16 3.19 29.53
CA GLY C 359 -1.55 3.22 29.13
C GLY C 359 -1.85 2.15 28.12
N PHE C 360 -3.13 1.77 28.01
CA PHE C 360 -3.56 0.75 27.06
C PHE C 360 -4.49 1.26 25.97
N ILE C 361 -4.31 0.73 24.76
CA ILE C 361 -5.16 1.05 23.61
C ILE C 361 -5.84 -0.28 23.34
N LEU C 362 -7.14 -0.36 23.61
CA LEU C 362 -7.87 -1.61 23.47
C LEU C 362 -8.91 -1.77 22.37
N ALA C 363 -9.27 -3.04 22.16
CA ALA C 363 -10.25 -3.43 21.17
C ALA C 363 -10.32 -2.53 19.93
N ARG C 364 -11.51 -2.05 19.60
CA ARG C 364 -11.72 -1.20 18.44
C ARG C 364 -10.62 -0.16 18.27
N LYS C 365 -10.32 0.54 19.35
CA LYS C 365 -9.31 1.57 19.32
C LYS C 365 -7.95 1.05 18.89
N ALA C 366 -7.65 -0.17 19.33
CA ALA C 366 -6.37 -0.79 18.99
C ALA C 366 -6.09 -0.67 17.52
N ASP C 367 -6.95 -1.27 16.70
CA ASP C 367 -6.72 -1.19 15.28
C ASP C 367 -6.79 0.23 14.72
N ARG C 368 -7.69 1.03 15.23
CA ARG C 368 -7.85 2.38 14.73
C ARG C 368 -6.55 3.16 14.83
N LEU C 369 -6.00 3.26 16.03
CA LEU C 369 -4.77 4.01 16.26
C LEU C 369 -3.56 3.44 15.55
N ALA C 370 -3.56 2.12 15.38
CA ALA C 370 -2.45 1.45 14.70
C ALA C 370 -2.34 1.92 13.25
N LYS C 371 -3.39 2.56 12.75
CA LYS C 371 -3.40 3.07 11.37
C LYS C 371 -2.59 4.35 11.27
N LEU C 372 -2.21 4.91 12.41
CA LEU C 372 -1.44 6.14 12.43
C LEU C 372 0.04 5.89 12.43
N HIS C 373 0.80 6.98 12.32
CA HIS C 373 2.26 6.90 12.34
C HIS C 373 2.66 6.93 13.81
N LYS C 374 3.68 6.16 14.16
CA LYS C 374 4.15 6.09 15.54
C LYS C 374 4.11 7.47 16.20
N ASP C 375 4.73 8.44 15.55
CA ASP C 375 4.78 9.78 16.09
C ASP C 375 3.40 10.37 16.37
N ILE C 376 2.52 10.35 15.35
CA ILE C 376 1.17 10.85 15.51
C ILE C 376 0.51 10.20 16.73
N ARG C 377 0.50 8.87 16.76
CA ARG C 377 -0.10 8.13 17.86
C ARG C 377 0.43 8.70 19.16
N LYS C 378 1.75 8.73 19.29
CA LYS C 378 2.40 9.26 20.49
C LYS C 378 1.77 10.60 20.87
N ARG C 379 1.74 11.52 19.92
CA ARG C 379 1.16 12.85 20.15
C ARG C 379 -0.23 12.69 20.73
N LYS C 380 -1.12 12.10 19.96
CA LYS C 380 -2.49 11.88 20.39
C LYS C 380 -2.53 11.51 21.86
N ILE C 381 -1.74 10.51 22.23
CA ILE C 381 -1.68 10.04 23.63
C ILE C 381 -1.31 11.18 24.58
N CYS C 382 -0.23 11.88 24.27
CA CYS C 382 0.18 12.99 25.10
C CYS C 382 -0.94 14.01 25.23
N GLU C 383 -1.45 14.48 24.09
CA GLU C 383 -2.52 15.47 24.07
C GLU C 383 -3.61 15.02 25.01
N LEU C 384 -3.83 13.71 25.06
CA LEU C 384 -4.86 13.18 25.96
C LEU C 384 -4.44 13.37 27.39
N TYR C 385 -3.35 12.71 27.76
CA TYR C 385 -2.81 12.79 29.11
C TYR C 385 -2.80 14.24 29.60
N ALA C 386 -2.59 15.16 28.67
CA ALA C 386 -2.58 16.58 29.02
C ALA C 386 -3.93 16.92 29.61
N LYS C 387 -4.93 16.99 28.73
CA LYS C 387 -6.31 17.32 29.12
C LYS C 387 -6.76 16.59 30.37
N VAL C 388 -6.58 15.27 30.39
CA VAL C 388 -7.00 14.49 31.57
C VAL C 388 -6.38 14.99 32.87
N LEU C 389 -5.05 15.16 32.86
CA LEU C 389 -4.33 15.62 34.03
C LEU C 389 -4.44 17.13 34.25
N GLY C 390 -3.78 17.89 33.39
CA GLY C 390 -3.84 19.34 33.52
C GLY C 390 -2.66 20.02 32.85
N SER C 391 -1.51 19.94 33.51
CA SER C 391 -0.30 20.56 33.00
C SER C 391 0.05 20.05 31.61
N GLN C 392 0.46 20.97 30.75
CA GLN C 392 0.84 20.64 29.40
C GLN C 392 2.18 19.92 29.42
N GLU C 393 2.73 19.74 30.61
CA GLU C 393 3.99 19.06 30.79
C GLU C 393 3.87 17.69 30.17
N ALA C 394 2.62 17.29 29.91
CA ALA C 394 2.32 16.00 29.30
C ALA C 394 2.65 15.96 27.81
N LEU C 395 2.77 17.13 27.19
CA LEU C 395 3.06 17.23 25.76
C LEU C 395 4.54 17.11 25.39
N TYR C 396 5.41 17.11 26.40
CA TYR C 396 6.85 17.06 26.17
C TYR C 396 7.50 15.83 26.77
N PRO C 397 7.30 14.67 26.13
CA PRO C 397 7.87 13.42 26.62
C PRO C 397 9.34 13.36 26.23
N VAL C 398 10.11 12.57 26.96
CA VAL C 398 11.53 12.40 26.69
C VAL C 398 11.65 11.20 25.77
N HIS C 399 11.09 10.08 26.22
CA HIS C 399 11.10 8.84 25.44
C HIS C 399 9.73 8.19 25.39
N TYR C 400 9.52 7.35 24.39
CA TYR C 400 8.26 6.65 24.21
C TYR C 400 8.47 5.23 23.69
N GLU C 401 8.00 4.24 24.44
CA GLU C 401 8.10 2.84 24.04
C GLU C 401 6.68 2.27 23.90
N GLU C 402 6.46 1.48 22.86
CA GLU C 402 5.14 0.88 22.62
C GLU C 402 5.26 -0.52 22.04
N LYS C 403 4.16 -1.25 22.07
CA LYS C 403 4.12 -2.59 21.50
C LYS C 403 2.70 -2.95 21.07
N ASN C 404 2.54 -3.20 19.79
CA ASN C 404 1.26 -3.58 19.27
C ASN C 404 1.29 -5.10 19.15
N TRP C 405 0.61 -5.81 20.03
CA TRP C 405 0.64 -7.27 19.98
C TRP C 405 -0.20 -7.91 18.89
N CYS C 406 -0.88 -7.12 18.08
CA CYS C 406 -1.66 -7.68 17.01
C CYS C 406 -0.67 -8.07 15.93
N GLU C 407 0.47 -7.38 15.89
CA GLU C 407 1.47 -7.67 14.89
C GLU C 407 2.11 -9.02 15.11
N GLU C 408 2.37 -9.37 16.36
CA GLU C 408 3.05 -10.61 16.69
C GLU C 408 2.49 -11.87 16.07
N GLN C 409 3.32 -12.51 15.24
CA GLN C 409 2.92 -13.75 14.58
C GLN C 409 2.76 -14.90 15.55
N TYR C 410 3.71 -15.03 16.46
CA TYR C 410 3.66 -16.13 17.43
C TYR C 410 3.01 -15.83 18.77
N SER C 411 1.94 -15.05 18.74
CA SER C 411 1.22 -14.70 19.95
C SER C 411 -0.22 -14.39 19.60
N GLY C 412 -0.43 -13.76 18.46
CA GLY C 412 -1.77 -13.43 18.03
C GLY C 412 -2.37 -12.17 18.58
N GLY C 413 -2.15 -11.90 19.87
CA GLY C 413 -2.72 -10.73 20.51
C GLY C 413 -2.35 -10.83 21.97
N CYS C 414 -2.97 -10.10 22.90
CA CYS C 414 -2.47 -10.28 24.26
C CYS C 414 -3.21 -10.76 25.50
N TYR C 415 -4.25 -10.11 26.00
CA TYR C 415 -4.83 -10.75 27.18
C TYR C 415 -5.50 -12.03 26.68
N THR C 416 -4.75 -13.11 26.58
CA THR C 416 -5.28 -14.40 26.11
C THR C 416 -6.31 -14.33 24.99
N ALA C 417 -6.95 -15.47 24.81
CA ALA C 417 -7.99 -15.66 23.82
C ALA C 417 -9.31 -15.46 24.51
N TYR C 418 -10.33 -15.17 23.71
CA TYR C 418 -11.65 -14.97 24.24
C TYR C 418 -12.60 -15.94 23.55
N PHE C 419 -13.59 -16.41 24.28
CA PHE C 419 -14.58 -17.31 23.72
C PHE C 419 -15.73 -16.50 23.18
N PRO C 420 -16.07 -16.69 21.91
CA PRO C 420 -17.18 -15.93 21.35
C PRO C 420 -18.50 -16.61 21.72
N PRO C 421 -19.63 -16.03 21.32
CA PRO C 421 -20.94 -16.60 21.61
C PRO C 421 -21.08 -18.03 21.07
N GLY C 422 -21.71 -18.90 21.85
CA GLY C 422 -21.96 -20.26 21.44
C GLY C 422 -20.82 -21.27 21.47
N ILE C 423 -19.58 -20.80 21.51
CA ILE C 423 -18.45 -21.71 21.50
C ILE C 423 -18.17 -22.44 22.80
N MET C 424 -18.16 -21.72 23.92
CA MET C 424 -17.90 -22.37 25.19
C MET C 424 -18.75 -23.63 25.39
N THR C 425 -20.06 -23.52 25.17
CA THR C 425 -20.96 -24.65 25.38
C THR C 425 -20.99 -25.69 24.26
N GLN C 426 -20.05 -25.63 23.33
CA GLN C 426 -20.06 -26.62 22.26
C GLN C 426 -18.75 -27.35 22.13
N TYR C 427 -17.66 -26.59 22.05
CA TYR C 427 -16.35 -27.18 21.88
C TYR C 427 -15.44 -26.83 23.05
N GLY C 428 -15.98 -26.09 24.01
CA GLY C 428 -15.17 -25.68 25.13
C GLY C 428 -14.63 -26.78 26.01
N ARG C 429 -15.44 -27.81 26.24
CA ARG C 429 -15.05 -28.92 27.10
C ARG C 429 -13.68 -29.53 26.81
N VAL C 430 -13.01 -29.05 25.77
CA VAL C 430 -11.73 -29.60 25.37
C VAL C 430 -10.42 -28.88 25.70
N ILE C 431 -10.43 -27.55 25.74
CA ILE C 431 -9.20 -26.79 26.04
C ILE C 431 -8.04 -27.52 26.71
N ARG C 432 -8.28 -28.24 27.80
CA ARG C 432 -7.18 -28.93 28.51
C ARG C 432 -7.02 -30.41 28.19
N GLN C 433 -8.05 -31.01 27.59
CA GLN C 433 -8.05 -32.43 27.24
C GLN C 433 -6.96 -32.82 26.26
N PRO C 434 -6.17 -33.86 26.62
CA PRO C 434 -5.07 -34.36 25.78
C PRO C 434 -5.57 -35.06 24.54
N VAL C 435 -4.77 -34.98 23.48
CA VAL C 435 -5.08 -35.63 22.21
C VAL C 435 -3.98 -36.65 21.99
N GLY C 436 -4.12 -37.80 22.65
CA GLY C 436 -3.14 -38.87 22.55
C GLY C 436 -1.69 -38.44 22.65
N ARG C 437 -1.07 -38.66 23.80
CA ARG C 437 0.33 -38.29 24.01
C ARG C 437 0.68 -36.82 23.79
N ILE C 438 -0.28 -36.01 23.37
CA ILE C 438 -0.03 -34.58 23.22
C ILE C 438 -0.89 -33.93 24.30
N TYR C 439 -0.23 -33.31 25.28
CA TYR C 439 -0.93 -32.65 26.37
C TYR C 439 -0.92 -31.15 26.16
N PHE C 440 -1.88 -30.45 26.74
CA PHE C 440 -1.91 -29.01 26.52
C PHE C 440 -1.67 -28.12 27.72
N ALA C 441 -0.78 -27.15 27.53
CA ALA C 441 -0.44 -26.19 28.57
C ALA C 441 -0.93 -24.82 28.11
N GLY C 442 -0.23 -23.76 28.52
CA GLY C 442 -0.61 -22.41 28.14
C GLY C 442 -1.64 -21.86 29.10
N THR C 443 -1.51 -20.60 29.47
CA THR C 443 -2.42 -19.98 30.42
C THR C 443 -3.89 -20.12 30.03
N GLU C 444 -4.16 -20.23 28.73
CA GLU C 444 -5.54 -20.35 28.27
C GLU C 444 -6.21 -21.60 28.82
N THR C 445 -5.41 -22.51 29.37
CA THR C 445 -5.94 -23.75 29.93
C THR C 445 -5.92 -23.76 31.45
N ALA C 446 -5.53 -22.64 32.04
CA ALA C 446 -5.48 -22.54 33.49
C ALA C 446 -6.90 -22.60 34.05
N THR C 447 -7.01 -22.52 35.37
CA THR C 447 -8.29 -22.55 36.08
C THR C 447 -8.37 -21.34 36.98
N GLN C 448 -7.21 -20.85 37.40
CA GLN C 448 -7.12 -19.69 38.25
C GLN C 448 -6.23 -18.71 37.53
N TRP C 449 -6.74 -17.52 37.28
CA TRP C 449 -5.96 -16.51 36.59
C TRP C 449 -5.57 -16.90 35.17
N SER C 450 -6.47 -17.59 34.47
CA SER C 450 -6.19 -17.94 33.09
C SER C 450 -6.06 -16.62 32.38
N GLY C 451 -5.10 -16.52 31.46
CA GLY C 451 -4.91 -15.25 30.78
C GLY C 451 -3.79 -14.45 31.42
N TYR C 452 -3.54 -14.72 32.70
CA TYR C 452 -2.48 -14.02 33.40
C TYR C 452 -1.27 -14.93 33.47
N MET C 453 -0.15 -14.37 33.94
CA MET C 453 1.09 -15.11 34.07
C MET C 453 0.91 -16.26 35.05
N GLU C 454 0.30 -15.99 36.19
CA GLU C 454 0.09 -17.05 37.17
C GLU C 454 -0.69 -18.16 36.47
N GLY C 455 -1.64 -17.77 35.63
CA GLY C 455 -2.43 -18.75 34.89
C GLY C 455 -1.55 -19.67 34.07
N ALA C 456 -0.53 -19.08 33.45
CA ALA C 456 0.39 -19.86 32.64
C ALA C 456 1.02 -20.95 33.50
N VAL C 457 1.54 -20.56 34.66
CA VAL C 457 2.19 -21.52 35.53
C VAL C 457 1.26 -22.66 35.91
N GLU C 458 0.03 -22.36 36.31
CA GLU C 458 -0.85 -23.44 36.70
C GLU C 458 -0.77 -24.55 35.67
N ALA C 459 -1.02 -24.19 34.42
CA ALA C 459 -0.99 -25.14 33.31
C ALA C 459 0.38 -25.77 33.07
N GLY C 460 1.38 -24.94 32.80
CA GLY C 460 2.71 -25.47 32.57
C GLY C 460 3.01 -26.64 33.48
N GLU C 461 2.71 -26.48 34.76
CA GLU C 461 2.97 -27.54 35.72
C GLU C 461 1.93 -28.64 35.58
N ARG C 462 0.66 -28.26 35.60
CA ARG C 462 -0.43 -29.24 35.47
C ARG C 462 -0.10 -30.22 34.33
N ALA C 463 0.12 -29.67 33.14
CA ALA C 463 0.44 -30.49 31.99
C ALA C 463 1.65 -31.35 32.31
N ALA C 464 2.69 -30.73 32.86
CA ALA C 464 3.90 -31.46 33.19
C ALA C 464 3.57 -32.71 33.99
N ARG C 465 2.90 -32.51 35.13
CA ARG C 465 2.53 -33.63 35.99
C ARG C 465 1.74 -34.69 35.23
N GLU C 466 0.85 -34.28 34.34
CA GLU C 466 0.05 -35.23 33.56
C GLU C 466 0.99 -36.18 32.84
N VAL C 467 2.01 -35.63 32.20
CA VAL C 467 2.98 -36.42 31.45
C VAL C 467 3.79 -37.30 32.40
N LEU C 468 4.14 -36.76 33.57
CA LEU C 468 4.90 -37.52 34.54
C LEU C 468 4.05 -38.71 34.96
N ASN C 469 2.78 -38.46 35.24
CA ASN C 469 1.88 -39.53 35.63
C ASN C 469 1.83 -40.60 34.53
N ALA C 470 1.91 -40.15 33.28
CA ALA C 470 1.88 -41.05 32.14
C ALA C 470 3.18 -41.86 32.10
N LEU C 471 4.15 -41.43 32.89
CA LEU C 471 5.44 -42.10 32.96
C LEU C 471 5.56 -42.89 34.27
N GLY C 472 4.51 -42.83 35.09
CA GLY C 472 4.49 -43.54 36.36
C GLY C 472 5.21 -42.84 37.51
N LYS C 473 5.75 -41.67 37.23
CA LYS C 473 6.48 -40.90 38.24
C LYS C 473 5.57 -40.10 39.16
N VAL C 474 4.31 -39.91 38.75
CA VAL C 474 3.36 -39.15 39.56
C VAL C 474 1.99 -39.78 39.61
N ALA C 475 1.39 -39.78 40.80
CA ALA C 475 0.06 -40.35 41.00
C ALA C 475 -1.01 -39.53 40.31
N LYS C 476 -2.10 -40.20 39.94
CA LYS C 476 -3.22 -39.55 39.27
C LYS C 476 -3.78 -38.44 40.16
N LYS C 477 -3.52 -38.53 41.46
CA LYS C 477 -3.99 -37.54 42.42
C LYS C 477 -3.09 -36.32 42.48
N ASP C 478 -1.83 -36.54 42.84
CA ASP C 478 -0.84 -35.46 42.98
C ASP C 478 -0.53 -34.78 41.65
N ILE C 479 -1.51 -34.75 40.75
CA ILE C 479 -1.34 -34.15 39.44
C ILE C 479 -1.82 -32.71 39.47
N TRP C 480 -2.91 -32.46 40.20
CA TRP C 480 -3.44 -31.11 40.37
C TRP C 480 -3.07 -30.69 41.79
N VAL C 481 -2.04 -29.86 41.91
CA VAL C 481 -1.56 -29.43 43.22
C VAL C 481 -1.96 -28.04 43.67
N GLU C 482 -2.51 -27.95 44.88
CA GLU C 482 -2.90 -26.67 45.46
C GLU C 482 -1.65 -25.90 45.84
N GLU C 483 -1.67 -24.59 45.64
CA GLU C 483 -0.51 -23.76 45.94
C GLU C 483 -0.57 -23.11 47.32
N PRO C 484 0.55 -23.11 48.04
CA PRO C 484 0.64 -22.51 49.38
C PRO C 484 0.59 -20.99 49.27
N GLU C 485 -0.31 -20.38 50.02
CA GLU C 485 -0.47 -18.92 50.01
C GLU C 485 0.85 -18.21 50.28
N SER C 486 1.28 -17.37 49.34
CA SER C 486 2.52 -16.63 49.50
C SER C 486 2.47 -15.76 50.74
N LYS C 487 3.41 -15.99 51.65
CA LYS C 487 3.47 -15.23 52.89
C LYS C 487 4.02 -13.82 52.66
N ASP C 488 4.55 -13.57 51.47
CA ASP C 488 5.10 -12.26 51.16
C ASP C 488 4.02 -11.34 50.59
N VAL C 489 3.02 -11.94 49.96
CA VAL C 489 1.90 -11.17 49.41
C VAL C 489 0.64 -11.87 49.88
N PRO C 490 0.20 -11.54 51.10
CA PRO C 490 -1.01 -12.10 51.74
C PRO C 490 -2.29 -11.87 50.97
N ALA C 491 -3.13 -12.90 50.94
CA ALA C 491 -4.41 -12.85 50.26
C ALA C 491 -5.48 -12.19 51.15
N ILE C 492 -5.41 -10.87 51.30
CA ILE C 492 -6.39 -10.15 52.11
C ILE C 492 -7.79 -10.35 51.56
N GLU C 493 -8.70 -10.85 52.39
CA GLU C 493 -10.08 -11.10 51.97
C GLU C 493 -10.74 -9.86 51.37
N ILE C 494 -11.88 -10.06 50.70
CA ILE C 494 -12.62 -8.96 50.07
C ILE C 494 -13.81 -8.45 50.89
N THR C 495 -13.71 -7.19 51.33
CA THR C 495 -14.75 -6.56 52.13
C THR C 495 -15.97 -6.17 51.30
N HIS C 496 -17.11 -6.82 51.58
CA HIS C 496 -18.34 -6.52 50.85
C HIS C 496 -19.37 -5.82 51.74
N THR C 497 -19.39 -4.49 51.66
CA THR C 497 -20.29 -3.62 52.45
C THR C 497 -21.73 -4.09 52.54
N PHE C 498 -22.34 -3.81 53.68
CA PHE C 498 -23.72 -4.17 53.93
C PHE C 498 -24.63 -3.49 52.90
N LEU C 499 -24.31 -2.23 52.60
CA LEU C 499 -25.09 -1.46 51.64
C LEU C 499 -25.07 -2.14 50.28
N GLU C 500 -23.87 -2.36 49.77
CA GLU C 500 -23.66 -2.99 48.48
C GLU C 500 -24.44 -4.30 48.42
N ARG C 501 -24.30 -5.09 49.48
CA ARG C 501 -24.96 -6.39 49.54
C ARG C 501 -26.49 -6.29 49.42
N ASN C 502 -27.07 -5.16 49.83
CA ASN C 502 -28.54 -5.02 49.80
C ASN C 502 -29.20 -3.93 48.97
N LEU C 503 -28.50 -2.83 48.70
CA LEU C 503 -29.13 -1.75 47.94
C LEU C 503 -29.83 -2.29 46.71
N PRO C 504 -31.10 -1.91 46.52
CA PRO C 504 -31.92 -2.34 45.40
C PRO C 504 -31.35 -2.01 44.03
N SER C 505 -31.84 -2.73 43.02
CA SER C 505 -31.43 -2.51 41.65
C SER C 505 -32.40 -1.46 41.12
N VAL C 506 -32.06 -0.81 40.01
CA VAL C 506 -32.96 0.18 39.46
C VAL C 506 -34.37 -0.41 39.38
N PRO C 507 -34.48 -1.65 38.88
CA PRO C 507 -35.82 -2.24 38.80
C PRO C 507 -36.32 -2.48 40.22
N GLY C 508 -35.42 -2.97 41.07
CA GLY C 508 -35.76 -3.22 42.46
C GLY C 508 -36.36 -2.03 43.17
N LEU C 509 -35.82 -0.84 42.92
CA LEU C 509 -36.33 0.38 43.54
C LEU C 509 -37.74 0.67 43.08
N LEU C 510 -38.02 0.40 41.81
CA LEU C 510 -39.33 0.66 41.24
C LEU C 510 -40.37 -0.36 41.69
N LYS C 511 -39.93 -1.56 42.06
CA LYS C 511 -40.85 -2.58 42.53
C LYS C 511 -41.17 -2.21 43.96
N ILE C 512 -40.14 -1.77 44.69
CA ILE C 512 -40.29 -1.34 46.08
C ILE C 512 -41.33 -0.23 46.12
N THR C 513 -41.28 0.68 45.15
CA THR C 513 -42.22 1.78 45.14
C THR C 513 -43.61 1.42 44.57
N GLY C 514 -43.71 0.43 43.69
CA GLY C 514 -45.02 0.06 43.19
C GLY C 514 -45.80 -0.37 44.42
N VAL C 515 -45.09 -0.57 45.52
CA VAL C 515 -45.69 -0.97 46.78
C VAL C 515 -45.88 0.22 47.74
N SER C 516 -44.97 1.19 47.75
CA SER C 516 -45.12 2.35 48.62
C SER C 516 -46.25 3.22 48.08
N THR C 517 -46.55 3.06 46.79
CA THR C 517 -47.66 3.80 46.19
C THR C 517 -48.89 3.10 46.74
N SER C 518 -49.02 1.80 46.44
CA SER C 518 -50.14 1.01 46.95
C SER C 518 -50.39 1.27 48.43
N VAL C 519 -49.33 1.26 49.23
CA VAL C 519 -49.43 1.49 50.68
C VAL C 519 -49.87 2.89 51.10
N ALA C 520 -49.33 3.92 50.45
CA ALA C 520 -49.68 5.29 50.79
C ALA C 520 -51.14 5.57 50.43
N LEU C 521 -51.48 5.33 49.17
CA LEU C 521 -52.83 5.57 48.68
C LEU C 521 -53.88 4.65 49.30
N LEU C 522 -53.58 3.35 49.43
CA LEU C 522 -54.55 2.44 50.02
C LEU C 522 -54.84 2.83 51.46
N CYS C 523 -53.79 3.17 52.21
CA CYS C 523 -53.98 3.56 53.60
C CYS C 523 -54.84 4.83 53.71
N PHE C 524 -54.40 5.94 53.13
CA PHE C 524 -55.14 7.22 53.19
C PHE C 524 -56.57 7.22 52.60
N VAL C 525 -56.79 6.44 51.54
CA VAL C 525 -58.12 6.34 50.90
C VAL C 525 -59.13 5.80 51.90
N LEU C 526 -58.71 4.76 52.62
CA LEU C 526 -59.50 4.06 53.64
C LEU C 526 -60.04 4.94 54.78
N TYR C 527 -59.69 6.23 54.77
CA TYR C 527 -60.12 7.16 55.81
C TYR C 527 -60.95 8.32 55.25
N LYS C 528 -61.51 8.09 54.07
CA LYS C 528 -62.38 9.05 53.38
C LYS C 528 -63.21 8.12 52.49
N ILE C 529 -64.52 8.36 52.44
CA ILE C 529 -65.49 7.50 51.77
C ILE C 529 -65.07 6.03 51.98
N ALA D 18 11.09 -32.22 -9.70
CA ALA D 18 11.64 -31.83 -8.37
C ALA D 18 11.21 -30.40 -8.01
N GLY D 19 12.02 -29.73 -7.20
CA GLY D 19 11.71 -28.36 -6.79
C GLY D 19 12.45 -27.31 -7.59
N HIS D 20 11.71 -26.49 -8.35
CA HIS D 20 12.31 -25.44 -9.16
C HIS D 20 11.75 -24.02 -8.96
N MET D 21 12.03 -23.14 -9.91
CA MET D 21 11.58 -21.75 -9.86
C MET D 21 10.45 -21.51 -10.85
N PHE D 22 9.40 -20.83 -10.41
CA PHE D 22 8.25 -20.54 -11.25
C PHE D 22 7.87 -19.07 -11.16
N ASP D 23 6.99 -18.65 -12.05
CA ASP D 23 6.52 -17.27 -12.05
C ASP D 23 5.55 -17.08 -10.88
N VAL D 24 4.47 -17.86 -10.89
CA VAL D 24 3.46 -17.78 -9.86
C VAL D 24 3.27 -19.13 -9.17
N VAL D 25 3.19 -19.13 -7.84
CA VAL D 25 2.97 -20.35 -7.10
C VAL D 25 1.60 -20.23 -6.42
N VAL D 26 0.74 -21.19 -6.68
CA VAL D 26 -0.62 -21.18 -6.12
C VAL D 26 -0.80 -22.21 -5.03
N ILE D 27 -1.12 -21.72 -3.83
CA ILE D 27 -1.33 -22.61 -2.70
C ILE D 27 -2.79 -23.00 -2.68
N GLY D 28 -3.07 -24.25 -2.98
CA GLY D 28 -4.45 -24.70 -2.96
C GLY D 28 -4.92 -25.39 -4.22
N GLY D 29 -5.16 -26.70 -4.09
CA GLY D 29 -5.63 -27.49 -5.20
C GLY D 29 -7.15 -27.58 -5.20
N GLY D 30 -7.80 -26.50 -4.81
CA GLY D 30 -9.25 -26.50 -4.80
C GLY D 30 -9.73 -25.95 -6.13
N ILE D 31 -11.04 -25.76 -6.28
CA ILE D 31 -11.54 -25.22 -7.53
C ILE D 31 -10.91 -23.84 -7.72
N SER D 32 -11.12 -22.96 -6.75
CA SER D 32 -10.56 -21.63 -6.84
C SER D 32 -9.07 -21.70 -7.15
N GLY D 33 -8.39 -22.65 -6.54
CA GLY D 33 -6.97 -22.78 -6.80
C GLY D 33 -6.71 -23.05 -8.27
N LEU D 34 -7.19 -24.19 -8.75
CA LEU D 34 -6.99 -24.57 -10.14
C LEU D 34 -7.47 -23.49 -11.09
N ALA D 35 -8.68 -23.00 -10.89
CA ALA D 35 -9.23 -21.98 -11.77
C ALA D 35 -8.16 -20.95 -12.07
N ALA D 36 -7.49 -20.49 -11.02
CA ALA D 36 -6.43 -19.50 -11.15
C ALA D 36 -5.30 -20.11 -11.94
N ALA D 37 -4.83 -21.25 -11.47
CA ALA D 37 -3.75 -21.96 -12.14
C ALA D 37 -4.06 -22.07 -13.63
N LYS D 38 -5.28 -22.49 -13.96
CA LYS D 38 -5.67 -22.63 -15.35
C LYS D 38 -5.44 -21.32 -16.05
N LEU D 39 -6.29 -20.33 -15.75
CA LEU D 39 -6.20 -19.02 -16.36
C LEU D 39 -4.75 -18.53 -16.51
N LEU D 40 -3.93 -18.79 -15.49
CA LEU D 40 -2.55 -18.36 -15.57
C LEU D 40 -1.75 -19.08 -16.64
N SER D 41 -1.97 -20.39 -16.78
CA SER D 41 -1.27 -21.17 -17.78
C SER D 41 -1.68 -20.73 -19.18
N GLU D 42 -2.97 -20.47 -19.36
CA GLU D 42 -3.51 -20.01 -20.64
C GLU D 42 -2.85 -18.69 -21.08
N TYR D 43 -2.25 -17.98 -20.13
CA TYR D 43 -1.56 -16.74 -20.44
C TYR D 43 -0.06 -17.04 -20.54
N LYS D 44 0.24 -18.31 -20.78
CA LYS D 44 1.60 -18.80 -20.93
C LYS D 44 2.49 -18.49 -19.74
N ILE D 45 1.91 -18.45 -18.54
CA ILE D 45 2.67 -18.17 -17.34
C ILE D 45 3.06 -19.44 -16.61
N ASN D 46 4.34 -19.53 -16.24
CA ASN D 46 4.85 -20.71 -15.55
C ASN D 46 4.36 -20.71 -14.11
N VAL D 47 3.24 -21.38 -13.89
CA VAL D 47 2.65 -21.43 -12.56
C VAL D 47 2.69 -22.82 -11.96
N LEU D 48 2.92 -22.87 -10.65
CA LEU D 48 2.98 -24.13 -9.93
C LEU D 48 1.82 -24.16 -8.95
N VAL D 49 1.27 -25.34 -8.70
CA VAL D 49 0.17 -25.48 -7.76
C VAL D 49 0.45 -26.54 -6.71
N LEU D 50 0.60 -26.11 -5.46
CA LEU D 50 0.85 -27.04 -4.36
C LEU D 50 -0.45 -27.36 -3.64
N GLU D 51 -0.71 -28.66 -3.47
CA GLU D 51 -1.91 -29.15 -2.79
C GLU D 51 -1.47 -30.03 -1.63
N ALA D 52 -2.13 -29.89 -0.49
CA ALA D 52 -1.76 -30.65 0.70
C ALA D 52 -2.33 -32.05 0.77
N ARG D 53 -3.52 -32.24 0.22
CA ARG D 53 -4.16 -33.55 0.24
C ARG D 53 -3.54 -34.45 -0.82
N ASP D 54 -3.81 -35.76 -0.72
CA ASP D 54 -3.29 -36.70 -1.69
C ASP D 54 -4.19 -36.65 -2.94
N ARG D 55 -5.15 -35.72 -2.92
CA ARG D 55 -6.07 -35.56 -4.04
C ARG D 55 -6.24 -34.08 -4.36
N VAL D 56 -7.25 -33.78 -5.18
CA VAL D 56 -7.52 -32.41 -5.57
C VAL D 56 -9.05 -32.21 -5.52
N GLY D 57 -9.48 -30.96 -5.43
CA GLY D 57 -10.90 -30.68 -5.35
C GLY D 57 -11.28 -30.14 -3.97
N GLY D 58 -10.45 -30.47 -2.99
CA GLY D 58 -10.68 -30.02 -1.62
C GLY D 58 -12.11 -30.20 -1.13
N ARG D 59 -12.73 -29.12 -0.67
CA ARG D 59 -14.09 -29.17 -0.14
C ARG D 59 -15.09 -29.81 -1.10
N THR D 60 -14.67 -29.98 -2.35
CA THR D 60 -15.50 -30.63 -3.36
C THR D 60 -14.78 -31.98 -3.44
N TYR D 61 -15.53 -33.08 -3.29
CA TYR D 61 -14.89 -34.40 -3.29
C TYR D 61 -15.83 -35.50 -3.73
N THR D 62 -15.52 -36.13 -4.86
CA THR D 62 -16.38 -37.18 -5.36
C THR D 62 -15.87 -38.58 -5.02
N VAL D 63 -16.61 -39.26 -4.15
CA VAL D 63 -16.26 -40.60 -3.72
C VAL D 63 -16.73 -41.62 -4.73
N ARG D 64 -15.85 -42.55 -5.07
CA ARG D 64 -16.17 -43.58 -6.03
C ARG D 64 -15.90 -44.99 -5.50
N ASN D 65 -16.94 -45.82 -5.59
CA ASN D 65 -16.88 -47.22 -5.18
C ASN D 65 -18.02 -47.89 -5.94
N GLU D 66 -18.02 -49.21 -6.00
CA GLU D 66 -19.06 -49.92 -6.73
C GLU D 66 -20.44 -49.75 -6.13
N HIS D 67 -20.49 -49.59 -4.81
CA HIS D 67 -21.74 -49.41 -4.09
C HIS D 67 -22.53 -48.16 -4.48
N VAL D 68 -21.84 -47.16 -5.03
CA VAL D 68 -22.52 -45.91 -5.40
C VAL D 68 -22.07 -45.33 -6.74
N LYS D 69 -21.04 -45.94 -7.34
CA LYS D 69 -20.48 -45.46 -8.61
C LYS D 69 -19.77 -44.13 -8.35
N TRP D 70 -20.56 -43.07 -8.21
CA TRP D 70 -20.01 -41.75 -7.93
C TRP D 70 -20.96 -40.94 -7.05
N VAL D 71 -20.40 -40.23 -6.08
CA VAL D 71 -21.17 -39.40 -5.17
C VAL D 71 -20.42 -38.17 -4.69
N ASP D 72 -21.07 -37.02 -4.75
CA ASP D 72 -20.46 -35.79 -4.28
C ASP D 72 -20.67 -35.80 -2.78
N VAL D 73 -19.60 -36.08 -2.06
CA VAL D 73 -19.66 -36.13 -0.61
C VAL D 73 -19.35 -34.72 -0.05
N GLY D 74 -19.08 -33.78 -0.95
CA GLY D 74 -18.78 -32.41 -0.56
C GLY D 74 -19.64 -31.43 -1.35
N GLY D 75 -19.01 -30.46 -2.00
CA GLY D 75 -19.80 -29.51 -2.78
C GLY D 75 -20.52 -30.28 -3.86
N ALA D 76 -21.71 -29.85 -4.24
CA ALA D 76 -22.44 -30.60 -5.27
C ALA D 76 -23.43 -29.87 -6.15
N TYR D 77 -24.24 -29.00 -5.55
CA TYR D 77 -25.27 -28.28 -6.30
C TYR D 77 -24.86 -26.97 -6.96
N VAL D 78 -25.45 -26.71 -8.11
CA VAL D 78 -25.21 -25.49 -8.87
C VAL D 78 -26.58 -24.98 -9.31
N GLY D 79 -26.66 -23.72 -9.70
CA GLY D 79 -27.96 -23.21 -10.11
C GLY D 79 -27.96 -21.99 -11.02
N PRO D 80 -29.16 -21.50 -11.32
CA PRO D 80 -29.49 -20.35 -12.17
C PRO D 80 -28.47 -19.22 -12.31
N THR D 81 -28.06 -18.58 -11.22
CA THR D 81 -27.11 -17.49 -11.40
C THR D 81 -25.63 -17.84 -11.26
N GLN D 82 -25.32 -19.10 -11.02
CA GLN D 82 -23.94 -19.53 -10.83
C GLN D 82 -23.16 -19.66 -12.16
N ASN D 83 -23.40 -18.72 -13.07
CA ASN D 83 -22.76 -18.72 -14.40
C ASN D 83 -21.29 -19.10 -14.47
N ARG D 84 -20.46 -18.52 -13.61
CA ARG D 84 -19.03 -18.81 -13.61
C ARG D 84 -18.73 -20.31 -13.55
N ILE D 85 -19.31 -21.00 -12.58
CA ILE D 85 -19.02 -22.43 -12.45
C ILE D 85 -19.58 -23.21 -13.63
N LEU D 86 -20.82 -22.91 -14.00
CA LEU D 86 -21.46 -23.59 -15.13
C LEU D 86 -20.58 -23.53 -16.38
N ARG D 87 -20.14 -22.33 -16.73
CA ARG D 87 -19.29 -22.11 -17.89
C ARG D 87 -18.03 -22.98 -17.85
N LEU D 88 -17.29 -22.89 -16.74
CA LEU D 88 -16.07 -23.67 -16.56
C LEU D 88 -16.40 -25.15 -16.58
N SER D 89 -17.52 -25.50 -15.98
CA SER D 89 -17.98 -26.88 -15.92
C SER D 89 -18.13 -27.42 -17.34
N LYS D 90 -18.91 -26.70 -18.15
CA LYS D 90 -19.16 -27.07 -19.53
C LYS D 90 -17.86 -27.20 -20.30
N GLU D 91 -17.07 -26.13 -20.30
CA GLU D 91 -15.80 -26.14 -21.01
C GLU D 91 -14.99 -27.40 -20.70
N LEU D 92 -15.11 -27.91 -19.48
CA LEU D 92 -14.39 -29.11 -19.08
C LEU D 92 -15.15 -30.36 -19.50
N GLY D 93 -16.24 -30.16 -20.23
CA GLY D 93 -17.06 -31.26 -20.71
C GLY D 93 -17.74 -32.02 -19.60
N ILE D 94 -18.37 -31.28 -18.69
CA ILE D 94 -19.08 -31.88 -17.56
C ILE D 94 -20.55 -31.46 -17.63
N GLU D 95 -21.45 -32.42 -17.53
CA GLU D 95 -22.87 -32.14 -17.61
C GLU D 95 -23.57 -31.93 -16.29
N THR D 96 -24.71 -31.24 -16.36
CA THR D 96 -25.54 -30.96 -15.20
C THR D 96 -26.85 -31.71 -15.35
N TYR D 97 -27.48 -32.06 -14.24
CA TYR D 97 -28.74 -32.79 -14.29
C TYR D 97 -29.67 -32.27 -13.21
N LYS D 98 -30.90 -31.93 -13.60
CA LYS D 98 -31.87 -31.40 -12.65
C LYS D 98 -32.15 -32.28 -11.45
N VAL D 99 -32.35 -31.65 -10.29
CA VAL D 99 -32.62 -32.38 -9.06
C VAL D 99 -34.10 -32.72 -9.04
N ASN D 100 -34.42 -33.94 -8.62
CA ASN D 100 -35.81 -34.40 -8.59
C ASN D 100 -36.69 -33.64 -7.60
N VAL D 101 -37.80 -33.13 -8.11
CA VAL D 101 -38.75 -32.39 -7.30
C VAL D 101 -40.16 -32.56 -7.87
N ASN D 102 -40.33 -33.57 -8.72
CA ASN D 102 -41.63 -33.84 -9.33
C ASN D 102 -42.69 -34.19 -8.28
N GLU D 103 -42.30 -34.97 -7.29
CA GLU D 103 -43.22 -35.39 -6.22
C GLU D 103 -43.48 -34.25 -5.22
N ARG D 104 -44.00 -34.61 -4.06
CA ARG D 104 -44.31 -33.63 -3.02
C ARG D 104 -43.16 -33.46 -2.05
N LEU D 105 -43.06 -32.27 -1.46
CA LEU D 105 -42.03 -31.99 -0.47
C LEU D 105 -42.74 -32.21 0.84
N VAL D 106 -41.99 -32.33 1.93
CA VAL D 106 -42.62 -32.52 3.22
C VAL D 106 -41.90 -31.79 4.34
N GLN D 107 -42.71 -31.25 5.23
CA GLN D 107 -42.22 -30.53 6.38
C GLN D 107 -42.57 -31.36 7.61
N TYR D 108 -41.58 -31.63 8.44
CA TYR D 108 -41.81 -32.41 9.65
C TYR D 108 -41.78 -31.49 10.87
N VAL D 109 -42.94 -31.15 11.39
CA VAL D 109 -43.01 -30.27 12.55
C VAL D 109 -43.66 -30.97 13.74
N LYS D 110 -43.18 -30.64 14.93
CA LYS D 110 -43.68 -31.20 16.18
C LYS D 110 -44.50 -32.47 15.99
N GLY D 111 -45.73 -32.32 15.52
CA GLY D 111 -46.59 -33.46 15.27
C GLY D 111 -45.94 -34.40 14.26
N LYS D 112 -46.50 -34.45 13.06
CA LYS D 112 -45.93 -35.32 12.03
C LYS D 112 -45.59 -34.61 10.72
N THR D 113 -45.68 -35.36 9.64
CA THR D 113 -45.36 -34.84 8.32
C THR D 113 -46.52 -34.16 7.61
N TYR D 114 -46.20 -33.07 6.91
CA TYR D 114 -47.20 -32.29 6.17
C TYR D 114 -46.71 -32.07 4.74
N PRO D 115 -47.35 -32.73 3.76
CA PRO D 115 -46.96 -32.58 2.36
C PRO D 115 -47.17 -31.14 1.91
N PHE D 116 -46.45 -30.74 0.88
CA PHE D 116 -46.56 -29.38 0.37
C PHE D 116 -45.79 -29.21 -0.93
N ARG D 117 -46.10 -28.12 -1.65
CA ARG D 117 -45.44 -27.84 -2.91
C ARG D 117 -45.01 -26.37 -2.96
N GLY D 118 -43.85 -26.11 -3.55
CA GLY D 118 -43.37 -24.75 -3.65
C GLY D 118 -41.97 -24.49 -3.09
N ALA D 119 -41.66 -23.21 -2.92
CA ALA D 119 -40.37 -22.78 -2.39
C ALA D 119 -40.26 -23.18 -0.93
N PHE D 120 -40.79 -22.34 -0.06
CA PHE D 120 -40.78 -22.60 1.37
C PHE D 120 -42.03 -23.38 1.75
N PRO D 121 -42.02 -24.03 2.92
CA PRO D 121 -43.21 -24.78 3.33
C PRO D 121 -44.29 -23.75 3.56
N PRO D 122 -45.54 -24.19 3.71
CA PRO D 122 -46.58 -23.19 3.94
C PRO D 122 -46.92 -23.09 5.42
N VAL D 123 -47.32 -21.90 5.86
CA VAL D 123 -47.71 -21.69 7.25
C VAL D 123 -49.17 -21.25 7.21
N TRP D 124 -50.03 -21.97 7.93
CA TRP D 124 -51.46 -21.65 7.93
C TRP D 124 -52.00 -20.73 9.02
N ASN D 125 -51.28 -20.60 10.13
CA ASN D 125 -51.72 -19.70 11.20
C ASN D 125 -51.55 -18.27 10.67
N PRO D 126 -52.64 -17.48 10.62
CA PRO D 126 -52.59 -16.10 10.13
C PRO D 126 -51.42 -15.27 10.67
N LEU D 127 -51.38 -15.12 11.99
CA LEU D 127 -50.31 -14.34 12.60
C LEU D 127 -48.95 -14.85 12.17
N ALA D 128 -48.72 -16.16 12.31
CA ALA D 128 -47.45 -16.74 11.90
C ALA D 128 -47.18 -16.33 10.46
N TYR D 129 -48.11 -16.66 9.59
CA TYR D 129 -48.00 -16.34 8.17
C TYR D 129 -47.48 -14.92 7.95
N LEU D 130 -48.08 -13.95 8.63
CA LEU D 130 -47.64 -12.58 8.48
C LEU D 130 -46.19 -12.41 8.94
N ASP D 131 -45.90 -12.90 10.16
CA ASP D 131 -44.58 -12.82 10.75
C ASP D 131 -43.55 -13.52 9.88
N TYR D 132 -43.88 -14.75 9.50
CA TYR D 132 -43.06 -15.58 8.64
C TYR D 132 -42.71 -14.82 7.36
N ASN D 133 -43.72 -14.31 6.68
CA ASN D 133 -43.52 -13.56 5.45
C ASN D 133 -42.66 -12.34 5.71
N ASN D 134 -43.06 -11.55 6.70
CA ASN D 134 -42.33 -10.35 7.07
C ASN D 134 -40.85 -10.67 7.22
N LEU D 135 -40.57 -11.80 7.85
CA LEU D 135 -39.20 -12.25 8.05
C LEU D 135 -38.43 -12.13 6.73
N TRP D 136 -38.54 -13.17 5.91
CA TRP D 136 -37.88 -13.23 4.62
C TRP D 136 -37.80 -11.88 3.92
N ARG D 137 -38.95 -11.22 3.78
CA ARG D 137 -38.99 -9.92 3.11
C ARG D 137 -38.04 -8.95 3.76
N THR D 138 -38.07 -8.88 5.09
CA THR D 138 -37.20 -7.97 5.82
C THR D 138 -35.72 -8.30 5.61
N MET D 139 -35.36 -9.57 5.71
CA MET D 139 -33.98 -9.97 5.52
C MET D 139 -33.47 -9.51 4.17
N ASP D 140 -34.34 -9.55 3.17
CA ASP D 140 -33.95 -9.14 1.84
C ASP D 140 -33.91 -7.62 1.73
N GLU D 141 -34.77 -6.95 2.48
CA GLU D 141 -34.80 -5.48 2.48
C GLU D 141 -33.50 -4.95 3.05
N MET D 142 -33.06 -5.55 4.16
CA MET D 142 -31.82 -5.16 4.82
C MET D 142 -30.65 -5.49 3.91
N GLY D 143 -30.76 -6.61 3.21
CA GLY D 143 -29.71 -7.03 2.31
C GLY D 143 -29.42 -6.02 1.21
N LYS D 144 -30.47 -5.56 0.55
CA LYS D 144 -30.33 -4.60 -0.53
C LYS D 144 -29.46 -3.41 -0.13
N GLU D 145 -29.38 -3.17 1.17
CA GLU D 145 -28.62 -2.06 1.70
C GLU D 145 -27.13 -2.34 1.87
N ILE D 146 -26.74 -3.59 1.65
CA ILE D 146 -25.34 -4.02 1.78
C ILE D 146 -24.55 -4.17 0.48
N PRO D 147 -23.35 -3.58 0.42
CA PRO D 147 -22.49 -3.65 -0.76
C PRO D 147 -21.87 -5.03 -0.90
N VAL D 148 -22.35 -5.78 -1.88
CA VAL D 148 -21.88 -7.13 -2.13
C VAL D 148 -20.37 -7.31 -2.02
N ASP D 149 -19.63 -6.35 -2.58
CA ASP D 149 -18.17 -6.41 -2.56
C ASP D 149 -17.54 -5.79 -1.35
N ALA D 150 -18.37 -5.18 -0.50
CA ALA D 150 -17.87 -4.53 0.70
C ALA D 150 -18.90 -4.42 1.81
N PRO D 151 -19.28 -5.54 2.40
CA PRO D 151 -20.27 -5.57 3.48
C PRO D 151 -20.08 -4.44 4.47
N TRP D 152 -18.86 -4.33 4.97
CA TRP D 152 -18.49 -3.32 5.97
C TRP D 152 -18.82 -1.88 5.58
N GLN D 153 -19.20 -1.67 4.34
CA GLN D 153 -19.50 -0.32 3.88
C GLN D 153 -20.98 0.06 4.02
N ALA D 154 -21.83 -0.91 4.37
CA ALA D 154 -23.25 -0.65 4.50
C ALA D 154 -23.56 0.51 5.42
N ARG D 155 -24.72 1.13 5.21
CA ARG D 155 -25.13 2.26 6.04
C ARG D 155 -25.16 1.84 7.50
N HIS D 156 -26.17 1.05 7.88
CA HIS D 156 -26.29 0.59 9.26
C HIS D 156 -25.30 -0.53 9.55
N ALA D 157 -24.17 -0.48 8.84
CA ALA D 157 -23.13 -1.50 8.97
C ALA D 157 -22.64 -1.75 10.40
N GLN D 158 -22.28 -0.69 11.09
CA GLN D 158 -21.77 -0.87 12.44
C GLN D 158 -22.80 -1.35 13.45
N GLU D 159 -24.00 -0.80 13.41
CA GLU D 159 -25.04 -1.22 14.34
C GLU D 159 -25.34 -2.71 14.20
N TRP D 160 -25.47 -3.16 12.94
CA TRP D 160 -25.79 -4.56 12.66
C TRP D 160 -24.72 -5.59 13.04
N ASP D 161 -23.46 -5.30 12.71
CA ASP D 161 -22.39 -6.24 13.02
C ASP D 161 -22.17 -6.47 14.51
N LYS D 162 -22.87 -5.74 15.37
CA LYS D 162 -22.71 -5.93 16.82
C LYS D 162 -23.84 -6.84 17.27
N MET D 163 -24.71 -7.14 16.33
CA MET D 163 -25.87 -7.94 16.61
C MET D 163 -25.81 -9.36 16.05
N THR D 164 -26.03 -10.34 16.93
CA THR D 164 -26.05 -11.76 16.56
C THR D 164 -27.26 -12.04 15.65
N MET D 165 -27.11 -12.95 14.69
CA MET D 165 -28.24 -13.27 13.81
C MET D 165 -29.45 -13.65 14.63
N LYS D 166 -29.21 -14.15 15.84
CA LYS D 166 -30.32 -14.50 16.73
C LYS D 166 -30.94 -13.18 17.13
N ASP D 167 -30.17 -12.37 17.85
CA ASP D 167 -30.62 -11.06 18.31
C ASP D 167 -31.56 -10.49 17.26
N LEU D 168 -31.09 -10.43 16.02
CA LEU D 168 -31.88 -9.89 14.92
C LEU D 168 -33.16 -10.68 14.69
N ILE D 169 -33.03 -11.99 14.60
CA ILE D 169 -34.20 -12.83 14.39
C ILE D 169 -35.24 -12.62 15.48
N ASP D 170 -34.82 -12.64 16.74
CA ASP D 170 -35.76 -12.45 17.85
C ASP D 170 -36.30 -11.02 17.95
N LYS D 171 -35.71 -10.12 17.18
CA LYS D 171 -36.13 -8.73 17.22
C LYS D 171 -37.15 -8.42 16.13
N ILE D 172 -37.35 -9.37 15.22
CA ILE D 172 -38.30 -9.18 14.13
C ILE D 172 -39.31 -10.33 13.97
N CYS D 173 -39.18 -11.36 14.81
CA CYS D 173 -40.10 -12.49 14.75
C CYS D 173 -40.92 -12.52 16.03
N TRP D 174 -42.23 -12.34 15.89
CA TRP D 174 -43.14 -12.36 17.03
C TRP D 174 -43.69 -13.76 17.27
N THR D 175 -43.62 -14.59 16.24
CA THR D 175 -44.10 -15.95 16.31
C THR D 175 -42.97 -16.92 16.64
N LYS D 176 -43.14 -17.70 17.71
CA LYS D 176 -42.13 -18.68 18.07
C LYS D 176 -41.87 -19.55 16.83
N THR D 177 -42.88 -19.67 15.98
CA THR D 177 -42.79 -20.46 14.76
C THR D 177 -41.82 -19.82 13.78
N ALA D 178 -42.24 -18.70 13.20
CA ALA D 178 -41.43 -17.97 12.24
C ALA D 178 -40.00 -17.77 12.76
N ARG D 179 -39.85 -17.75 14.08
CA ARG D 179 -38.55 -17.56 14.69
C ARG D 179 -37.69 -18.82 14.61
N GLU D 180 -38.18 -19.93 15.14
CA GLU D 180 -37.42 -21.19 15.10
C GLU D 180 -37.07 -21.49 13.65
N PHE D 181 -37.99 -21.15 12.75
CA PHE D 181 -37.78 -21.37 11.33
C PHE D 181 -36.58 -20.55 10.89
N ALA D 182 -36.57 -19.28 11.28
CA ALA D 182 -35.46 -18.41 10.92
C ALA D 182 -34.16 -19.12 11.32
N TYR D 183 -34.09 -19.57 12.57
CA TYR D 183 -32.91 -20.25 13.05
C TYR D 183 -32.48 -21.32 12.05
N LEU D 184 -33.39 -22.26 11.80
CA LEU D 184 -33.11 -23.34 10.87
C LEU D 184 -32.49 -22.79 9.60
N PHE D 185 -33.14 -21.80 8.99
CA PHE D 185 -32.66 -21.17 7.77
C PHE D 185 -31.17 -20.86 7.91
N VAL D 186 -30.82 -20.29 9.06
CA VAL D 186 -29.45 -19.97 9.34
C VAL D 186 -28.65 -21.25 9.37
N ASN D 187 -29.13 -22.24 10.12
CA ASN D 187 -28.39 -23.51 10.21
C ASN D 187 -28.12 -24.12 8.85
N ILE D 188 -29.15 -24.22 8.05
CA ILE D 188 -29.05 -24.81 6.73
C ILE D 188 -28.13 -24.09 5.76
N ASN D 189 -28.13 -22.75 5.79
CA ASN D 189 -27.30 -21.96 4.88
C ASN D 189 -25.86 -21.63 5.35
N VAL D 190 -25.59 -21.73 6.65
CA VAL D 190 -24.28 -21.39 7.16
C VAL D 190 -23.67 -22.43 8.07
N THR D 191 -24.36 -23.56 8.22
CA THR D 191 -23.88 -24.66 9.06
C THR D 191 -23.42 -24.16 10.41
N SER D 192 -24.14 -23.18 10.95
CA SER D 192 -23.81 -22.63 12.26
C SER D 192 -25.09 -22.14 12.91
N GLU D 193 -25.03 -21.92 14.22
CA GLU D 193 -26.20 -21.45 14.95
C GLU D 193 -26.37 -19.93 14.83
N PRO D 194 -27.62 -19.47 14.74
CA PRO D 194 -27.94 -18.05 14.61
C PRO D 194 -27.27 -17.15 15.65
N HIS D 195 -26.94 -17.72 16.81
CA HIS D 195 -26.32 -16.94 17.88
C HIS D 195 -24.79 -16.97 17.80
N GLU D 196 -24.27 -17.70 16.81
CA GLU D 196 -22.83 -17.81 16.66
C GLU D 196 -22.34 -16.80 15.64
N VAL D 197 -23.21 -16.40 14.72
CA VAL D 197 -22.84 -15.49 13.64
C VAL D 197 -23.34 -14.06 13.67
N SER D 198 -22.64 -13.19 12.94
CA SER D 198 -23.00 -11.79 12.83
C SER D 198 -24.18 -11.53 11.91
N ALA D 199 -25.19 -10.89 12.44
CA ALA D 199 -26.34 -10.57 11.64
C ALA D 199 -25.86 -9.87 10.37
N LEU D 200 -24.98 -8.88 10.52
CA LEU D 200 -24.50 -8.13 9.36
C LEU D 200 -23.97 -9.05 8.30
N TRP D 201 -23.05 -9.91 8.72
CA TRP D 201 -22.45 -10.87 7.80
C TRP D 201 -23.47 -11.74 7.09
N PHE D 202 -24.33 -12.37 7.86
CA PHE D 202 -25.35 -13.25 7.29
C PHE D 202 -26.19 -12.54 6.23
N LEU D 203 -26.77 -11.42 6.63
CA LEU D 203 -27.60 -10.64 5.73
C LEU D 203 -26.88 -10.50 4.40
N TRP D 204 -25.58 -10.30 4.48
CA TRP D 204 -24.76 -10.16 3.30
C TRP D 204 -24.69 -11.49 2.54
N TYR D 205 -24.27 -12.54 3.24
CA TYR D 205 -24.16 -13.86 2.63
C TYR D 205 -25.38 -14.18 1.79
N VAL D 206 -26.57 -13.95 2.34
CA VAL D 206 -27.79 -14.22 1.60
C VAL D 206 -27.92 -13.26 0.40
N ARG D 207 -27.72 -11.98 0.65
CA ARG D 207 -27.81 -11.01 -0.43
C ARG D 207 -26.81 -11.34 -1.54
N GLN D 208 -25.58 -11.62 -1.15
CA GLN D 208 -24.53 -11.91 -2.12
C GLN D 208 -24.87 -13.10 -3.00
N CYS D 209 -25.83 -13.91 -2.57
CA CYS D 209 -26.24 -15.09 -3.34
C CYS D 209 -27.47 -14.84 -4.20
N GLY D 210 -28.21 -13.79 -3.88
CA GLY D 210 -29.40 -13.49 -4.67
C GLY D 210 -30.66 -13.51 -3.84
N GLY D 211 -30.53 -13.16 -2.57
CA GLY D 211 -31.69 -13.13 -1.68
C GLY D 211 -32.20 -14.48 -1.24
N THR D 212 -32.92 -14.48 -0.13
CA THR D 212 -33.48 -15.70 0.43
C THR D 212 -34.04 -16.63 -0.63
N ALA D 213 -34.98 -16.11 -1.42
CA ALA D 213 -35.61 -16.88 -2.48
C ALA D 213 -34.64 -17.80 -3.20
N ARG D 214 -33.65 -17.21 -3.87
CA ARG D 214 -32.66 -17.97 -4.61
C ARG D 214 -31.81 -18.93 -3.78
N ILE D 215 -31.19 -18.42 -2.74
CA ILE D 215 -30.31 -19.24 -1.92
C ILE D 215 -30.97 -20.49 -1.35
N PHE D 216 -32.30 -20.53 -1.37
CA PHE D 216 -33.01 -21.67 -0.80
C PHE D 216 -33.77 -22.49 -1.82
N SER D 217 -34.35 -21.86 -2.81
CA SER D 217 -35.12 -22.55 -3.83
C SER D 217 -34.33 -23.67 -4.54
N VAL D 218 -35.05 -24.70 -4.94
CA VAL D 218 -34.44 -25.82 -5.61
C VAL D 218 -34.88 -25.71 -7.07
N THR D 219 -36.16 -25.44 -7.29
CA THR D 219 -36.76 -25.31 -8.62
C THR D 219 -36.15 -24.19 -9.46
N ASN D 220 -35.64 -23.15 -8.80
CA ASN D 220 -35.01 -22.04 -9.51
C ASN D 220 -33.86 -21.48 -8.66
N GLY D 221 -33.46 -22.26 -7.66
CA GLY D 221 -32.39 -21.83 -6.79
C GLY D 221 -31.04 -22.49 -7.02
N GLY D 222 -30.13 -22.26 -6.08
CA GLY D 222 -28.80 -22.81 -6.20
C GLY D 222 -28.77 -24.30 -5.97
N GLN D 223 -29.93 -24.86 -5.67
CA GLN D 223 -30.03 -26.30 -5.43
C GLN D 223 -30.82 -26.92 -6.58
N GLU D 224 -30.78 -26.27 -7.75
CA GLU D 224 -31.52 -26.76 -8.89
C GLU D 224 -30.96 -28.01 -9.53
N ARG D 225 -29.64 -28.13 -9.61
CA ARG D 225 -29.05 -29.30 -10.23
C ARG D 225 -27.63 -29.63 -9.84
N LYS D 226 -27.21 -30.87 -10.13
CA LYS D 226 -25.86 -31.34 -9.82
C LYS D 226 -25.06 -31.68 -11.08
N PHE D 227 -23.84 -32.17 -10.88
CA PHE D 227 -22.95 -32.53 -11.98
C PHE D 227 -22.96 -34.02 -12.24
N VAL D 228 -23.20 -34.40 -13.49
CA VAL D 228 -23.22 -35.80 -13.85
C VAL D 228 -21.80 -36.32 -13.83
N GLY D 229 -21.49 -37.12 -12.82
CA GLY D 229 -20.16 -37.67 -12.70
C GLY D 229 -19.52 -37.22 -11.42
N GLY D 230 -20.07 -36.14 -10.86
CA GLY D 230 -19.56 -35.62 -9.61
C GLY D 230 -18.87 -34.28 -9.78
N SER D 231 -19.23 -33.32 -8.95
CA SER D 231 -18.64 -32.00 -9.00
C SER D 231 -17.12 -32.12 -8.85
N GLY D 232 -16.69 -33.16 -8.15
CA GLY D 232 -15.26 -33.35 -7.97
C GLY D 232 -14.51 -33.29 -9.28
N GLN D 233 -15.09 -33.89 -10.31
CA GLN D 233 -14.51 -33.94 -11.64
C GLN D 233 -13.91 -32.63 -12.13
N VAL D 234 -14.59 -31.52 -11.85
CA VAL D 234 -14.12 -30.21 -12.29
C VAL D 234 -12.66 -29.96 -11.94
N SER D 235 -12.29 -30.29 -10.70
CA SER D 235 -10.91 -30.11 -10.24
C SER D 235 -10.02 -31.15 -10.90
N GLU D 236 -10.46 -32.40 -10.83
CA GLU D 236 -9.72 -33.51 -11.41
C GLU D 236 -9.38 -33.19 -12.86
N GLN D 237 -10.39 -32.80 -13.62
CA GLN D 237 -10.21 -32.46 -15.02
C GLN D 237 -9.19 -31.34 -15.16
N ILE D 238 -9.55 -30.16 -14.67
CA ILE D 238 -8.65 -29.02 -14.76
C ILE D 238 -7.24 -29.35 -14.26
N MET D 239 -7.06 -30.48 -13.57
CA MET D 239 -5.71 -30.87 -13.11
C MET D 239 -4.98 -31.54 -14.27
N GLY D 240 -5.71 -32.35 -15.03
CA GLY D 240 -5.12 -33.04 -16.15
C GLY D 240 -4.58 -32.07 -17.19
N LEU D 241 -5.21 -30.90 -17.31
CA LEU D 241 -4.75 -29.91 -18.28
C LEU D 241 -3.45 -29.28 -17.84
N LEU D 242 -3.16 -29.39 -16.55
CA LEU D 242 -1.94 -28.83 -15.99
C LEU D 242 -0.92 -29.95 -15.78
N GLY D 243 -1.44 -31.12 -15.44
CA GLY D 243 -0.60 -32.27 -15.20
C GLY D 243 0.62 -31.98 -14.35
N ASP D 244 1.78 -32.08 -14.99
CA ASP D 244 3.07 -31.86 -14.36
C ASP D 244 3.11 -30.75 -13.29
N LYS D 245 2.48 -29.62 -13.60
CA LYS D 245 2.49 -28.47 -12.70
C LYS D 245 1.57 -28.44 -11.47
N VAL D 246 1.24 -29.60 -10.94
CA VAL D 246 0.38 -29.69 -9.75
C VAL D 246 0.91 -30.77 -8.81
N LYS D 247 1.66 -30.35 -7.80
CA LYS D 247 2.23 -31.30 -6.84
C LYS D 247 1.25 -31.63 -5.72
N LEU D 248 0.91 -32.91 -5.59
CA LEU D 248 0.00 -33.34 -4.53
C LEU D 248 0.79 -33.64 -3.27
N SER D 249 0.06 -33.88 -2.18
CA SER D 249 0.67 -34.18 -0.89
C SER D 249 1.86 -33.28 -0.61
N SER D 250 1.67 -31.98 -0.85
CA SER D 250 2.71 -30.99 -0.64
C SER D 250 2.15 -29.76 0.08
N PRO D 251 1.88 -29.90 1.39
CA PRO D 251 1.34 -28.82 2.22
C PRO D 251 2.31 -27.66 2.36
N VAL D 252 1.90 -26.47 1.90
CA VAL D 252 2.74 -25.27 2.01
C VAL D 252 2.86 -24.99 3.50
N THR D 253 4.05 -24.63 3.93
CA THR D 253 4.26 -24.40 5.35
C THR D 253 5.03 -23.13 5.67
N TYR D 254 5.62 -22.52 4.65
CA TYR D 254 6.43 -21.32 4.85
C TYR D 254 6.45 -20.47 3.59
N ILE D 255 6.36 -19.16 3.77
CA ILE D 255 6.41 -18.23 2.67
C ILE D 255 7.31 -17.07 3.06
N ASP D 256 8.46 -16.97 2.42
CA ASP D 256 9.39 -15.90 2.69
C ASP D 256 9.47 -14.99 1.47
N GLN D 257 8.99 -13.76 1.63
CA GLN D 257 9.02 -12.84 0.51
C GLN D 257 9.76 -11.55 0.81
N THR D 258 10.96 -11.66 1.38
CA THR D 258 11.77 -10.48 1.66
C THR D 258 12.81 -10.30 0.58
N ASP D 259 13.14 -11.39 -0.11
CA ASP D 259 14.14 -11.35 -1.17
C ASP D 259 13.51 -10.96 -2.50
N ASP D 260 14.33 -10.90 -3.54
CA ASP D 260 13.85 -10.53 -4.87
C ASP D 260 12.97 -11.66 -5.40
N ASN D 261 13.23 -12.86 -4.88
CA ASN D 261 12.47 -14.06 -5.24
C ASN D 261 11.74 -14.57 -4.01
N ILE D 262 10.47 -14.93 -4.17
CA ILE D 262 9.72 -15.44 -3.05
C ILE D 262 10.03 -16.91 -2.80
N ILE D 263 10.32 -17.22 -1.55
CA ILE D 263 10.61 -18.60 -1.16
C ILE D 263 9.32 -19.24 -0.67
N VAL D 264 9.20 -20.55 -0.90
CA VAL D 264 8.02 -21.29 -0.49
C VAL D 264 8.46 -22.70 -0.25
N GLU D 265 8.48 -23.10 1.01
CA GLU D 265 8.87 -24.46 1.35
C GLU D 265 7.62 -25.20 1.83
N THR D 266 7.60 -26.51 1.62
CA THR D 266 6.46 -27.32 2.04
C THR D 266 6.80 -28.20 3.22
N LEU D 267 5.94 -29.19 3.45
CA LEU D 267 6.13 -30.10 4.55
C LEU D 267 6.84 -31.36 4.06
N ASN D 268 7.00 -31.46 2.74
CA ASN D 268 7.67 -32.60 2.11
C ASN D 268 9.15 -32.29 2.14
N HIS D 269 9.48 -31.12 2.66
CA HIS D 269 10.85 -30.64 2.74
C HIS D 269 11.26 -30.04 1.40
N GLU D 270 10.29 -29.89 0.50
CA GLU D 270 10.53 -29.30 -0.82
C GLU D 270 10.75 -27.80 -0.71
N HIS D 271 11.26 -27.20 -1.77
CA HIS D 271 11.53 -25.76 -1.79
C HIS D 271 11.29 -25.22 -3.20
N TYR D 272 10.56 -24.12 -3.28
CA TYR D 272 10.25 -23.51 -4.57
C TYR D 272 10.34 -22.00 -4.46
N GLU D 273 10.76 -21.34 -5.51
CA GLU D 273 10.85 -19.89 -5.50
C GLU D 273 9.93 -19.38 -6.60
N CYS D 274 9.43 -18.17 -6.44
CA CYS D 274 8.52 -17.60 -7.42
C CYS D 274 8.47 -16.10 -7.31
N LYS D 275 7.82 -15.47 -8.28
CA LYS D 275 7.70 -14.02 -8.31
C LYS D 275 6.42 -13.50 -7.65
N TYR D 276 5.39 -14.34 -7.58
CA TYR D 276 4.11 -13.97 -6.98
C TYR D 276 3.42 -15.20 -6.39
N VAL D 277 2.56 -14.97 -5.40
CA VAL D 277 1.83 -16.05 -4.75
C VAL D 277 0.33 -15.78 -4.64
N ILE D 278 -0.46 -16.81 -4.93
CA ILE D 278 -1.91 -16.74 -4.84
C ILE D 278 -2.33 -17.81 -3.84
N SER D 279 -2.97 -17.37 -2.76
CA SER D 279 -3.44 -18.26 -1.71
C SER D 279 -4.89 -18.62 -1.99
N ALA D 280 -5.11 -19.87 -2.39
CA ALA D 280 -6.43 -20.37 -2.71
C ALA D 280 -6.93 -21.32 -1.64
N ILE D 281 -6.63 -20.99 -0.39
CA ILE D 281 -7.08 -21.80 0.72
C ILE D 281 -7.89 -20.94 1.68
N PRO D 282 -8.78 -21.55 2.47
CA PRO D 282 -9.64 -20.90 3.45
C PRO D 282 -8.86 -19.99 4.39
N PRO D 283 -9.41 -18.79 4.65
CA PRO D 283 -8.79 -17.81 5.52
C PRO D 283 -8.22 -18.42 6.80
N ILE D 284 -9.06 -19.11 7.54
CA ILE D 284 -8.59 -19.70 8.78
C ILE D 284 -7.37 -20.61 8.62
N LEU D 285 -7.34 -21.36 7.51
CA LEU D 285 -6.26 -22.29 7.23
C LEU D 285 -4.98 -21.60 6.79
N THR D 286 -5.08 -20.30 6.54
CA THR D 286 -3.95 -19.51 6.14
C THR D 286 -2.91 -19.57 7.25
N ALA D 287 -3.37 -19.84 8.46
CA ALA D 287 -2.47 -19.91 9.61
C ALA D 287 -1.60 -21.17 9.64
N LYS D 288 -1.94 -22.16 8.83
CA LYS D 288 -1.13 -23.39 8.78
C LYS D 288 0.22 -22.99 8.18
N ILE D 289 0.31 -21.75 7.70
CA ILE D 289 1.51 -21.22 7.07
C ILE D 289 2.28 -20.23 7.94
N HIS D 290 3.61 -20.32 7.90
CA HIS D 290 4.42 -19.39 8.66
C HIS D 290 4.96 -18.37 7.66
N PHE D 291 4.63 -17.10 7.88
CA PHE D 291 5.05 -16.04 6.96
C PHE D 291 6.33 -15.35 7.39
N LYS D 292 7.19 -15.07 6.42
CA LYS D 292 8.46 -14.43 6.73
C LYS D 292 8.15 -13.08 7.27
N PRO D 293 7.87 -12.09 6.41
CA PRO D 293 7.57 -10.80 7.06
C PRO D 293 6.21 -11.00 7.70
N GLU D 294 6.18 -11.15 9.01
CA GLU D 294 4.91 -11.37 9.73
C GLU D 294 3.83 -10.54 9.06
N LEU D 295 2.69 -11.16 8.78
CA LEU D 295 1.63 -10.43 8.10
C LEU D 295 1.22 -9.25 8.95
N PRO D 296 0.57 -8.26 8.33
CA PRO D 296 0.09 -7.06 9.00
C PRO D 296 -0.88 -7.44 10.10
N PRO D 297 -0.96 -6.63 11.15
CA PRO D 297 -1.89 -6.94 12.23
C PRO D 297 -3.27 -7.29 11.68
N GLU D 298 -3.88 -6.35 10.97
CA GLU D 298 -5.21 -6.55 10.41
C GLU D 298 -5.43 -7.98 9.91
N ARG D 299 -4.60 -8.41 8.96
CA ARG D 299 -4.75 -9.75 8.41
C ARG D 299 -4.48 -10.77 9.50
N ASN D 300 -3.29 -10.68 10.10
CA ASN D 300 -2.88 -11.58 11.14
C ASN D 300 -4.02 -11.78 12.09
N GLN D 301 -4.59 -10.68 12.48
CA GLN D 301 -5.69 -10.68 13.41
C GLN D 301 -6.94 -11.33 12.82
N LEU D 302 -7.25 -10.99 11.57
CA LEU D 302 -8.44 -11.54 10.90
C LEU D 302 -8.37 -13.01 10.66
N ILE D 303 -7.20 -13.48 10.25
CA ILE D 303 -7.01 -14.88 9.95
C ILE D 303 -7.35 -15.81 11.14
N GLN D 304 -7.64 -15.23 12.30
CA GLN D 304 -7.97 -16.04 13.46
C GLN D 304 -9.39 -15.75 13.94
N ARG D 305 -10.25 -15.33 13.02
CA ARG D 305 -11.63 -15.01 13.37
C ARG D 305 -12.62 -15.46 12.33
N LEU D 306 -12.18 -16.27 11.37
CA LEU D 306 -13.08 -16.75 10.33
C LEU D 306 -13.15 -18.27 10.33
N PRO D 307 -13.92 -18.82 11.27
CA PRO D 307 -14.16 -20.24 11.50
C PRO D 307 -14.95 -20.91 10.40
N MET D 308 -14.71 -22.20 10.23
CA MET D 308 -15.41 -22.99 9.24
C MET D 308 -16.61 -23.65 9.92
N GLY D 309 -17.77 -23.56 9.27
CA GLY D 309 -18.97 -24.16 9.83
C GLY D 309 -18.87 -25.67 10.04
N ALA D 310 -19.88 -26.26 10.66
CA ALA D 310 -19.86 -27.69 10.93
C ALA D 310 -21.02 -28.43 10.27
N VAL D 311 -20.68 -29.49 9.54
CA VAL D 311 -21.69 -30.29 8.84
C VAL D 311 -21.20 -31.68 8.50
N ILE D 312 -22.13 -32.61 8.40
CA ILE D 312 -21.84 -33.98 8.03
C ILE D 312 -22.82 -34.29 6.92
N LYS D 313 -22.33 -34.48 5.70
CA LYS D 313 -23.22 -34.78 4.59
C LYS D 313 -23.44 -36.29 4.64
N CYS D 314 -24.71 -36.71 4.58
CA CYS D 314 -25.03 -38.12 4.66
C CYS D 314 -25.99 -38.64 3.61
N MET D 315 -25.54 -39.65 2.87
CA MET D 315 -26.36 -40.27 1.85
C MET D 315 -26.73 -41.67 2.33
N VAL D 316 -28.02 -41.98 2.27
CA VAL D 316 -28.49 -43.29 2.66
C VAL D 316 -29.07 -43.89 1.38
N TYR D 317 -28.61 -45.09 1.06
CA TYR D 317 -29.07 -45.76 -0.14
C TYR D 317 -30.08 -46.87 0.14
N TYR D 318 -31.12 -46.92 -0.68
CA TYR D 318 -32.16 -47.92 -0.56
C TYR D 318 -32.22 -48.61 -1.92
N LYS D 319 -32.88 -49.75 -2.00
CA LYS D 319 -32.95 -50.46 -3.28
C LYS D 319 -34.04 -49.87 -4.17
N GLU D 320 -34.93 -49.09 -3.56
CA GLU D 320 -36.04 -48.51 -4.29
C GLU D 320 -36.46 -47.17 -3.67
N ALA D 321 -36.74 -46.18 -4.52
CA ALA D 321 -37.17 -44.86 -4.07
C ALA D 321 -38.61 -44.91 -3.53
N PHE D 322 -38.79 -45.68 -2.46
CA PHE D 322 -40.09 -45.86 -1.83
C PHE D 322 -40.89 -44.60 -1.56
N TRP D 323 -40.20 -43.48 -1.45
CA TRP D 323 -40.88 -42.22 -1.18
C TRP D 323 -41.66 -41.74 -2.39
N LYS D 324 -41.26 -42.20 -3.58
CA LYS D 324 -41.96 -41.79 -4.79
C LYS D 324 -43.32 -42.49 -4.85
N LYS D 325 -43.42 -43.62 -4.15
CA LYS D 325 -44.66 -44.39 -4.12
C LYS D 325 -45.72 -43.67 -3.31
N LYS D 326 -45.34 -42.58 -2.64
CA LYS D 326 -46.29 -41.81 -1.85
C LYS D 326 -46.34 -40.36 -2.34
N ASP D 327 -45.93 -40.15 -3.58
CA ASP D 327 -45.89 -38.81 -4.16
C ASP D 327 -45.09 -37.90 -3.25
N TYR D 328 -43.91 -38.39 -2.85
CA TYR D 328 -42.98 -37.67 -1.99
C TYR D 328 -41.63 -37.71 -2.70
N CYS D 329 -40.99 -36.57 -2.90
CA CYS D 329 -39.67 -36.58 -3.51
C CYS D 329 -38.73 -36.57 -2.31
N GLY D 330 -37.50 -37.01 -2.51
CA GLY D 330 -36.56 -37.05 -1.41
C GLY D 330 -36.55 -35.88 -0.45
N CYS D 331 -36.91 -34.69 -0.93
CA CYS D 331 -36.88 -33.50 -0.09
C CYS D 331 -37.76 -33.48 1.16
N MET D 332 -37.14 -33.18 2.29
CA MET D 332 -37.81 -33.10 3.58
C MET D 332 -37.20 -31.95 4.37
N ILE D 333 -38.04 -31.21 5.09
CA ILE D 333 -37.57 -30.10 5.92
C ILE D 333 -37.95 -30.43 7.36
N ILE D 334 -37.03 -31.03 8.09
CA ILE D 334 -37.29 -31.44 9.46
C ILE D 334 -36.99 -30.40 10.52
N GLU D 335 -38.04 -29.98 11.22
CA GLU D 335 -37.92 -29.00 12.29
C GLU D 335 -38.29 -29.68 13.61
N ASP D 336 -37.30 -30.28 14.27
CA ASP D 336 -37.53 -30.95 15.54
C ASP D 336 -36.22 -31.28 16.28
N GLU D 337 -35.93 -30.49 17.31
CA GLU D 337 -34.73 -30.63 18.12
C GLU D 337 -34.00 -31.97 18.02
N GLU D 338 -34.66 -33.03 18.47
CA GLU D 338 -34.09 -34.39 18.47
C GLU D 338 -33.54 -34.89 17.12
N ALA D 339 -34.36 -34.78 16.08
CA ALA D 339 -33.99 -35.24 14.75
C ALA D 339 -32.60 -34.79 14.28
N PRO D 340 -31.78 -35.75 13.82
CA PRO D 340 -30.42 -35.57 13.33
C PRO D 340 -30.32 -34.70 12.08
N ILE D 341 -31.10 -35.03 11.06
CA ILE D 341 -31.07 -34.28 9.81
C ILE D 341 -32.06 -33.12 9.80
N ALA D 342 -31.62 -32.01 9.24
CA ALA D 342 -32.46 -30.82 9.14
C ALA D 342 -33.19 -30.86 7.80
N ILE D 343 -32.46 -30.96 6.70
CA ILE D 343 -33.08 -31.02 5.39
C ILE D 343 -32.50 -32.17 4.59
N THR D 344 -33.24 -32.62 3.58
CA THR D 344 -32.81 -33.73 2.73
C THR D 344 -33.22 -33.53 1.28
N LEU D 345 -32.65 -34.34 0.40
CA LEU D 345 -32.97 -34.28 -1.02
C LEU D 345 -32.81 -35.65 -1.64
N ASP D 346 -33.48 -35.86 -2.77
CA ASP D 346 -33.40 -37.13 -3.48
C ASP D 346 -32.06 -37.12 -4.19
N ASP D 347 -31.16 -38.01 -3.80
CA ASP D 347 -29.84 -38.06 -4.43
C ASP D 347 -29.72 -39.29 -5.33
N THR D 348 -30.86 -39.77 -5.81
CA THR D 348 -30.87 -40.91 -6.70
C THR D 348 -30.21 -40.43 -7.97
N LYS D 349 -29.73 -41.36 -8.79
CA LYS D 349 -29.07 -41.00 -10.05
C LYS D 349 -30.10 -40.66 -11.11
N PRO D 350 -29.69 -39.91 -12.14
CA PRO D 350 -30.59 -39.51 -13.24
C PRO D 350 -31.36 -40.67 -13.84
N ASP D 351 -30.66 -41.76 -14.12
CA ASP D 351 -31.26 -42.95 -14.70
C ASP D 351 -31.96 -43.82 -13.65
N GLY D 352 -32.48 -43.19 -12.61
CA GLY D 352 -33.16 -43.92 -11.55
C GLY D 352 -32.28 -44.91 -10.82
N SER D 353 -31.03 -45.03 -11.27
CA SER D 353 -30.09 -45.95 -10.66
C SER D 353 -29.68 -45.56 -9.24
N LEU D 354 -29.57 -46.56 -8.37
CA LEU D 354 -29.17 -46.35 -6.98
C LEU D 354 -29.96 -45.27 -6.26
N PRO D 355 -31.23 -45.54 -5.94
CA PRO D 355 -32.00 -44.52 -5.25
C PRO D 355 -31.39 -44.24 -3.88
N ALA D 356 -31.38 -42.98 -3.48
CA ALA D 356 -30.83 -42.60 -2.18
C ALA D 356 -31.30 -41.23 -1.77
N ILE D 357 -31.10 -40.94 -0.49
CA ILE D 357 -31.51 -39.67 0.08
C ILE D 357 -30.35 -38.95 0.79
N MET D 358 -30.09 -37.73 0.37
CA MET D 358 -29.03 -36.93 0.93
C MET D 358 -29.58 -36.02 2.03
N GLY D 359 -28.94 -36.08 3.19
CA GLY D 359 -29.38 -35.25 4.30
C GLY D 359 -28.20 -34.59 4.97
N PHE D 360 -28.46 -33.51 5.68
CA PHE D 360 -27.41 -32.78 6.38
C PHE D 360 -27.57 -32.77 7.90
N ILE D 361 -26.44 -32.85 8.59
CA ILE D 361 -26.41 -32.78 10.06
C ILE D 361 -25.64 -31.48 10.32
N LEU D 362 -26.35 -30.46 10.81
CA LEU D 362 -25.75 -29.15 11.00
C LEU D 362 -25.48 -28.62 12.39
N ALA D 363 -24.67 -27.58 12.43
CA ALA D 363 -24.28 -26.91 13.66
C ALA D 363 -24.22 -27.79 14.91
N ARG D 364 -24.92 -27.39 15.96
CA ARG D 364 -24.93 -28.12 17.21
C ARG D 364 -25.05 -29.62 17.00
N LYS D 365 -26.02 -30.02 16.20
CA LYS D 365 -26.26 -31.42 15.93
C LYS D 365 -25.03 -32.11 15.33
N ALA D 366 -24.30 -31.40 14.49
CA ALA D 366 -23.11 -31.95 13.86
C ALA D 366 -22.23 -32.62 14.89
N ASP D 367 -21.74 -31.86 15.86
CA ASP D 367 -20.88 -32.44 16.88
C ASP D 367 -21.57 -33.47 17.75
N ARG D 368 -22.84 -33.25 18.06
CA ARG D 368 -23.57 -34.20 18.90
C ARG D 368 -23.58 -35.62 18.29
N LEU D 369 -24.09 -35.74 17.08
CA LEU D 369 -24.17 -37.03 16.41
C LEU D 369 -22.82 -37.65 16.12
N ALA D 370 -21.80 -36.81 15.92
CA ALA D 370 -20.46 -37.29 15.65
C ALA D 370 -19.92 -38.08 16.84
N LYS D 371 -20.56 -37.92 17.99
CA LYS D 371 -20.13 -38.62 19.19
C LYS D 371 -20.61 -40.07 19.18
N LEU D 372 -21.45 -40.41 18.21
CA LEU D 372 -21.97 -41.76 18.09
C LEU D 372 -21.12 -42.64 17.19
N HIS D 373 -21.46 -43.92 17.14
CA HIS D 373 -20.75 -44.85 16.29
C HIS D 373 -21.42 -44.76 14.92
N LYS D 374 -20.62 -44.88 13.86
CA LYS D 374 -21.13 -44.78 12.49
C LYS D 374 -22.46 -45.49 12.34
N ASP D 375 -22.51 -46.74 12.78
CA ASP D 375 -23.72 -47.53 12.67
C ASP D 375 -24.89 -46.88 13.39
N ILE D 376 -24.70 -46.53 14.66
CA ILE D 376 -25.77 -45.90 15.44
C ILE D 376 -26.32 -44.68 14.69
N ARG D 377 -25.43 -43.77 14.34
CA ARG D 377 -25.80 -42.57 13.61
C ARG D 377 -26.68 -42.96 12.44
N LYS D 378 -26.18 -43.86 11.61
CA LYS D 378 -26.91 -44.36 10.45
C LYS D 378 -28.34 -44.73 10.84
N ARG D 379 -28.44 -45.57 11.87
CA ARG D 379 -29.73 -46.01 12.35
C ARG D 379 -30.60 -44.80 12.62
N LYS D 380 -30.16 -43.99 13.59
CA LYS D 380 -30.88 -42.78 13.98
C LYS D 380 -31.47 -42.08 12.75
N ILE D 381 -30.64 -41.88 11.74
CA ILE D 381 -31.07 -41.22 10.51
C ILE D 381 -32.22 -41.97 9.87
N CYS D 382 -32.05 -43.27 9.72
CA CYS D 382 -33.09 -44.09 9.10
C CYS D 382 -34.38 -43.99 9.88
N GLU D 383 -34.29 -44.26 11.18
CA GLU D 383 -35.45 -44.19 12.07
C GLU D 383 -36.17 -42.87 11.82
N LEU D 384 -35.41 -41.81 11.58
CA LEU D 384 -35.99 -40.50 11.32
C LEU D 384 -36.72 -40.52 9.99
N TYR D 385 -35.98 -40.77 8.91
CA TYR D 385 -36.55 -40.82 7.57
C TYR D 385 -37.82 -41.66 7.55
N ALA D 386 -37.84 -42.67 8.41
CA ALA D 386 -39.00 -43.54 8.52
C ALA D 386 -40.20 -42.68 8.92
N LYS D 387 -40.22 -42.28 10.19
CA LYS D 387 -41.29 -41.46 10.74
C LYS D 387 -41.70 -40.30 9.84
N VAL D 388 -40.72 -39.55 9.33
CA VAL D 388 -41.02 -38.41 8.47
C VAL D 388 -41.80 -38.83 7.23
N LEU D 389 -41.31 -39.85 6.54
CA LEU D 389 -41.96 -40.35 5.33
C LEU D 389 -43.18 -41.22 5.64
N GLY D 390 -42.94 -42.42 6.15
CA GLY D 390 -44.02 -43.32 6.48
C GLY D 390 -43.59 -44.77 6.50
N SER D 391 -43.39 -45.34 5.31
CA SER D 391 -42.99 -46.73 5.19
C SER D 391 -41.70 -47.01 5.93
N GLN D 392 -41.67 -48.13 6.63
CA GLN D 392 -40.49 -48.51 7.39
C GLN D 392 -39.40 -48.96 6.43
N GLU D 393 -39.70 -48.89 5.14
CA GLU D 393 -38.74 -49.29 4.11
C GLU D 393 -37.49 -48.44 4.31
N ALA D 394 -37.65 -47.38 5.09
CA ALA D 394 -36.56 -46.46 5.38
C ALA D 394 -35.55 -47.06 6.38
N LEU D 395 -35.95 -48.12 7.07
CA LEU D 395 -35.07 -48.74 8.06
C LEU D 395 -34.12 -49.78 7.49
N TYR D 396 -34.31 -50.13 6.21
CA TYR D 396 -33.48 -51.14 5.56
C TYR D 396 -32.67 -50.61 4.39
N PRO D 397 -31.60 -49.86 4.70
CA PRO D 397 -30.75 -49.29 3.66
C PRO D 397 -29.82 -50.36 3.13
N VAL D 398 -29.35 -50.16 1.91
CA VAL D 398 -28.41 -51.10 1.29
C VAL D 398 -27.02 -50.62 1.63
N HIS D 399 -26.74 -49.36 1.29
CA HIS D 399 -25.45 -48.76 1.56
C HIS D 399 -25.59 -47.38 2.19
N TYR D 400 -24.55 -46.95 2.87
CA TYR D 400 -24.53 -45.65 3.55
C TYR D 400 -23.16 -44.99 3.46
N GLU D 401 -23.12 -43.79 2.87
CA GLU D 401 -21.89 -43.01 2.75
C GLU D 401 -22.05 -41.69 3.50
N GLU D 402 -21.01 -41.29 4.23
CA GLU D 402 -21.06 -40.07 5.01
C GLU D 402 -19.71 -39.35 5.05
N LYS D 403 -19.74 -38.08 5.40
CA LYS D 403 -18.52 -37.31 5.52
C LYS D 403 -18.68 -36.22 6.55
N ASN D 404 -17.84 -36.26 7.57
CA ASN D 404 -17.87 -35.26 8.62
C ASN D 404 -16.74 -34.30 8.31
N TRP D 405 -17.06 -33.10 7.82
CA TRP D 405 -16.01 -32.17 7.46
C TRP D 405 -15.31 -31.45 8.59
N CYS D 406 -15.73 -31.72 9.81
CA CYS D 406 -15.08 -31.09 10.94
C CYS D 406 -13.74 -31.80 11.13
N GLU D 407 -13.69 -33.06 10.68
CA GLU D 407 -12.48 -33.86 10.81
C GLU D 407 -11.35 -33.35 9.93
N GLU D 408 -11.72 -32.94 8.71
CA GLU D 408 -10.74 -32.48 7.74
C GLU D 408 -9.77 -31.40 8.20
N GLN D 409 -8.49 -31.76 8.24
CA GLN D 409 -7.45 -30.83 8.66
C GLN D 409 -7.28 -29.69 7.66
N TYR D 410 -7.26 -30.02 6.37
CA TYR D 410 -7.07 -29.00 5.35
C TYR D 410 -8.34 -28.40 4.74
N SER D 411 -9.35 -28.21 5.57
CA SER D 411 -10.59 -27.60 5.14
C SER D 411 -11.28 -26.88 6.30
N GLY D 412 -11.15 -27.44 7.51
CA GLY D 412 -11.73 -26.79 8.66
C GLY D 412 -13.19 -27.12 8.91
N GLY D 413 -13.99 -27.09 7.86
CA GLY D 413 -15.43 -27.36 7.99
C GLY D 413 -16.02 -27.17 6.61
N CYS D 414 -17.34 -26.99 6.43
CA CYS D 414 -17.73 -26.86 5.04
C CYS D 414 -18.44 -25.69 4.35
N TYR D 415 -19.64 -25.28 4.71
CA TYR D 415 -20.12 -24.12 3.95
C TYR D 415 -19.27 -22.93 4.37
N THR D 416 -18.10 -22.75 3.75
CA THR D 416 -17.21 -21.64 4.09
C THR D 416 -17.08 -21.27 5.55
N ALA D 417 -16.47 -20.11 5.74
CA ALA D 417 -16.26 -19.55 7.05
C ALA D 417 -17.38 -18.58 7.30
N TYR D 418 -17.60 -18.30 8.57
CA TYR D 418 -18.64 -17.35 8.94
C TYR D 418 -18.02 -16.24 9.76
N PHE D 419 -18.57 -15.05 9.62
CA PHE D 419 -18.08 -13.93 10.39
C PHE D 419 -18.86 -13.81 11.68
N PRO D 420 -18.16 -13.81 12.82
CA PRO D 420 -18.85 -13.69 14.10
C PRO D 420 -19.18 -12.21 14.36
N PRO D 421 -19.87 -11.95 15.47
CA PRO D 421 -20.24 -10.57 15.81
C PRO D 421 -19.01 -9.67 15.94
N GLY D 422 -19.14 -8.45 15.45
CA GLY D 422 -18.07 -7.47 15.56
C GLY D 422 -16.88 -7.56 14.63
N ILE D 423 -16.66 -8.73 14.04
CA ILE D 423 -15.52 -8.89 13.15
C ILE D 423 -15.65 -8.23 11.77
N MET D 424 -16.76 -8.44 11.09
CA MET D 424 -16.92 -7.84 9.77
C MET D 424 -16.55 -6.35 9.77
N THR D 425 -17.10 -5.59 10.70
CA THR D 425 -16.83 -4.15 10.75
C THR D 425 -15.50 -3.71 11.35
N GLN D 426 -14.59 -4.65 11.61
CA GLN D 426 -13.30 -4.27 12.16
C GLN D 426 -12.12 -4.73 11.33
N TYR D 427 -12.10 -6.01 10.98
CA TYR D 427 -11.02 -6.56 10.21
C TYR D 427 -11.49 -7.11 8.88
N GLY D 428 -12.78 -6.98 8.63
CA GLY D 428 -13.32 -7.52 7.40
C GLY D 428 -12.80 -6.91 6.11
N ARG D 429 -12.61 -5.60 6.11
CA ARG D 429 -12.16 -4.88 4.92
C ARG D 429 -10.94 -5.49 4.23
N VAL D 430 -10.39 -6.56 4.79
CA VAL D 430 -9.19 -7.17 4.22
C VAL D 430 -9.29 -8.49 3.42
N ILE D 431 -10.24 -9.36 3.75
CA ILE D 431 -10.36 -10.64 3.04
C ILE D 431 -9.72 -10.79 1.65
N ARG D 432 -9.95 -9.83 0.74
CA ARG D 432 -9.39 -9.93 -0.62
C ARG D 432 -8.10 -9.14 -0.86
N GLN D 433 -7.83 -8.17 0.03
CA GLN D 433 -6.64 -7.32 -0.08
C GLN D 433 -5.31 -8.08 -0.02
N PRO D 434 -4.42 -7.83 -1.01
CA PRO D 434 -3.10 -8.46 -1.11
C PRO D 434 -2.14 -7.99 -0.03
N VAL D 435 -1.26 -8.89 0.36
CA VAL D 435 -0.24 -8.58 1.36
C VAL D 435 1.08 -8.71 0.64
N GLY D 436 1.43 -7.67 -0.12
CA GLY D 436 2.67 -7.64 -0.88
C GLY D 436 2.99 -8.90 -1.67
N ARG D 437 2.77 -8.86 -2.97
CA ARG D 437 3.04 -10.02 -3.82
C ARG D 437 2.31 -11.32 -3.46
N ILE D 438 1.55 -11.31 -2.35
CA ILE D 438 0.77 -12.48 -2.00
C ILE D 438 -0.67 -12.04 -2.20
N TYR D 439 -1.35 -12.63 -3.17
CA TYR D 439 -2.76 -12.30 -3.45
C TYR D 439 -3.68 -13.36 -2.88
N PHE D 440 -4.92 -13.01 -2.62
CA PHE D 440 -5.79 -14.02 -2.05
C PHE D 440 -6.97 -14.49 -2.89
N ALA D 441 -7.13 -15.81 -2.97
CA ALA D 441 -8.23 -16.43 -3.71
C ALA D 441 -9.13 -17.14 -2.72
N GLY D 442 -9.78 -18.22 -3.14
CA GLY D 442 -10.67 -18.93 -2.24
C GLY D 442 -12.06 -18.33 -2.29
N THR D 443 -13.08 -19.18 -2.31
CA THR D 443 -14.45 -18.70 -2.40
C THR D 443 -14.79 -17.70 -1.31
N GLU D 444 -14.12 -17.81 -0.17
CA GLU D 444 -14.40 -16.90 0.94
C GLU D 444 -14.18 -15.44 0.54
N THR D 445 -13.49 -15.23 -0.57
CA THR D 445 -13.19 -13.88 -1.03
C THR D 445 -14.03 -13.49 -2.24
N ALA D 446 -14.95 -14.36 -2.61
CA ALA D 446 -15.79 -14.06 -3.76
C ALA D 446 -16.72 -12.90 -3.40
N THR D 447 -17.57 -12.52 -4.35
CA THR D 447 -18.53 -11.43 -4.19
C THR D 447 -19.93 -11.94 -4.53
N GLN D 448 -19.98 -12.95 -5.39
CA GLN D 448 -21.23 -13.54 -5.79
C GLN D 448 -21.09 -15.01 -5.48
N TRP D 449 -21.99 -15.54 -4.65
CA TRP D 449 -21.93 -16.95 -4.29
C TRP D 449 -20.69 -17.33 -3.51
N SER D 450 -20.26 -16.45 -2.62
CA SER D 450 -19.10 -16.76 -1.80
C SER D 450 -19.54 -17.95 -0.99
N GLY D 451 -18.67 -18.92 -0.79
CA GLY D 451 -19.05 -20.09 -0.04
C GLY D 451 -19.45 -21.22 -0.94
N TYR D 452 -19.89 -20.87 -2.14
CA TYR D 452 -20.29 -21.87 -3.11
C TYR D 452 -19.15 -22.12 -4.09
N MET D 453 -19.29 -23.12 -4.94
CA MET D 453 -18.29 -23.44 -5.94
C MET D 453 -18.13 -22.28 -6.91
N GLU D 454 -19.24 -21.73 -7.39
CA GLU D 454 -19.15 -20.60 -8.32
C GLU D 454 -18.33 -19.50 -7.66
N GLY D 455 -18.55 -19.33 -6.35
CA GLY D 455 -17.82 -18.34 -5.59
C GLY D 455 -16.33 -18.58 -5.68
N ALA D 456 -15.93 -19.83 -5.59
CA ALA D 456 -14.52 -20.13 -5.69
C ALA D 456 -13.95 -19.61 -7.01
N VAL D 457 -14.64 -19.91 -8.10
CA VAL D 457 -14.17 -19.49 -9.40
C VAL D 457 -14.02 -17.98 -9.48
N GLU D 458 -15.03 -17.22 -9.04
CA GLU D 458 -14.90 -15.78 -9.12
C GLU D 458 -13.51 -15.38 -8.67
N ALA D 459 -13.16 -15.78 -7.45
CA ALA D 459 -11.86 -15.47 -6.85
C ALA D 459 -10.69 -16.04 -7.61
N GLY D 460 -10.65 -17.36 -7.73
CA GLY D 460 -9.55 -17.99 -8.44
C GLY D 460 -9.09 -17.16 -9.64
N GLU D 461 -10.07 -16.70 -10.41
CA GLU D 461 -9.78 -15.92 -11.60
C GLU D 461 -9.42 -14.51 -11.22
N ARG D 462 -10.23 -13.88 -10.39
CA ARG D 462 -9.99 -12.52 -9.93
C ARG D 462 -8.54 -12.43 -9.48
N ALA D 463 -8.17 -13.27 -8.53
CA ALA D 463 -6.81 -13.26 -8.04
C ALA D 463 -5.83 -13.42 -9.19
N ALA D 464 -6.08 -14.40 -10.04
CA ALA D 464 -5.22 -14.65 -11.17
C ALA D 464 -4.96 -13.35 -11.94
N ARG D 465 -6.03 -12.74 -12.43
CA ARG D 465 -5.91 -11.50 -13.19
C ARG D 465 -5.10 -10.43 -12.43
N GLU D 466 -5.29 -10.35 -11.12
CA GLU D 466 -4.57 -9.36 -10.32
C GLU D 466 -3.06 -9.56 -10.53
N VAL D 467 -2.63 -10.80 -10.45
CA VAL D 467 -1.23 -11.14 -10.63
C VAL D 467 -0.77 -10.86 -12.07
N LEU D 468 -1.64 -11.13 -13.02
CA LEU D 468 -1.33 -10.88 -14.41
C LEU D 468 -1.12 -9.38 -14.59
N ASN D 469 -2.03 -8.60 -14.03
CA ASN D 469 -1.92 -7.16 -14.11
C ASN D 469 -0.59 -6.70 -13.51
N ALA D 470 -0.16 -7.40 -12.46
CA ALA D 470 1.10 -7.10 -11.79
C ALA D 470 2.27 -7.46 -12.69
N LEU D 471 1.97 -8.20 -13.75
CA LEU D 471 2.98 -8.62 -14.71
C LEU D 471 2.84 -7.83 -16.02
N GLY D 472 1.86 -6.92 -16.05
CA GLY D 472 1.63 -6.10 -17.22
C GLY D 472 0.83 -6.73 -18.34
N LYS D 473 0.41 -7.98 -18.11
CA LYS D 473 -0.35 -8.72 -19.10
C LYS D 473 -1.84 -8.37 -19.08
N VAL D 474 -2.30 -7.74 -18.01
CA VAL D 474 -3.72 -7.37 -17.91
C VAL D 474 -3.95 -5.99 -17.33
N ALA D 475 -4.87 -5.25 -17.94
CA ALA D 475 -5.19 -3.91 -17.48
C ALA D 475 -5.86 -3.91 -16.13
N LYS D 476 -5.70 -2.81 -15.42
CA LYS D 476 -6.27 -2.64 -14.08
C LYS D 476 -7.79 -2.75 -14.18
N LYS D 477 -8.33 -2.54 -15.38
CA LYS D 477 -9.77 -2.62 -15.61
C LYS D 477 -10.26 -4.04 -15.83
N ASP D 478 -9.74 -4.68 -16.87
CA ASP D 478 -10.11 -6.03 -17.24
C ASP D 478 -9.68 -7.06 -16.19
N ILE D 479 -9.65 -6.63 -14.93
CA ILE D 479 -9.25 -7.52 -13.85
C ILE D 479 -10.48 -8.15 -13.20
N TRP D 480 -11.56 -7.38 -13.11
CA TRP D 480 -12.82 -7.86 -12.57
C TRP D 480 -13.74 -8.01 -13.78
N VAL D 481 -13.91 -9.25 -14.23
CA VAL D 481 -14.73 -9.53 -15.42
C VAL D 481 -16.14 -10.07 -15.17
N GLU D 482 -17.13 -9.43 -15.79
CA GLU D 482 -18.52 -9.85 -15.67
C GLU D 482 -18.67 -11.14 -16.47
N GLU D 483 -19.49 -12.06 -15.95
CA GLU D 483 -19.70 -13.34 -16.62
C GLU D 483 -20.96 -13.35 -17.50
N PRO D 484 -20.85 -13.94 -18.69
CA PRO D 484 -21.97 -14.03 -19.63
C PRO D 484 -23.00 -15.05 -19.12
N GLU D 485 -24.25 -14.63 -19.03
CA GLU D 485 -25.32 -15.51 -18.54
C GLU D 485 -25.37 -16.83 -19.30
N SER D 486 -25.22 -17.94 -18.59
CA SER D 486 -25.26 -19.26 -19.21
C SER D 486 -26.59 -19.49 -19.93
N LYS D 487 -26.51 -19.73 -21.23
CA LYS D 487 -27.69 -19.95 -22.04
C LYS D 487 -28.31 -21.33 -21.80
N ASP D 488 -27.56 -22.20 -21.11
CA ASP D 488 -28.05 -23.54 -20.81
C ASP D 488 -28.84 -23.55 -19.50
N VAL D 489 -28.54 -22.63 -18.60
CA VAL D 489 -29.26 -22.52 -17.34
C VAL D 489 -29.63 -21.06 -17.18
N PRO D 490 -30.73 -20.64 -17.82
CA PRO D 490 -31.24 -19.27 -17.79
C PRO D 490 -31.56 -18.74 -16.38
N ALA D 491 -31.25 -17.47 -16.18
CA ALA D 491 -31.48 -16.82 -14.89
C ALA D 491 -32.90 -16.28 -14.82
N ILE D 492 -33.87 -17.17 -14.61
CA ILE D 492 -35.26 -16.77 -14.52
C ILE D 492 -35.44 -15.81 -13.34
N GLU D 493 -35.99 -14.62 -13.62
CA GLU D 493 -36.21 -13.62 -12.58
C GLU D 493 -37.03 -14.14 -11.40
N ILE D 494 -37.03 -13.40 -10.30
CA ILE D 494 -37.76 -13.79 -9.09
C ILE D 494 -39.11 -13.09 -8.93
N THR D 495 -40.18 -13.89 -9.00
CA THR D 495 -41.54 -13.38 -8.87
C THR D 495 -41.88 -13.01 -7.43
N HIS D 496 -42.12 -11.73 -7.18
CA HIS D 496 -42.47 -11.26 -5.83
C HIS D 496 -43.93 -10.79 -5.75
N THR D 497 -44.81 -11.70 -5.33
CA THR D 497 -46.25 -11.46 -5.19
C THR D 497 -46.64 -10.11 -4.58
N PHE D 498 -47.76 -9.59 -5.06
CA PHE D 498 -48.29 -8.31 -4.58
C PHE D 498 -48.59 -8.42 -3.09
N LEU D 499 -49.15 -9.56 -2.70
CA LEU D 499 -49.48 -9.81 -1.31
C LEU D 499 -48.25 -9.73 -0.42
N GLU D 500 -47.26 -10.54 -0.76
CA GLU D 500 -46.00 -10.61 -0.03
C GLU D 500 -45.41 -9.21 0.11
N ARG D 501 -45.37 -8.50 -1.01
CA ARG D 501 -44.83 -7.14 -1.03
C ARG D 501 -45.52 -6.20 -0.05
N ASN D 502 -46.80 -6.42 0.24
CA ASN D 502 -47.54 -5.51 1.14
C ASN D 502 -48.14 -6.04 2.45
N LEU D 503 -48.43 -7.32 2.56
CA LEU D 503 -49.03 -7.82 3.79
C LEU D 503 -48.29 -7.29 5.01
N PRO D 504 -49.03 -6.73 5.97
CA PRO D 504 -48.47 -6.17 7.21
C PRO D 504 -47.68 -7.16 8.04
N SER D 505 -46.84 -6.61 8.92
CA SER D 505 -46.02 -7.42 9.81
C SER D 505 -46.89 -7.58 11.04
N VAL D 506 -46.56 -8.55 11.90
CA VAL D 506 -47.34 -8.73 13.11
C VAL D 506 -47.53 -7.40 13.81
N PRO D 507 -46.44 -6.61 13.94
CA PRO D 507 -46.60 -5.32 14.60
C PRO D 507 -47.45 -4.43 13.70
N GLY D 508 -47.19 -4.49 12.39
CA GLY D 508 -47.93 -3.70 11.44
C GLY D 508 -49.43 -3.90 11.53
N LEU D 509 -49.86 -5.15 11.74
CA LEU D 509 -51.27 -5.44 11.87
C LEU D 509 -51.86 -4.79 13.11
N LEU D 510 -51.09 -4.75 14.19
CA LEU D 510 -51.55 -4.16 15.44
C LEU D 510 -51.52 -2.63 15.39
N LYS D 511 -50.74 -2.08 14.47
CA LYS D 511 -50.67 -0.63 14.33
C LYS D 511 -51.79 -0.17 13.42
N ILE D 512 -52.34 -1.11 12.64
CA ILE D 512 -53.45 -0.83 11.75
C ILE D 512 -54.69 -0.94 12.61
N THR D 513 -54.77 -2.01 13.40
CA THR D 513 -55.90 -2.23 14.30
C THR D 513 -56.04 -0.95 15.12
N GLY D 514 -54.97 -0.17 15.16
CA GLY D 514 -54.99 1.10 15.88
C GLY D 514 -54.80 1.03 17.38
N VAL D 515 -54.62 -0.17 17.94
CA VAL D 515 -54.44 -0.32 19.37
C VAL D 515 -53.28 -1.23 19.78
N SER D 516 -52.41 -0.69 20.63
CA SER D 516 -51.26 -1.40 21.17
C SER D 516 -50.72 -0.59 22.36
N THR D 517 -51.34 0.58 22.58
CA THR D 517 -50.96 1.47 23.67
C THR D 517 -51.52 0.92 24.98
N SER D 518 -52.66 0.23 24.89
CA SER D 518 -53.32 -0.33 26.05
C SER D 518 -53.54 -1.85 25.99
N VAL D 519 -52.45 -2.60 25.83
CA VAL D 519 -52.53 -4.06 25.77
C VAL D 519 -51.31 -4.66 26.45
N ALA D 520 -51.01 -4.19 27.66
CA ALA D 520 -49.89 -4.68 28.43
C ALA D 520 -50.36 -5.77 29.39
N LEU D 521 -51.42 -5.48 30.12
CA LEU D 521 -52.00 -6.42 31.09
C LEU D 521 -53.18 -7.19 30.49
N LEU D 522 -52.98 -7.70 29.28
CA LEU D 522 -54.00 -8.47 28.56
C LEU D 522 -53.36 -9.62 27.77
N CYS D 523 -53.79 -10.85 28.05
CA CYS D 523 -53.27 -12.04 27.38
C CYS D 523 -53.52 -11.98 25.87
#